data_2MOB
#
_entry.id   2MOB
#
_cell.length_a   1.000
_cell.length_b   1.000
_cell.length_c   1.000
_cell.angle_alpha   90.00
_cell.angle_beta   90.00
_cell.angle_gamma   90.00
#
_symmetry.space_group_name_H-M   'P 1'
#
_entity_poly.entity_id   1
_entity_poly.type   'polypeptide(L)'
_entity_poly.pdbx_seq_one_letter_code
;MSSAHNAYNAGIMQKTGKAFADEFFAEENQVVHESNAVVLVLMKSDEIDAIIEDIVLKGGKAKNPSIVVEDKAGFWWIKA
DGAIEIDAAEAGELLGKPFSVYDLLINVSSTVGRAYTLGTKFTITSELMGLDRALTDI
;
_entity_poly.pdbx_strand_id   A
#
# COMPACT_ATOMS: atom_id res chain seq x y z
N SER A 35 6.39 -16.93 -3.02
CA SER A 35 6.89 -17.01 -4.42
C SER A 35 6.68 -15.66 -5.13
N ASN A 36 7.56 -14.72 -4.90
CA ASN A 36 7.43 -13.38 -5.55
C ASN A 36 6.21 -12.63 -5.00
N ALA A 37 5.05 -13.23 -5.09
CA ALA A 37 3.80 -12.58 -4.61
C ALA A 37 4.07 -11.64 -3.43
N VAL A 38 3.53 -10.45 -3.48
CA VAL A 38 3.72 -9.47 -2.36
C VAL A 38 2.43 -8.69 -2.13
N VAL A 39 2.17 -8.26 -0.93
CA VAL A 39 0.92 -7.50 -0.68
C VAL A 39 1.19 -6.17 0.02
N LEU A 40 0.35 -5.20 -0.22
CA LEU A 40 0.50 -3.90 0.46
C LEU A 40 -0.70 -3.75 1.38
N VAL A 41 -0.49 -3.38 2.60
CA VAL A 41 -1.64 -3.30 3.54
C VAL A 41 -1.71 -1.93 4.23
N LEU A 42 -2.83 -1.26 4.13
CA LEU A 42 -2.95 0.05 4.79
C LEU A 42 -4.08 0.04 5.83
N MET A 43 -4.38 1.17 6.41
CA MET A 43 -5.47 1.22 7.43
C MET A 43 -6.60 2.14 6.96
N LYS A 44 -6.68 2.37 5.69
CA LYS A 44 -7.75 3.27 5.14
C LYS A 44 -9.01 2.46 4.81
N SER A 45 -9.14 2.02 3.57
CA SER A 45 -10.33 1.22 3.10
C SER A 45 -11.43 2.15 2.59
N ASP A 46 -12.50 1.60 2.12
CA ASP A 46 -13.60 2.45 1.58
C ASP A 46 -13.10 3.23 0.37
N GLU A 47 -12.53 4.38 0.60
CA GLU A 47 -12.01 5.22 -0.52
C GLU A 47 -11.09 4.42 -1.43
N ILE A 48 -10.48 3.39 -0.94
CA ILE A 48 -9.53 2.64 -1.81
C ILE A 48 -10.28 1.81 -2.85
N ASP A 49 -11.06 0.86 -2.44
CA ASP A 49 -11.82 0.04 -3.44
C ASP A 49 -12.26 0.95 -4.58
N ALA A 50 -12.55 2.19 -4.27
CA ALA A 50 -12.95 3.15 -5.32
C ALA A 50 -11.71 3.60 -6.09
N ILE A 51 -10.71 4.11 -5.44
CA ILE A 51 -9.51 4.51 -6.17
C ILE A 51 -8.77 3.26 -6.64
N ILE A 52 -8.52 2.28 -5.81
CA ILE A 52 -7.84 1.07 -6.34
C ILE A 52 -8.50 0.66 -7.65
N GLU A 53 -9.79 0.73 -7.68
CA GLU A 53 -10.50 0.37 -8.91
C GLU A 53 -10.15 1.35 -10.04
N ASP A 54 -10.43 2.61 -9.86
CA ASP A 54 -10.13 3.60 -10.94
C ASP A 54 -8.64 3.96 -10.96
N ILE A 55 -7.94 3.59 -9.94
CA ILE A 55 -6.49 3.92 -9.85
C ILE A 55 -5.61 2.68 -10.08
N VAL A 56 -6.07 1.55 -9.63
CA VAL A 56 -5.26 0.31 -9.75
C VAL A 56 -5.91 -0.75 -10.64
N LEU A 57 -7.21 -0.89 -10.58
CA LEU A 57 -7.88 -1.93 -11.42
C LEU A 57 -7.19 -2.02 -12.78
N LYS A 58 -7.13 -0.91 -13.43
CA LYS A 58 -6.48 -0.84 -14.77
C LYS A 58 -4.95 -0.77 -14.58
N GLY A 59 -4.50 0.12 -13.73
CA GLY A 59 -3.04 0.26 -13.50
C GLY A 59 -2.45 -1.12 -13.19
N GLY A 60 -3.08 -1.86 -12.32
CA GLY A 60 -2.56 -3.22 -11.98
C GLY A 60 -2.94 -4.22 -13.08
N LYS A 61 -3.48 -3.74 -14.17
CA LYS A 61 -3.88 -4.67 -15.28
C LYS A 61 -2.92 -4.53 -16.47
N ALA A 62 -2.05 -3.56 -16.44
CA ALA A 62 -1.12 -3.38 -17.58
C ALA A 62 0.13 -4.22 -17.36
N LYS A 63 1.05 -3.73 -16.60
CA LYS A 63 2.29 -4.52 -16.31
C LYS A 63 1.96 -5.54 -15.24
N ASN A 64 1.05 -5.18 -14.40
CA ASN A 64 0.63 -6.07 -13.29
C ASN A 64 -0.25 -7.21 -13.83
N PRO A 65 0.14 -8.40 -13.50
CA PRO A 65 -0.58 -9.63 -13.93
C PRO A 65 -2.01 -9.63 -13.36
N SER A 66 -2.16 -9.38 -12.08
CA SER A 66 -3.51 -9.37 -11.47
C SER A 66 -3.38 -9.05 -10.00
N ILE A 67 -3.86 -7.91 -9.67
CA ILE A 67 -3.77 -7.39 -8.31
C ILE A 67 -5.11 -7.50 -7.58
N VAL A 68 -5.09 -7.96 -6.37
CA VAL A 68 -6.37 -8.06 -5.60
C VAL A 68 -6.58 -6.77 -4.79
N VAL A 69 -7.78 -6.53 -4.34
CA VAL A 69 -8.02 -5.28 -3.55
C VAL A 69 -8.89 -5.60 -2.32
N GLU A 70 -8.31 -5.60 -1.16
CA GLU A 70 -9.10 -5.90 0.06
C GLU A 70 -9.42 -4.61 0.83
N ASP A 71 -10.58 -4.55 1.44
CA ASP A 71 -10.95 -3.33 2.21
C ASP A 71 -11.59 -3.76 3.54
N LYS A 72 -11.02 -3.39 4.65
CA LYS A 72 -11.61 -3.81 5.94
C LYS A 72 -11.89 -2.61 6.86
N ALA A 73 -13.02 -1.97 6.66
CA ALA A 73 -13.42 -0.78 7.50
C ALA A 73 -12.22 -0.17 8.23
N GLY A 74 -11.37 0.52 7.52
CA GLY A 74 -10.19 1.14 8.18
C GLY A 74 -8.94 0.32 7.87
N PHE A 75 -9.06 -0.58 6.96
CA PHE A 75 -7.89 -1.43 6.57
C PHE A 75 -7.83 -1.61 5.05
N TRP A 76 -6.97 -0.87 4.41
CA TRP A 76 -6.83 -0.98 2.92
C TRP A 76 -5.79 -2.05 2.60
N TRP A 77 -6.20 -3.29 2.49
CA TRP A 77 -5.22 -4.36 2.18
C TRP A 77 -5.24 -4.69 0.68
N ILE A 78 -4.18 -4.36 -0.01
CA ILE A 78 -4.12 -4.65 -1.47
C ILE A 78 -3.02 -5.67 -1.72
N LYS A 79 -3.16 -6.51 -2.70
CA LYS A 79 -2.11 -7.53 -2.97
C LYS A 79 -1.74 -7.51 -4.46
N ALA A 80 -0.47 -7.35 -4.76
CA ALA A 80 -0.04 -7.32 -6.18
C ALA A 80 1.06 -8.36 -6.41
N ASP A 81 1.47 -8.55 -7.63
CA ASP A 81 2.55 -9.54 -7.91
C ASP A 81 3.72 -8.86 -8.60
N GLY A 82 4.22 -7.80 -8.03
CA GLY A 82 5.36 -7.08 -8.63
C GLY A 82 5.88 -6.05 -7.64
N ALA A 83 5.61 -4.79 -7.88
CA ALA A 83 6.10 -3.73 -6.96
C ALA A 83 4.96 -2.75 -6.63
N ILE A 84 4.56 -2.70 -5.39
CA ILE A 84 3.45 -1.76 -5.01
C ILE A 84 4.02 -0.55 -4.25
N GLU A 85 3.42 0.59 -4.39
CA GLU A 85 3.92 1.79 -3.70
C GLU A 85 3.07 2.14 -2.47
N ILE A 86 3.61 2.89 -1.55
CA ILE A 86 2.86 3.27 -0.34
C ILE A 86 3.53 4.47 0.35
N ASP A 87 2.76 5.31 1.01
CA ASP A 87 3.37 6.49 1.70
C ASP A 87 2.81 6.66 3.10
N ALA A 88 3.22 7.72 3.76
CA ALA A 88 2.68 7.98 5.12
C ALA A 88 2.38 9.49 5.30
N ALA A 89 2.79 10.32 4.38
CA ALA A 89 2.51 11.77 4.50
C ALA A 89 1.07 12.00 4.97
N GLU A 90 0.13 11.35 4.34
CA GLU A 90 -1.28 11.50 4.72
C GLU A 90 -1.44 11.34 6.24
N ALA A 91 -0.85 10.33 6.78
CA ALA A 91 -0.96 10.13 8.26
C ALA A 91 -0.44 11.37 8.99
N GLY A 92 0.44 12.11 8.38
CA GLY A 92 0.98 13.34 9.04
C GLY A 92 -0.09 14.42 9.02
N GLU A 93 -0.67 14.66 7.90
CA GLU A 93 -1.74 15.69 7.82
C GLU A 93 -2.84 15.29 8.81
N LEU A 94 -2.85 14.03 9.19
CA LEU A 94 -3.87 13.54 10.16
C LEU A 94 -3.41 13.87 11.60
N LEU A 95 -2.37 13.24 12.06
CA LEU A 95 -1.86 13.55 13.44
C LEU A 95 -0.65 14.48 13.32
N GLY A 96 0.08 14.37 12.25
CA GLY A 96 1.26 15.26 12.04
C GLY A 96 2.40 14.95 13.01
N LYS A 97 2.70 13.70 13.22
CA LYS A 97 3.84 13.35 14.15
C LYS A 97 4.69 12.18 13.54
N PRO A 98 4.90 11.05 14.22
CA PRO A 98 5.68 9.95 13.58
C PRO A 98 4.85 9.33 12.46
N PHE A 99 3.62 9.78 12.35
CA PHE A 99 2.69 9.29 11.31
C PHE A 99 3.42 8.73 10.10
N SER A 100 4.44 9.38 9.65
CA SER A 100 5.17 8.87 8.47
C SER A 100 5.46 7.40 8.71
N VAL A 101 6.05 7.14 9.81
CA VAL A 101 6.40 5.76 10.15
C VAL A 101 5.40 5.09 11.09
N TYR A 102 5.10 5.70 12.20
CA TYR A 102 4.11 5.07 13.13
C TYR A 102 2.92 4.57 12.29
N ASP A 103 2.66 5.25 11.20
CA ASP A 103 1.56 4.81 10.31
C ASP A 103 2.07 3.71 9.40
N LEU A 104 3.23 3.89 8.81
CA LEU A 104 3.74 2.81 7.94
C LEU A 104 3.91 1.53 8.77
N LEU A 105 4.41 1.64 9.96
CA LEU A 105 4.62 0.42 10.80
C LEU A 105 3.30 -0.29 11.08
N ILE A 106 2.29 0.45 11.46
CA ILE A 106 0.98 -0.19 11.78
C ILE A 106 0.27 -0.61 10.49
N ASN A 107 0.44 0.11 9.42
CA ASN A 107 -0.22 -0.27 8.16
C ASN A 107 0.68 -1.21 7.34
N VAL A 108 1.96 -0.95 7.29
CA VAL A 108 2.85 -1.85 6.51
C VAL A 108 2.93 -3.24 7.12
N SER A 109 2.21 -3.50 8.20
CA SER A 109 2.26 -4.86 8.83
C SER A 109 2.42 -5.94 7.77
N SER A 110 1.84 -5.75 6.62
CA SER A 110 2.02 -6.77 5.56
C SER A 110 3.28 -6.42 4.77
N THR A 111 4.30 -5.97 5.46
CA THR A 111 5.55 -5.57 4.74
C THR A 111 6.17 -6.74 3.97
N VAL A 112 5.67 -7.93 4.18
CA VAL A 112 6.21 -9.16 3.47
C VAL A 112 7.59 -8.89 2.83
N GLY A 113 7.60 -8.34 1.64
CA GLY A 113 8.89 -8.06 0.97
C GLY A 113 9.46 -6.73 1.46
N ARG A 114 9.57 -6.56 2.75
CA ARG A 114 10.15 -5.31 3.31
C ARG A 114 9.59 -4.06 2.59
N ALA A 115 9.99 -2.89 3.00
CA ALA A 115 9.47 -1.64 2.35
C ALA A 115 10.58 -0.59 2.24
N TYR A 116 11.08 -0.35 1.06
CA TYR A 116 12.15 0.68 0.90
C TYR A 116 11.56 2.06 1.15
N THR A 117 12.04 2.76 2.14
CA THR A 117 11.47 4.12 2.43
C THR A 117 12.12 5.19 1.55
N LEU A 118 11.44 6.29 1.38
CA LEU A 118 11.99 7.39 0.54
C LEU A 118 11.80 8.72 1.23
N GLY A 119 12.28 8.85 2.45
CA GLY A 119 12.15 10.14 3.18
C GLY A 119 10.69 10.46 3.45
N THR A 120 9.92 10.53 2.41
CA THR A 120 8.48 10.86 2.56
C THR A 120 7.59 9.69 2.14
N LYS A 121 8.08 8.81 1.32
CA LYS A 121 7.23 7.66 0.89
C LYS A 121 8.03 6.36 0.85
N PHE A 122 7.41 5.24 1.14
CA PHE A 122 8.16 3.95 1.07
C PHE A 122 7.56 3.07 -0.01
N THR A 123 8.04 1.88 -0.19
CA THR A 123 7.49 1.00 -1.23
C THR A 123 7.78 -0.47 -0.89
N ILE A 124 6.84 -1.34 -1.14
CA ILE A 124 7.06 -2.77 -0.83
C ILE A 124 7.17 -3.59 -2.12
N THR A 125 8.19 -4.40 -2.25
CA THR A 125 8.35 -5.21 -3.48
C THR A 125 8.96 -6.58 -3.14
N SER A 126 9.37 -7.32 -4.14
CA SER A 126 9.96 -8.66 -3.87
C SER A 126 11.39 -8.73 -4.42
N GLU A 127 11.54 -9.13 -5.65
CA GLU A 127 12.91 -9.23 -6.25
C GLU A 127 13.66 -7.91 -6.07
N LEU A 128 14.96 -7.95 -6.19
CA LEU A 128 15.78 -6.71 -6.03
C LEU A 128 15.14 -5.54 -6.77
N SER A 35 7.85 -14.00 -10.34
CA SER A 35 8.23 -12.97 -9.32
C SER A 35 7.67 -13.35 -7.94
N ASN A 36 8.17 -12.74 -6.89
CA ASN A 36 7.66 -13.09 -5.53
C ASN A 36 6.42 -12.23 -5.20
N ALA A 37 5.27 -12.86 -5.15
CA ALA A 37 4.03 -12.11 -4.83
C ALA A 37 4.30 -11.03 -3.78
N VAL A 38 3.62 -9.92 -3.86
CA VAL A 38 3.84 -8.84 -2.86
C VAL A 38 2.51 -8.26 -2.41
N VAL A 39 2.22 -8.32 -1.13
CA VAL A 39 0.93 -7.77 -0.65
C VAL A 39 1.15 -6.36 -0.09
N LEU A 40 0.28 -5.46 -0.44
CA LEU A 40 0.40 -4.09 0.10
C LEU A 40 -0.72 -3.93 1.12
N VAL A 41 -0.54 -3.16 2.15
CA VAL A 41 -1.62 -3.04 3.15
C VAL A 41 -1.59 -1.67 3.79
N LEU A 42 -2.68 -0.98 3.78
CA LEU A 42 -2.71 0.36 4.40
C LEU A 42 -3.99 0.49 5.24
N MET A 43 -4.19 1.61 5.89
CA MET A 43 -5.43 1.77 6.72
C MET A 43 -6.64 2.10 5.83
N LYS A 44 -7.80 2.24 6.43
CA LYS A 44 -9.03 2.54 5.65
C LYS A 44 -8.95 3.90 4.96
N SER A 45 -8.57 3.93 3.71
CA SER A 45 -8.52 5.22 2.97
C SER A 45 -9.94 5.68 2.62
N ASP A 46 -10.93 4.90 3.00
CA ASP A 46 -12.36 5.28 2.73
C ASP A 46 -12.75 5.09 1.25
N GLU A 47 -12.07 5.75 0.34
CA GLU A 47 -12.45 5.63 -1.10
C GLU A 47 -11.61 4.56 -1.81
N ILE A 48 -11.07 3.61 -1.10
CA ILE A 48 -10.24 2.59 -1.77
C ILE A 48 -11.05 1.76 -2.75
N ASP A 49 -11.92 0.94 -2.26
CA ASP A 49 -12.74 0.12 -3.19
C ASP A 49 -13.10 0.97 -4.43
N ALA A 50 -13.29 2.25 -4.22
CA ALA A 50 -13.59 3.16 -5.34
C ALA A 50 -12.31 3.47 -6.10
N ILE A 51 -11.29 3.95 -5.43
CA ILE A 51 -10.05 4.23 -6.13
C ILE A 51 -9.36 2.92 -6.49
N ILE A 52 -9.17 1.99 -5.58
CA ILE A 52 -8.54 0.70 -5.99
C ILE A 52 -9.22 0.22 -7.27
N GLU A 53 -10.50 0.39 -7.34
CA GLU A 53 -11.21 -0.03 -8.55
C GLU A 53 -10.76 0.78 -9.76
N ASP A 54 -10.95 2.08 -9.73
CA ASP A 54 -10.54 2.92 -10.90
C ASP A 54 -9.05 3.21 -10.87
N ILE A 55 -8.41 2.91 -9.78
CA ILE A 55 -6.96 3.18 -9.64
C ILE A 55 -6.16 1.89 -9.73
N VAL A 56 -6.73 0.82 -9.26
CA VAL A 56 -6.00 -0.46 -9.26
C VAL A 56 -6.69 -1.52 -10.13
N LEU A 57 -7.98 -1.69 -10.05
CA LEU A 57 -8.61 -2.74 -10.91
C LEU A 57 -8.31 -2.40 -12.37
N LYS A 58 -8.34 -1.15 -12.70
CA LYS A 58 -8.04 -0.72 -14.09
C LYS A 58 -6.61 -0.21 -14.14
N GLY A 59 -6.22 0.52 -13.14
CA GLY A 59 -4.83 1.07 -13.10
C GLY A 59 -3.82 -0.07 -12.92
N GLY A 60 -4.06 -0.95 -11.97
CA GLY A 60 -3.09 -2.08 -11.77
C GLY A 60 -3.38 -3.21 -12.78
N LYS A 61 -3.99 -2.89 -13.89
CA LYS A 61 -4.28 -3.95 -14.91
C LYS A 61 -3.36 -3.80 -16.13
N ALA A 62 -2.62 -2.73 -16.21
CA ALA A 62 -1.73 -2.52 -17.37
C ALA A 62 -0.32 -3.03 -17.06
N LYS A 63 0.48 -2.21 -16.43
CA LYS A 63 1.85 -2.66 -16.07
C LYS A 63 1.73 -3.70 -14.97
N ASN A 64 0.79 -3.48 -14.10
CA ASN A 64 0.55 -4.43 -12.98
C ASN A 64 0.01 -5.76 -13.52
N PRO A 65 0.71 -6.81 -13.22
CA PRO A 65 0.32 -8.16 -13.68
C PRO A 65 -1.03 -8.58 -13.08
N SER A 66 -1.22 -8.37 -11.80
CA SER A 66 -2.50 -8.73 -11.17
C SER A 66 -2.47 -8.40 -9.70
N ILE A 67 -3.24 -7.44 -9.36
CA ILE A 67 -3.29 -6.92 -8.00
C ILE A 67 -4.57 -7.35 -7.28
N VAL A 68 -4.45 -7.81 -6.07
CA VAL A 68 -5.66 -8.21 -5.30
C VAL A 68 -6.16 -7.01 -4.48
N VAL A 69 -7.44 -6.79 -4.43
CA VAL A 69 -7.97 -5.64 -3.65
C VAL A 69 -8.57 -6.11 -2.33
N GLU A 70 -7.76 -6.18 -1.31
CA GLU A 70 -8.27 -6.63 0.02
C GLU A 70 -8.95 -5.46 0.75
N ASP A 71 -9.84 -4.77 0.10
CA ASP A 71 -10.52 -3.62 0.77
C ASP A 71 -11.59 -4.13 1.73
N LYS A 72 -11.38 -4.02 3.02
CA LYS A 72 -12.40 -4.50 3.99
C LYS A 72 -12.71 -3.40 5.00
N ALA A 73 -13.94 -3.26 5.39
CA ALA A 73 -14.30 -2.21 6.38
C ALA A 73 -13.41 -2.35 7.62
N GLY A 74 -12.25 -1.75 7.60
CA GLY A 74 -11.34 -1.87 8.78
C GLY A 74 -9.92 -1.56 8.35
N PHE A 75 -9.49 -2.19 7.29
CA PHE A 75 -8.11 -1.96 6.79
C PHE A 75 -8.07 -1.98 5.27
N TRP A 76 -7.23 -1.17 4.69
CA TRP A 76 -7.13 -1.12 3.20
C TRP A 76 -6.01 -2.05 2.72
N TRP A 77 -6.28 -3.32 2.64
CA TRP A 77 -5.24 -4.27 2.18
C TRP A 77 -5.29 -4.36 0.65
N ILE A 78 -4.17 -4.18 0.00
CA ILE A 78 -4.14 -4.27 -1.49
C ILE A 78 -2.95 -5.17 -1.86
N LYS A 79 -3.10 -6.05 -2.81
CA LYS A 79 -1.96 -6.94 -3.16
C LYS A 79 -1.52 -6.72 -4.61
N ALA A 80 -0.24 -6.80 -4.86
CA ALA A 80 0.27 -6.61 -6.25
C ALA A 80 1.30 -7.69 -6.58
N ASP A 81 1.20 -8.28 -7.75
CA ASP A 81 2.17 -9.35 -8.12
C ASP A 81 3.41 -8.73 -8.75
N GLY A 82 4.00 -7.77 -8.09
CA GLY A 82 5.21 -7.12 -8.62
C GLY A 82 5.80 -6.20 -7.55
N ALA A 83 5.90 -4.93 -7.84
CA ALA A 83 6.46 -3.99 -6.84
C ALA A 83 5.36 -3.02 -6.40
N ILE A 84 5.55 -2.32 -5.32
CA ILE A 84 4.50 -1.36 -4.86
C ILE A 84 5.13 -0.16 -4.16
N GLU A 85 4.57 1.00 -4.34
CA GLU A 85 5.11 2.21 -3.69
C GLU A 85 4.06 2.86 -2.81
N ILE A 86 4.47 3.52 -1.77
CA ILE A 86 3.52 4.17 -0.85
C ILE A 86 4.26 5.23 -0.02
N ASP A 87 3.53 6.05 0.69
CA ASP A 87 4.20 7.09 1.52
C ASP A 87 3.51 7.24 2.86
N ALA A 88 3.92 8.22 3.62
CA ALA A 88 3.28 8.47 4.92
C ALA A 88 2.93 9.97 5.06
N ALA A 89 3.56 10.81 4.28
CA ALA A 89 3.27 12.27 4.35
C ALA A 89 1.77 12.52 4.51
N GLU A 90 0.96 11.85 3.75
CA GLU A 90 -0.51 12.04 3.88
C GLU A 90 -0.93 11.96 5.34
N ALA A 91 -0.57 10.89 5.99
CA ALA A 91 -0.91 10.75 7.43
C ALA A 91 -0.45 11.98 8.20
N GLY A 92 0.58 12.63 7.75
CA GLY A 92 1.07 13.85 8.47
C GLY A 92 0.06 14.97 8.26
N GLU A 93 -0.60 14.95 7.15
CA GLU A 93 -1.63 15.98 6.87
C GLU A 93 -2.81 15.70 7.80
N LEU A 94 -2.92 14.47 8.23
CA LEU A 94 -4.01 14.08 9.16
C LEU A 94 -3.65 14.53 10.58
N LEU A 95 -2.54 14.04 11.10
CA LEU A 95 -2.13 14.44 12.48
C LEU A 95 -0.89 15.34 12.44
N GLY A 96 -0.05 15.18 11.46
CA GLY A 96 1.18 16.03 11.37
C GLY A 96 2.15 15.69 12.50
N LYS A 97 2.33 14.43 12.78
CA LYS A 97 3.26 14.02 13.89
C LYS A 97 4.20 12.86 13.40
N PRO A 98 4.43 11.79 14.16
CA PRO A 98 5.30 10.69 13.65
C PRO A 98 4.56 9.95 12.55
N PHE A 99 3.32 10.33 12.33
CA PHE A 99 2.48 9.72 11.26
C PHE A 99 3.33 9.16 10.12
N SER A 100 4.33 9.89 9.73
CA SER A 100 5.15 9.42 8.60
C SER A 100 5.60 8.00 8.87
N VAL A 101 6.19 7.81 9.99
CA VAL A 101 6.70 6.48 10.33
C VAL A 101 5.82 5.72 11.30
N TYR A 102 5.38 6.32 12.37
CA TYR A 102 4.50 5.54 13.28
C TYR A 102 3.39 4.93 12.45
N ASP A 103 2.99 5.63 11.43
CA ASP A 103 1.93 5.09 10.55
C ASP A 103 2.54 4.08 9.60
N LEU A 104 3.61 4.40 8.92
CA LEU A 104 4.17 3.38 8.02
C LEU A 104 4.45 2.12 8.84
N LEU A 105 4.99 2.26 10.02
CA LEU A 105 5.27 1.05 10.87
C LEU A 105 3.98 0.27 11.15
N ILE A 106 2.86 0.92 11.21
CA ILE A 106 1.60 0.20 11.51
C ILE A 106 0.90 -0.26 10.22
N ASN A 107 0.88 0.56 9.20
CA ASN A 107 0.21 0.14 7.95
C ASN A 107 1.19 -0.55 7.00
N VAL A 108 2.48 -0.39 7.19
CA VAL A 108 3.41 -1.08 6.25
C VAL A 108 3.36 -2.59 6.46
N SER A 109 2.61 -3.04 7.43
CA SER A 109 2.51 -4.52 7.70
C SER A 109 2.57 -5.32 6.40
N SER A 110 2.15 -4.74 5.31
CA SER A 110 2.20 -5.46 4.01
C SER A 110 3.63 -5.69 3.57
N THR A 111 4.60 -5.43 4.39
CA THR A 111 5.99 -5.62 3.92
C THR A 111 6.43 -7.07 4.14
N VAL A 112 5.55 -8.01 3.92
CA VAL A 112 5.90 -9.44 4.13
C VAL A 112 7.12 -9.82 3.29
N GLY A 113 7.41 -9.09 2.25
CA GLY A 113 8.60 -9.43 1.42
C GLY A 113 9.72 -8.44 1.70
N ARG A 114 9.58 -7.23 1.25
CA ARG A 114 10.62 -6.21 1.48
C ARG A 114 9.98 -4.85 1.72
N ALA A 115 10.68 -3.94 2.35
CA ALA A 115 10.08 -2.61 2.61
C ALA A 115 11.16 -1.57 2.91
N TYR A 116 11.75 -1.00 1.90
CA TYR A 116 12.79 0.03 2.13
C TYR A 116 12.08 1.36 2.43
N THR A 117 12.29 1.90 3.60
CA THR A 117 11.63 3.19 3.94
C THR A 117 12.44 4.37 3.43
N LEU A 118 11.81 5.30 2.76
CA LEU A 118 12.55 6.48 2.23
C LEU A 118 12.34 7.69 3.12
N GLY A 119 12.29 7.50 4.41
CA GLY A 119 12.08 8.66 5.33
C GLY A 119 10.69 9.23 5.10
N THR A 120 10.43 9.65 3.90
CA THR A 120 9.10 10.22 3.57
C THR A 120 8.31 9.24 2.70
N LYS A 121 8.97 8.24 2.17
CA LYS A 121 8.24 7.26 1.30
C LYS A 121 8.45 5.82 1.78
N PHE A 122 7.64 4.93 1.28
CA PHE A 122 7.74 3.49 1.66
C PHE A 122 7.89 2.69 0.36
N THR A 123 8.64 1.61 0.36
CA THR A 123 8.81 0.87 -0.90
C THR A 123 8.89 -0.62 -0.62
N ILE A 124 7.88 -1.35 -1.02
CA ILE A 124 7.88 -2.81 -0.80
C ILE A 124 7.96 -3.50 -2.16
N THR A 125 8.48 -4.70 -2.22
CA THR A 125 8.59 -5.35 -3.57
C THR A 125 8.74 -6.86 -3.45
N SER A 126 8.90 -7.53 -4.57
CA SER A 126 9.06 -9.00 -4.55
C SER A 126 10.52 -9.39 -4.35
N GLU A 127 11.33 -9.26 -5.37
CA GLU A 127 12.77 -9.62 -5.24
C GLU A 127 13.60 -8.38 -4.90
N LEU A 128 14.90 -8.49 -5.00
CA LEU A 128 15.80 -7.35 -4.67
C LEU A 128 15.26 -6.05 -5.28
N SER A 35 4.52 -17.36 -7.50
CA SER A 35 5.81 -16.82 -6.96
C SER A 35 5.82 -15.29 -7.07
N ASN A 36 6.58 -14.63 -6.23
CA ASN A 36 6.66 -13.13 -6.25
C ASN A 36 5.42 -12.51 -5.60
N ALA A 37 4.40 -13.28 -5.36
CA ALA A 37 3.17 -12.73 -4.74
C ALA A 37 3.52 -11.73 -3.62
N VAL A 38 3.15 -10.49 -3.80
CA VAL A 38 3.45 -9.46 -2.75
C VAL A 38 2.16 -8.82 -2.27
N VAL A 39 2.10 -8.40 -1.04
CA VAL A 39 0.84 -7.76 -0.54
C VAL A 39 1.13 -6.42 0.10
N LEU A 40 0.29 -5.45 -0.15
CA LEU A 40 0.45 -4.13 0.48
C LEU A 40 -0.80 -3.90 1.33
N VAL A 41 -0.63 -3.54 2.58
CA VAL A 41 -1.83 -3.37 3.43
C VAL A 41 -1.80 -2.05 4.19
N LEU A 42 -2.96 -1.53 4.47
CA LEU A 42 -3.04 -0.28 5.24
C LEU A 42 -4.26 -0.34 6.18
N MET A 43 -4.47 0.65 7.01
CA MET A 43 -5.65 0.60 7.93
C MET A 43 -6.69 1.64 7.51
N LYS A 44 -6.85 1.84 6.24
CA LYS A 44 -7.84 2.85 5.74
C LYS A 44 -9.24 2.26 5.56
N SER A 45 -9.47 1.60 4.46
CA SER A 45 -10.82 1.01 4.19
C SER A 45 -11.84 2.13 3.96
N ASP A 46 -12.05 2.52 2.72
CA ASP A 46 -13.03 3.60 2.42
C ASP A 46 -12.92 4.00 0.95
N GLU A 47 -11.96 4.82 0.62
CA GLU A 47 -11.79 5.27 -0.79
C GLU A 47 -10.85 4.34 -1.55
N ILE A 48 -10.17 3.47 -0.87
CA ILE A 48 -9.23 2.57 -1.55
C ILE A 48 -9.92 1.71 -2.57
N ASP A 49 -10.79 0.85 -2.16
CA ASP A 49 -11.50 0.00 -3.17
C ASP A 49 -11.86 0.88 -4.38
N ALA A 50 -12.22 2.11 -4.13
CA ALA A 50 -12.56 3.03 -5.25
C ALA A 50 -11.29 3.51 -5.93
N ILE A 51 -10.34 4.04 -5.21
CA ILE A 51 -9.13 4.49 -5.86
C ILE A 51 -8.35 3.27 -6.32
N ILE A 52 -8.10 2.29 -5.47
CA ILE A 52 -7.38 1.08 -5.96
C ILE A 52 -7.94 0.69 -7.32
N GLU A 53 -9.23 0.81 -7.45
CA GLU A 53 -9.86 0.47 -8.74
C GLU A 53 -9.42 1.44 -9.83
N ASP A 54 -9.76 2.70 -9.69
CA ASP A 54 -9.37 3.69 -10.74
C ASP A 54 -7.90 4.09 -10.60
N ILE A 55 -7.29 3.69 -9.53
CA ILE A 55 -5.86 4.04 -9.29
C ILE A 55 -4.98 2.82 -9.51
N VAL A 56 -5.48 1.67 -9.16
CA VAL A 56 -4.66 0.44 -9.28
C VAL A 56 -5.26 -0.56 -10.28
N LEU A 57 -6.54 -0.84 -10.23
CA LEU A 57 -7.10 -1.82 -11.20
C LEU A 57 -6.80 -1.36 -12.63
N LYS A 58 -6.88 -0.08 -12.87
CA LYS A 58 -6.59 0.43 -14.24
C LYS A 58 -5.12 0.86 -14.33
N GLY A 59 -4.66 1.64 -13.39
CA GLY A 59 -3.24 2.11 -13.41
C GLY A 59 -2.32 1.02 -12.86
N GLY A 60 -2.73 0.38 -11.79
CA GLY A 60 -1.87 -0.69 -11.20
C GLY A 60 -1.84 -1.90 -12.14
N LYS A 61 -2.99 -2.42 -12.50
CA LYS A 61 -3.06 -3.60 -13.42
C LYS A 61 -2.58 -3.28 -14.84
N ALA A 62 -1.95 -2.15 -15.06
CA ALA A 62 -1.46 -1.83 -16.42
C ALA A 62 -0.67 -3.03 -16.93
N LYS A 63 0.42 -3.31 -16.28
CA LYS A 63 1.25 -4.49 -16.64
C LYS A 63 0.86 -5.62 -15.70
N ASN A 64 0.30 -5.25 -14.59
CA ASN A 64 -0.14 -6.23 -13.56
C ASN A 64 -1.34 -7.02 -14.07
N PRO A 65 -1.22 -8.32 -13.98
CA PRO A 65 -2.29 -9.25 -14.44
C PRO A 65 -3.57 -9.07 -13.63
N SER A 66 -3.47 -8.96 -12.33
CA SER A 66 -4.69 -8.80 -11.50
C SER A 66 -4.29 -8.70 -10.05
N ILE A 67 -4.49 -7.56 -9.52
CA ILE A 67 -4.12 -7.25 -8.15
C ILE A 67 -5.32 -7.37 -7.20
N VAL A 68 -5.10 -7.88 -6.03
CA VAL A 68 -6.21 -8.02 -5.05
C VAL A 68 -6.43 -6.70 -4.31
N VAL A 69 -7.66 -6.30 -4.13
CA VAL A 69 -7.92 -5.05 -3.40
C VAL A 69 -8.77 -5.35 -2.17
N GLU A 70 -8.16 -5.80 -1.11
CA GLU A 70 -8.93 -6.14 0.12
C GLU A 70 -9.28 -4.86 0.88
N ASP A 71 -10.46 -4.81 1.43
CA ASP A 71 -10.87 -3.60 2.21
C ASP A 71 -11.77 -4.01 3.37
N LYS A 72 -11.45 -3.59 4.57
CA LYS A 72 -12.30 -3.99 5.73
C LYS A 72 -12.14 -3.03 6.90
N ALA A 73 -12.79 -3.31 8.00
CA ALA A 73 -12.71 -2.43 9.22
C ALA A 73 -11.41 -1.64 9.25
N GLY A 74 -11.42 -0.42 8.76
CA GLY A 74 -10.19 0.41 8.76
C GLY A 74 -8.99 -0.44 8.39
N PHE A 75 -9.15 -1.24 7.40
CA PHE A 75 -8.02 -2.13 6.94
C PHE A 75 -7.95 -2.13 5.42
N TRP A 76 -7.18 -1.24 4.86
CA TRP A 76 -7.05 -1.19 3.37
C TRP A 76 -6.02 -2.22 2.92
N TRP A 77 -6.41 -3.46 2.78
CA TRP A 77 -5.43 -4.50 2.35
C TRP A 77 -5.39 -4.62 0.83
N ILE A 78 -4.22 -4.61 0.26
CA ILE A 78 -4.09 -4.75 -1.21
C ILE A 78 -3.00 -5.75 -1.56
N LYS A 79 -3.10 -6.38 -2.69
CA LYS A 79 -2.07 -7.38 -3.08
C LYS A 79 -1.79 -7.34 -4.58
N ALA A 80 -0.54 -7.38 -4.96
CA ALA A 80 -0.18 -7.35 -6.40
C ALA A 80 0.93 -8.37 -6.69
N ASP A 81 0.84 -9.06 -7.80
CA ASP A 81 1.89 -10.07 -8.12
C ASP A 81 3.08 -9.39 -8.80
N GLY A 82 3.59 -8.35 -8.21
CA GLY A 82 4.74 -7.64 -8.79
C GLY A 82 5.27 -6.61 -7.79
N ALA A 83 5.80 -5.51 -8.27
CA ALA A 83 6.33 -4.47 -7.34
C ALA A 83 5.21 -3.50 -6.96
N ILE A 84 5.21 -3.02 -5.75
CA ILE A 84 4.14 -2.07 -5.33
C ILE A 84 4.71 -0.98 -4.41
N GLU A 85 3.92 0.00 -4.07
CA GLU A 85 4.43 1.07 -3.19
C GLU A 85 3.48 1.36 -2.04
N ILE A 86 3.89 2.25 -1.16
CA ILE A 86 3.08 2.63 0.00
C ILE A 86 3.57 3.97 0.55
N ASP A 87 2.74 4.72 1.21
CA ASP A 87 3.19 6.04 1.71
C ASP A 87 2.71 6.31 3.13
N ALA A 88 3.04 7.47 3.63
CA ALA A 88 2.59 7.86 5.00
C ALA A 88 2.44 9.40 5.08
N ALA A 89 3.23 10.13 4.32
CA ALA A 89 3.14 11.63 4.35
C ALA A 89 1.68 12.08 4.45
N GLU A 90 0.83 11.51 3.65
CA GLU A 90 -0.61 11.91 3.70
C GLU A 90 -1.10 11.84 5.13
N ALA A 91 -1.09 10.67 5.70
CA ALA A 91 -1.55 10.49 7.11
C ALA A 91 -1.09 11.66 7.96
N GLY A 92 0.09 12.16 7.73
CA GLY A 92 0.58 13.30 8.55
C GLY A 92 -0.30 14.51 8.31
N GLU A 93 -0.65 14.72 7.07
CA GLU A 93 -1.53 15.87 6.72
C GLU A 93 -2.86 15.71 7.45
N LEU A 94 -3.20 14.49 7.79
CA LEU A 94 -4.48 14.26 8.51
C LEU A 94 -4.32 14.58 9.99
N LEU A 95 -3.44 13.90 10.69
CA LEU A 95 -3.28 14.20 12.15
C LEU A 95 -1.95 14.89 12.45
N GLY A 96 -0.97 14.80 11.59
CA GLY A 96 0.31 15.49 11.88
C GLY A 96 0.94 14.90 13.15
N LYS A 97 1.74 13.91 12.98
CA LYS A 97 2.41 13.22 14.13
C LYS A 97 3.39 12.14 13.59
N PRO A 98 3.65 11.06 14.31
CA PRO A 98 4.54 10.00 13.73
C PRO A 98 3.81 9.33 12.55
N PHE A 99 2.59 9.76 12.32
CA PHE A 99 1.75 9.22 11.20
C PHE A 99 2.59 8.57 10.10
N SER A 100 3.65 9.21 9.72
CA SER A 100 4.47 8.65 8.62
C SER A 100 4.85 7.23 8.96
N VAL A 101 5.42 7.07 10.10
CA VAL A 101 5.87 5.74 10.51
C VAL A 101 4.89 5.05 11.44
N TYR A 102 4.40 5.69 12.45
CA TYR A 102 3.44 4.96 13.34
C TYR A 102 2.36 4.34 12.44
N ASP A 103 2.10 4.97 11.33
CA ASP A 103 1.10 4.41 10.40
C ASP A 103 1.76 3.32 9.57
N LEU A 104 2.95 3.55 9.09
CA LEU A 104 3.59 2.47 8.31
C LEU A 104 3.75 1.23 9.20
N LEU A 105 4.19 1.38 10.42
CA LEU A 105 4.33 0.16 11.29
C LEU A 105 2.97 -0.48 11.56
N ILE A 106 1.91 0.29 11.54
CA ILE A 106 0.56 -0.29 11.81
C ILE A 106 -0.12 -0.65 10.48
N ASN A 107 0.41 -0.18 9.40
CA ASN A 107 -0.22 -0.48 8.08
C ASN A 107 0.75 -1.27 7.20
N VAL A 108 2.02 -0.97 7.27
CA VAL A 108 3.01 -1.68 6.41
C VAL A 108 3.06 -3.18 6.74
N SER A 109 2.34 -3.62 7.73
CA SER A 109 2.36 -5.08 8.09
C SER A 109 2.49 -5.97 6.85
N SER A 110 2.03 -5.53 5.72
CA SER A 110 2.17 -6.36 4.50
C SER A 110 3.57 -6.18 3.91
N THR A 111 4.56 -5.89 4.73
CA THR A 111 5.93 -5.70 4.18
C THR A 111 6.65 -7.05 4.18
N VAL A 112 5.97 -8.08 3.78
CA VAL A 112 6.56 -9.45 3.76
C VAL A 112 7.83 -9.49 2.88
N GLY A 113 7.77 -8.94 1.70
CA GLY A 113 8.96 -8.97 0.81
C GLY A 113 9.97 -7.91 1.26
N ARG A 114 9.69 -6.66 0.97
CA ARG A 114 10.61 -5.58 1.34
C ARG A 114 9.85 -4.27 1.53
N ALA A 115 10.55 -3.21 1.80
CA ALA A 115 9.86 -1.89 2.00
C ALA A 115 10.90 -0.76 2.08
N TYR A 116 11.48 -0.40 0.96
CA TYR A 116 12.50 0.70 0.98
C TYR A 116 11.79 2.05 1.19
N THR A 117 12.38 2.92 1.96
CA THR A 117 11.73 4.24 2.19
C THR A 117 12.18 5.25 1.14
N LEU A 118 11.26 5.75 0.35
CA LEU A 118 11.61 6.75 -0.70
C LEU A 118 11.60 8.16 -0.12
N GLY A 119 12.08 8.33 1.08
CA GLY A 119 12.11 9.69 1.70
C GLY A 119 10.71 10.27 1.78
N THR A 120 10.10 10.44 0.67
CA THR A 120 8.72 11.00 0.64
C THR A 120 7.70 9.87 0.75
N LYS A 121 8.03 8.69 0.29
CA LYS A 121 7.06 7.56 0.39
C LYS A 121 7.80 6.24 0.63
N PHE A 122 7.11 5.14 0.49
CA PHE A 122 7.78 3.81 0.71
C PHE A 122 7.77 2.98 -0.59
N THR A 123 8.57 1.95 -0.62
CA THR A 123 8.62 1.09 -1.81
C THR A 123 8.65 -0.38 -1.36
N ILE A 124 7.55 -1.08 -1.49
CA ILE A 124 7.52 -2.50 -1.06
C ILE A 124 7.48 -3.42 -2.29
N THR A 125 8.17 -4.53 -2.26
CA THR A 125 8.16 -5.43 -3.45
C THR A 125 8.36 -6.89 -3.04
N SER A 126 8.55 -7.76 -3.99
CA SER A 126 8.75 -9.20 -3.66
C SER A 126 10.23 -9.55 -3.61
N GLU A 127 11.03 -8.91 -4.41
CA GLU A 127 12.49 -9.20 -4.43
C GLU A 127 13.00 -9.46 -3.00
N LEU A 128 13.26 -10.71 -2.69
CA LEU A 128 13.76 -11.05 -1.34
C LEU A 128 14.81 -10.05 -0.87
N SER A 35 8.53 -17.37 -4.49
CA SER A 35 7.69 -16.31 -3.86
C SER A 35 7.60 -15.10 -4.79
N ASN A 36 6.42 -14.74 -5.22
CA ASN A 36 6.28 -13.58 -6.12
C ASN A 36 5.20 -12.61 -5.61
N ALA A 37 3.98 -12.78 -6.07
CA ALA A 37 2.86 -11.89 -5.65
C ALA A 37 3.09 -11.30 -4.25
N VAL A 38 3.00 -10.01 -4.13
CA VAL A 38 3.20 -9.37 -2.80
C VAL A 38 1.88 -8.78 -2.29
N VAL A 39 1.86 -8.28 -1.09
CA VAL A 39 0.59 -7.69 -0.56
C VAL A 39 0.89 -6.50 0.33
N LEU A 40 0.32 -5.37 0.05
CA LEU A 40 0.52 -4.21 0.94
C LEU A 40 -0.64 -4.24 1.93
N VAL A 41 -0.57 -3.56 3.03
CA VAL A 41 -1.70 -3.66 3.98
C VAL A 41 -1.89 -2.37 4.78
N LEU A 42 -3.04 -1.79 4.73
CA LEU A 42 -3.28 -0.57 5.51
C LEU A 42 -4.53 -0.74 6.37
N MET A 43 -4.65 -0.01 7.45
CA MET A 43 -5.85 -0.16 8.32
C MET A 43 -6.88 0.92 7.98
N LYS A 44 -6.92 1.33 6.76
CA LYS A 44 -7.91 2.39 6.34
C LYS A 44 -9.24 1.77 5.95
N SER A 45 -9.39 1.38 4.71
CA SER A 45 -10.68 0.77 4.25
C SER A 45 -11.77 1.84 4.13
N ASP A 46 -12.21 2.09 2.93
CA ASP A 46 -13.27 3.12 2.69
C ASP A 46 -13.30 3.47 1.20
N GLU A 47 -12.46 4.37 0.77
CA GLU A 47 -12.44 4.76 -0.66
C GLU A 47 -11.37 3.96 -1.41
N ILE A 48 -10.68 3.09 -0.73
CA ILE A 48 -9.63 2.31 -1.41
C ILE A 48 -10.20 1.46 -2.52
N ASP A 49 -11.00 0.49 -2.20
CA ASP A 49 -11.59 -0.34 -3.29
C ASP A 49 -11.99 0.58 -4.45
N ALA A 50 -12.40 1.77 -4.13
CA ALA A 50 -12.77 2.75 -5.18
C ALA A 50 -11.52 3.37 -5.78
N ILE A 51 -10.67 3.95 -4.99
CA ILE A 51 -9.45 4.52 -5.57
C ILE A 51 -8.59 3.36 -6.06
N ILE A 52 -8.35 2.34 -5.29
CA ILE A 52 -7.55 1.20 -5.83
C ILE A 52 -8.03 0.90 -7.24
N GLU A 53 -9.31 0.93 -7.44
CA GLU A 53 -9.85 0.67 -8.78
C GLU A 53 -9.38 1.75 -9.76
N ASP A 54 -9.78 2.98 -9.52
CA ASP A 54 -9.38 4.09 -10.45
C ASP A 54 -7.93 4.53 -10.21
N ILE A 55 -7.37 4.08 -9.13
CA ILE A 55 -5.97 4.47 -8.77
C ILE A 55 -5.00 3.29 -8.99
N VAL A 56 -5.48 2.10 -8.77
CA VAL A 56 -4.59 0.93 -8.90
C VAL A 56 -5.04 -0.04 -10.02
N LEU A 57 -6.31 -0.35 -10.13
CA LEU A 57 -6.71 -1.27 -11.24
C LEU A 57 -6.21 -0.71 -12.57
N LYS A 58 -6.12 0.59 -12.67
CA LYS A 58 -5.63 1.22 -13.93
C LYS A 58 -4.11 1.30 -13.94
N GLY A 59 -3.52 1.77 -12.87
CA GLY A 59 -2.03 1.87 -12.83
C GLY A 59 -1.43 0.56 -12.34
N GLY A 60 -1.97 -0.01 -11.30
CA GLY A 60 -1.43 -1.30 -10.79
C GLY A 60 -1.70 -2.42 -11.79
N LYS A 61 -2.94 -2.85 -11.90
CA LYS A 61 -3.29 -3.95 -12.86
C LYS A 61 -3.09 -3.53 -14.33
N ALA A 62 -2.49 -2.41 -14.58
CA ALA A 62 -2.28 -1.99 -15.99
C ALA A 62 -1.62 -3.14 -16.74
N LYS A 63 -0.43 -3.47 -16.33
CA LYS A 63 0.28 -4.61 -16.96
C LYS A 63 0.08 -5.83 -16.06
N ASN A 64 -0.27 -5.57 -14.84
CA ASN A 64 -0.52 -6.67 -13.86
C ASN A 64 -1.77 -7.45 -14.23
N PRO A 65 -1.67 -8.73 -14.04
CA PRO A 65 -2.79 -9.66 -14.36
C PRO A 65 -4.03 -9.38 -13.50
N SER A 66 -3.89 -9.19 -12.22
CA SER A 66 -5.07 -8.92 -11.37
C SER A 66 -4.69 -8.76 -9.93
N ILE A 67 -4.85 -7.59 -9.47
CA ILE A 67 -4.50 -7.20 -8.11
C ILE A 67 -5.69 -7.41 -7.17
N VAL A 68 -5.42 -7.75 -5.93
CA VAL A 68 -6.54 -7.97 -4.98
C VAL A 68 -6.73 -6.76 -4.06
N VAL A 69 -7.95 -6.38 -3.80
CA VAL A 69 -8.20 -5.23 -2.90
C VAL A 69 -8.97 -5.72 -1.67
N GLU A 70 -8.27 -6.11 -0.65
CA GLU A 70 -8.94 -6.62 0.59
C GLU A 70 -9.46 -5.46 1.44
N ASP A 71 -10.54 -4.84 1.06
CA ASP A 71 -11.09 -3.72 1.88
C ASP A 71 -12.04 -4.27 2.94
N LYS A 72 -11.70 -4.18 4.19
CA LYS A 72 -12.60 -4.72 5.25
C LYS A 72 -12.54 -3.86 6.52
N ALA A 73 -12.98 -4.38 7.62
CA ALA A 73 -12.98 -3.61 8.90
C ALA A 73 -11.70 -2.77 9.04
N GLY A 74 -11.77 -1.52 8.67
CA GLY A 74 -10.59 -0.62 8.79
C GLY A 74 -9.31 -1.38 8.42
N PHE A 75 -9.34 -2.03 7.31
CA PHE A 75 -8.14 -2.81 6.86
C PHE A 75 -8.06 -2.78 5.34
N TRP A 76 -7.43 -1.77 4.80
CA TRP A 76 -7.31 -1.67 3.33
C TRP A 76 -6.14 -2.53 2.83
N TRP A 77 -6.32 -3.82 2.83
CA TRP A 77 -5.23 -4.73 2.38
C TRP A 77 -5.22 -4.83 0.84
N ILE A 78 -4.10 -4.52 0.23
CA ILE A 78 -4.04 -4.61 -1.25
C ILE A 78 -3.01 -5.66 -1.67
N LYS A 79 -3.32 -6.41 -2.69
CA LYS A 79 -2.38 -7.47 -3.16
C LYS A 79 -2.05 -7.23 -4.64
N ALA A 80 -0.79 -7.25 -4.99
CA ALA A 80 -0.42 -7.03 -6.41
C ALA A 80 0.54 -8.12 -6.88
N ASP A 81 0.74 -8.23 -8.16
CA ASP A 81 1.67 -9.27 -8.69
C ASP A 81 2.84 -8.62 -9.43
N GLY A 82 3.47 -7.66 -8.82
CA GLY A 82 4.61 -6.98 -9.47
C GLY A 82 5.30 -6.07 -8.45
N ALA A 83 5.34 -4.79 -8.72
CA ALA A 83 6.00 -3.85 -7.76
C ALA A 83 4.94 -2.94 -7.13
N ILE A 84 5.19 -2.46 -5.95
CA ILE A 84 4.19 -1.57 -5.28
C ILE A 84 4.90 -0.63 -4.32
N GLU A 85 4.18 0.29 -3.72
CA GLU A 85 4.82 1.21 -2.77
C GLU A 85 3.86 1.64 -1.65
N ILE A 86 4.35 2.34 -0.67
CA ILE A 86 3.50 2.79 0.46
C ILE A 86 3.60 4.32 0.59
N ASP A 87 2.74 4.92 1.37
CA ASP A 87 2.80 6.41 1.53
C ASP A 87 2.18 6.83 2.85
N ALA A 88 2.78 7.76 3.52
CA ALA A 88 2.17 8.22 4.80
C ALA A 88 2.54 9.67 5.09
N ALA A 89 3.75 10.05 4.78
CA ALA A 89 4.19 11.44 5.05
C ALA A 89 3.07 12.43 4.73
N GLU A 90 2.36 12.22 3.66
CA GLU A 90 1.25 13.13 3.30
C GLU A 90 0.09 12.94 4.27
N ALA A 91 -0.24 11.72 4.56
CA ALA A 91 -1.34 11.46 5.52
C ALA A 91 -0.99 12.08 6.87
N GLY A 92 0.18 11.81 7.37
CA GLY A 92 0.61 12.40 8.67
C GLY A 92 0.43 13.91 8.62
N GLU A 93 1.08 14.56 7.68
CA GLU A 93 0.95 16.05 7.58
C GLU A 93 -0.52 16.43 7.36
N LEU A 94 -1.35 15.47 7.03
CA LEU A 94 -2.78 15.80 6.79
C LEU A 94 -3.61 15.63 8.06
N LEU A 95 -3.39 14.58 8.81
CA LEU A 95 -4.17 14.42 10.07
C LEU A 95 -3.35 14.92 11.25
N GLY A 96 -2.09 14.62 11.25
CA GLY A 96 -1.24 15.09 12.36
C GLY A 96 0.16 15.40 11.84
N LYS A 97 0.92 14.37 11.56
CA LYS A 97 2.31 14.56 11.04
C LYS A 97 3.09 13.25 11.25
N PRO A 98 3.13 12.81 12.48
CA PRO A 98 3.83 11.55 12.81
C PRO A 98 3.02 10.34 12.34
N PHE A 99 1.73 10.51 12.19
CA PHE A 99 0.89 9.36 11.74
C PHE A 99 1.54 8.68 10.54
N SER A 100 1.92 9.46 9.57
CA SER A 100 2.55 8.90 8.34
C SER A 100 3.37 7.65 8.68
N VAL A 101 4.38 7.80 9.47
CA VAL A 101 5.22 6.65 9.82
C VAL A 101 4.51 5.69 10.81
N TYR A 102 4.17 6.14 11.98
CA TYR A 102 3.50 5.23 12.94
C TYR A 102 2.42 4.42 12.20
N ASP A 103 1.85 5.01 11.20
CA ASP A 103 0.80 4.31 10.41
C ASP A 103 1.47 3.31 9.48
N LEU A 104 2.65 3.60 9.02
CA LEU A 104 3.33 2.65 8.10
C LEU A 104 3.86 1.46 8.89
N LEU A 105 4.02 1.57 10.19
CA LEU A 105 4.56 0.41 10.96
C LEU A 105 3.44 -0.49 11.47
N ILE A 106 2.27 0.05 11.66
CA ILE A 106 1.15 -0.79 12.17
C ILE A 106 0.28 -1.25 10.99
N ASN A 107 0.47 -0.65 9.85
CA ASN A 107 -0.32 -1.05 8.66
C ASN A 107 0.55 -1.86 7.69
N VAL A 108 1.77 -1.44 7.46
CA VAL A 108 2.66 -2.20 6.53
C VAL A 108 2.84 -3.67 6.95
N SER A 109 2.26 -4.06 8.07
CA SER A 109 2.37 -5.46 8.56
C SER A 109 2.64 -6.45 7.45
N SER A 110 2.02 -6.28 6.33
CA SER A 110 2.30 -7.23 5.22
C SER A 110 3.61 -6.81 4.54
N THR A 111 4.61 -6.46 5.32
CA THR A 111 5.91 -6.03 4.72
C THR A 111 6.59 -7.15 3.91
N VAL A 112 5.99 -8.31 3.78
CA VAL A 112 6.62 -9.42 3.01
C VAL A 112 7.33 -8.89 1.77
N GLY A 113 6.90 -7.78 1.23
CA GLY A 113 7.57 -7.22 0.02
C GLY A 113 8.56 -6.14 0.42
N ARG A 114 9.43 -6.44 1.37
CA ARG A 114 10.46 -5.46 1.84
C ARG A 114 10.10 -4.02 1.47
N ALA A 115 9.58 -3.27 2.41
CA ALA A 115 9.19 -1.86 2.11
C ALA A 115 10.38 -0.91 2.25
N TYR A 116 11.06 -0.63 1.18
CA TYR A 116 12.20 0.31 1.25
C TYR A 116 11.63 1.73 1.36
N THR A 117 12.27 2.60 2.11
CA THR A 117 11.72 3.98 2.26
C THR A 117 12.05 4.84 1.05
N LEU A 118 11.31 5.91 0.88
CA LEU A 118 11.56 6.83 -0.28
C LEU A 118 11.63 8.26 0.21
N GLY A 119 12.17 8.47 1.38
CA GLY A 119 12.28 9.86 1.91
C GLY A 119 10.88 10.39 2.21
N THR A 120 10.06 10.43 1.21
CA THR A 120 8.67 10.92 1.39
C THR A 120 7.67 9.79 1.12
N LYS A 121 8.14 8.68 0.60
CA LYS A 121 7.20 7.56 0.30
C LYS A 121 7.79 6.22 0.72
N PHE A 122 7.24 5.16 0.20
CA PHE A 122 7.73 3.79 0.53
C PHE A 122 7.92 2.97 -0.73
N THR A 123 8.68 1.92 -0.68
CA THR A 123 8.86 1.10 -1.88
C THR A 123 8.81 -0.40 -1.53
N ILE A 124 7.71 -1.05 -1.83
CA ILE A 124 7.62 -2.51 -1.54
C ILE A 124 7.92 -3.28 -2.83
N THR A 125 8.51 -4.44 -2.73
CA THR A 125 8.83 -5.18 -3.98
C THR A 125 8.81 -6.70 -3.73
N SER A 126 8.81 -7.46 -4.78
CA SER A 126 8.79 -8.95 -4.64
C SER A 126 10.22 -9.48 -4.68
N GLU A 127 11.06 -8.84 -5.44
CA GLU A 127 12.48 -9.29 -5.55
C GLU A 127 13.02 -9.68 -4.18
N LEU A 128 14.16 -10.32 -4.14
CA LEU A 128 14.73 -10.74 -2.84
C LEU A 128 14.66 -9.60 -1.82
N SER A 35 8.75 -16.91 -8.17
CA SER A 35 7.63 -15.91 -8.26
C SER A 35 7.99 -14.63 -7.49
N ASN A 36 7.46 -13.51 -7.91
CA ASN A 36 7.77 -12.22 -7.22
C ASN A 36 6.53 -11.72 -6.48
N ALA A 37 5.45 -12.42 -6.58
CA ALA A 37 4.18 -12.01 -5.91
C ALA A 37 4.46 -11.26 -4.59
N VAL A 38 3.68 -10.25 -4.31
CA VAL A 38 3.86 -9.46 -3.06
C VAL A 38 2.50 -9.08 -2.48
N VAL A 39 2.47 -8.45 -1.34
CA VAL A 39 1.16 -8.05 -0.75
C VAL A 39 1.22 -6.63 -0.19
N LEU A 40 0.28 -5.81 -0.54
CA LEU A 40 0.26 -4.45 0.03
C LEU A 40 -0.74 -4.48 1.19
N VAL A 41 -0.68 -3.55 2.09
CA VAL A 41 -1.62 -3.59 3.23
C VAL A 41 -1.61 -2.26 3.97
N LEU A 42 -2.70 -1.58 3.96
CA LEU A 42 -2.78 -0.30 4.67
C LEU A 42 -4.09 -0.26 5.44
N MET A 43 -4.42 0.87 6.02
CA MET A 43 -5.70 0.96 6.78
C MET A 43 -6.74 1.71 5.96
N LYS A 44 -7.99 1.57 6.29
CA LYS A 44 -9.07 2.27 5.52
C LYS A 44 -8.69 3.74 5.25
N SER A 45 -8.16 4.02 4.08
CA SER A 45 -7.80 5.42 3.75
C SER A 45 -9.04 6.20 3.28
N ASP A 46 -10.20 5.63 3.45
CA ASP A 46 -11.48 6.32 3.04
C ASP A 46 -11.73 6.23 1.52
N GLU A 47 -10.87 6.79 0.71
CA GLU A 47 -11.11 6.76 -0.76
C GLU A 47 -10.43 5.56 -1.44
N ILE A 48 -10.21 4.49 -0.74
CA ILE A 48 -9.55 3.31 -1.35
C ILE A 48 -10.39 2.76 -2.47
N ASP A 49 -11.43 2.08 -2.15
CA ASP A 49 -12.31 1.51 -3.21
C ASP A 49 -12.40 2.54 -4.35
N ALA A 50 -12.33 3.80 -4.02
CA ALA A 50 -12.34 4.86 -5.05
C ALA A 50 -10.97 4.92 -5.71
N ILE A 51 -9.92 5.11 -4.95
CA ILE A 51 -8.59 5.16 -5.56
C ILE A 51 -8.19 3.76 -6.02
N ILE A 52 -8.25 2.75 -5.20
CA ILE A 52 -7.89 1.40 -5.71
C ILE A 52 -8.61 1.18 -7.03
N GLU A 53 -9.82 1.62 -7.10
CA GLU A 53 -10.59 1.46 -8.34
C GLU A 53 -9.92 2.24 -9.49
N ASP A 54 -9.80 3.54 -9.35
CA ASP A 54 -9.18 4.36 -10.45
C ASP A 54 -7.66 4.31 -10.37
N ILE A 55 -7.15 3.80 -9.32
CA ILE A 55 -5.67 3.73 -9.15
C ILE A 55 -5.19 2.30 -9.33
N VAL A 56 -5.99 1.36 -8.94
CA VAL A 56 -5.56 -0.06 -9.03
C VAL A 56 -6.46 -0.89 -9.97
N LEU A 57 -7.76 -0.78 -9.90
CA LEU A 57 -8.60 -1.61 -10.82
C LEU A 57 -8.06 -1.47 -12.26
N LYS A 58 -7.73 -0.28 -12.64
CA LYS A 58 -7.18 -0.04 -14.01
C LYS A 58 -5.67 -0.29 -14.00
N GLY A 59 -4.99 0.21 -13.00
CA GLY A 59 -3.52 0.00 -12.92
C GLY A 59 -3.21 -1.49 -12.73
N GLY A 60 -3.83 -2.11 -11.76
CA GLY A 60 -3.57 -3.56 -11.52
C GLY A 60 -4.15 -4.38 -12.68
N LYS A 61 -4.90 -3.76 -13.55
CA LYS A 61 -5.50 -4.52 -14.69
C LYS A 61 -4.79 -4.17 -16.01
N ALA A 62 -3.94 -3.17 -16.00
CA ALA A 62 -3.25 -2.78 -17.25
C ALA A 62 -2.00 -3.64 -17.48
N LYS A 63 -0.94 -3.32 -16.79
CA LYS A 63 0.31 -4.11 -16.94
C LYS A 63 0.24 -5.26 -15.95
N ASN A 64 -0.45 -5.02 -14.88
CA ASN A 64 -0.63 -6.06 -13.82
C ASN A 64 -1.51 -7.20 -14.34
N PRO A 65 -0.99 -8.39 -14.26
CA PRO A 65 -1.72 -9.59 -14.72
C PRO A 65 -2.99 -9.80 -13.90
N SER A 66 -2.91 -9.62 -12.61
CA SER A 66 -4.10 -9.79 -11.75
C SER A 66 -3.74 -9.55 -10.31
N ILE A 67 -4.23 -8.47 -9.83
CA ILE A 67 -3.95 -8.02 -8.47
C ILE A 67 -5.15 -8.26 -7.56
N VAL A 68 -4.92 -8.49 -6.30
CA VAL A 68 -6.06 -8.72 -5.38
C VAL A 68 -6.30 -7.47 -4.52
N VAL A 69 -7.52 -7.01 -4.45
CA VAL A 69 -7.81 -5.80 -3.64
C VAL A 69 -8.70 -6.18 -2.44
N GLU A 70 -8.11 -6.32 -1.28
CA GLU A 70 -8.91 -6.71 -0.08
C GLU A 70 -9.42 -5.46 0.65
N ASP A 71 -10.48 -4.86 0.16
CA ASP A 71 -11.01 -3.65 0.85
C ASP A 71 -11.87 -4.08 2.05
N LYS A 72 -11.27 -4.21 3.20
CA LYS A 72 -12.04 -4.63 4.40
C LYS A 72 -12.63 -3.42 5.12
N ALA A 73 -13.70 -3.61 5.84
CA ALA A 73 -14.33 -2.47 6.57
C ALA A 73 -13.33 -1.86 7.57
N GLY A 74 -12.24 -2.53 7.83
CA GLY A 74 -11.25 -1.97 8.80
C GLY A 74 -9.84 -2.38 8.41
N PHE A 75 -9.65 -2.67 7.17
CA PHE A 75 -8.31 -3.07 6.68
C PHE A 75 -8.24 -2.92 5.16
N TRP A 76 -7.50 -1.95 4.71
CA TRP A 76 -7.38 -1.71 3.24
C TRP A 76 -6.18 -2.52 2.70
N TRP A 77 -6.36 -3.80 2.52
CA TRP A 77 -5.24 -4.66 2.04
C TRP A 77 -5.36 -5.01 0.55
N ILE A 78 -4.29 -4.90 -0.17
CA ILE A 78 -4.30 -5.27 -1.62
C ILE A 78 -3.01 -6.03 -1.95
N LYS A 79 -3.03 -6.89 -2.93
CA LYS A 79 -1.79 -7.65 -3.27
C LYS A 79 -1.48 -7.51 -4.76
N ALA A 80 -0.24 -7.61 -5.13
CA ALA A 80 0.12 -7.47 -6.57
C ALA A 80 1.20 -8.51 -6.95
N ASP A 81 1.59 -8.52 -8.21
CA ASP A 81 2.63 -9.50 -8.64
C ASP A 81 3.82 -8.76 -9.25
N GLY A 82 4.32 -7.78 -8.55
CA GLY A 82 5.48 -7.01 -9.06
C GLY A 82 6.00 -6.11 -7.95
N ALA A 83 6.13 -4.83 -8.22
CA ALA A 83 6.63 -3.89 -7.17
C ALA A 83 5.45 -3.16 -6.53
N ILE A 84 5.51 -2.90 -5.25
CA ILE A 84 4.40 -2.18 -4.58
C ILE A 84 4.92 -0.95 -3.85
N GLU A 85 4.06 -0.02 -3.52
CA GLU A 85 4.52 1.20 -2.83
C GLU A 85 3.69 1.49 -1.58
N ILE A 86 4.19 2.35 -0.74
CA ILE A 86 3.50 2.71 0.50
C ILE A 86 3.65 4.22 0.75
N ASP A 87 3.01 4.74 1.76
CA ASP A 87 3.15 6.21 2.03
C ASP A 87 3.02 6.52 3.51
N ALA A 88 3.26 7.74 3.87
CA ALA A 88 3.11 8.14 5.29
C ALA A 88 2.72 9.61 5.38
N ALA A 89 3.43 10.43 4.68
CA ALA A 89 3.13 11.89 4.71
C ALA A 89 1.62 12.13 4.68
N GLU A 90 0.92 11.45 3.82
CA GLU A 90 -0.56 11.63 3.76
C GLU A 90 -1.12 11.51 5.17
N ALA A 91 -0.58 10.62 5.94
CA ALA A 91 -1.03 10.45 7.35
C ALA A 91 -0.72 11.73 8.12
N GLY A 92 0.42 12.30 7.91
CA GLY A 92 0.79 13.55 8.64
C GLY A 92 -0.17 14.65 8.25
N GLU A 93 -0.14 15.05 7.02
CA GLU A 93 -1.05 16.13 6.55
C GLU A 93 -2.41 15.95 7.21
N LEU A 94 -2.78 14.73 7.50
CA LEU A 94 -4.07 14.50 8.19
C LEU A 94 -3.90 14.90 9.66
N LEU A 95 -3.16 14.15 10.42
CA LEU A 95 -2.96 14.54 11.86
C LEU A 95 -1.77 15.49 11.94
N GLY A 96 -0.66 15.06 11.44
CA GLY A 96 0.56 15.92 11.45
C GLY A 96 1.34 15.71 12.76
N LYS A 97 1.61 14.48 13.11
CA LYS A 97 2.36 14.21 14.38
C LYS A 97 3.19 12.88 14.26
N PRO A 98 2.85 11.80 14.98
CA PRO A 98 3.65 10.54 14.83
C PRO A 98 3.12 9.74 13.65
N PHE A 99 2.31 10.35 12.85
CA PHE A 99 1.72 9.68 11.65
C PHE A 99 2.81 9.00 10.84
N SER A 100 2.62 9.01 9.56
CA SER A 100 3.60 8.44 8.61
C SER A 100 4.33 7.25 9.21
N VAL A 101 5.27 7.54 10.05
CA VAL A 101 6.08 6.50 10.72
C VAL A 101 5.25 5.65 11.67
N TYR A 102 4.72 6.20 12.71
CA TYR A 102 3.91 5.36 13.62
C TYR A 102 2.76 4.80 12.79
N ASP A 103 2.23 5.64 11.94
CA ASP A 103 1.13 5.21 11.05
C ASP A 103 1.62 4.11 10.12
N LEU A 104 2.82 4.20 9.61
CA LEU A 104 3.29 3.12 8.70
C LEU A 104 3.83 1.97 9.53
N LEU A 105 4.52 2.25 10.59
CA LEU A 105 5.05 1.15 11.43
C LEU A 105 3.93 0.16 11.74
N ILE A 106 2.70 0.59 11.67
CA ILE A 106 1.57 -0.33 11.95
C ILE A 106 0.84 -0.70 10.65
N ASN A 107 0.78 0.21 9.70
CA ASN A 107 0.08 -0.12 8.43
C ASN A 107 1.09 -0.55 7.37
N VAL A 108 2.36 -0.52 7.70
CA VAL A 108 3.39 -0.91 6.70
C VAL A 108 3.56 -2.43 6.68
N SER A 109 2.95 -3.13 7.59
CA SER A 109 3.08 -4.63 7.59
C SER A 109 3.00 -5.16 6.16
N SER A 110 2.40 -4.42 5.28
CA SER A 110 2.28 -4.85 3.86
C SER A 110 3.63 -5.21 3.24
N THR A 111 4.72 -5.05 3.93
CA THR A 111 6.02 -5.37 3.28
C THR A 111 6.18 -6.89 3.13
N VAL A 112 6.45 -7.58 4.20
CA VAL A 112 6.63 -9.05 4.13
C VAL A 112 7.81 -9.42 3.23
N GLY A 113 8.62 -8.44 2.87
CA GLY A 113 9.79 -8.75 1.99
C GLY A 113 10.81 -7.61 2.08
N ARG A 114 10.47 -6.45 1.56
CA ARG A 114 11.40 -5.32 1.59
C ARG A 114 10.65 -4.03 1.98
N ALA A 115 11.38 -2.99 2.33
CA ALA A 115 10.71 -1.71 2.71
C ALA A 115 11.69 -0.54 2.50
N TYR A 116 12.00 -0.23 1.28
CA TYR A 116 12.93 0.91 1.02
C TYR A 116 12.24 2.22 1.36
N THR A 117 12.89 3.08 2.09
CA THR A 117 12.25 4.38 2.47
C THR A 117 12.55 5.43 1.39
N LEU A 118 11.56 6.23 1.06
CA LEU A 118 11.78 7.28 0.02
C LEU A 118 11.80 8.64 0.67
N GLY A 119 12.36 8.76 1.84
CA GLY A 119 12.41 10.09 2.52
C GLY A 119 11.00 10.51 2.89
N THR A 120 10.15 10.61 1.92
CA THR A 120 8.75 11.03 2.18
C THR A 120 7.80 9.87 1.89
N LYS A 121 8.20 8.94 1.07
CA LYS A 121 7.33 7.79 0.74
C LYS A 121 7.97 6.47 1.22
N PHE A 122 7.42 5.37 0.79
CA PHE A 122 7.96 4.04 1.22
C PHE A 122 7.99 3.10 0.01
N THR A 123 8.74 2.03 0.06
CA THR A 123 8.79 1.11 -1.09
C THR A 123 8.95 -0.34 -0.62
N ILE A 124 8.24 -1.24 -1.24
CA ILE A 124 8.34 -2.67 -0.84
C ILE A 124 8.47 -3.56 -2.07
N THR A 125 9.06 -4.72 -1.93
CA THR A 125 9.21 -5.63 -3.10
C THR A 125 9.27 -7.08 -2.64
N SER A 126 9.50 -7.99 -3.55
CA SER A 126 9.56 -9.44 -3.16
C SER A 126 10.99 -9.83 -2.78
N GLU A 127 11.78 -10.27 -3.73
CA GLU A 127 13.18 -10.67 -3.42
C GLU A 127 14.13 -9.49 -3.66
N LEU A 128 14.86 -9.10 -2.64
CA LEU A 128 15.79 -7.95 -2.79
C LEU A 128 16.48 -7.99 -4.16
N SER A 35 4.01 -17.80 -5.34
CA SER A 35 3.26 -16.71 -6.03
C SER A 35 4.15 -15.50 -6.25
N ASN A 36 5.25 -15.41 -5.54
CA ASN A 36 6.18 -14.25 -5.69
C ASN A 36 5.47 -12.95 -5.29
N ALA A 37 4.46 -12.57 -6.03
CA ALA A 37 3.71 -11.30 -5.73
C ALA A 37 3.80 -10.93 -4.26
N VAL A 38 3.97 -9.67 -3.97
CA VAL A 38 4.06 -9.23 -2.54
C VAL A 38 2.74 -8.63 -2.08
N VAL A 39 2.30 -8.97 -0.89
CA VAL A 39 1.01 -8.39 -0.40
C VAL A 39 1.24 -7.00 0.15
N LEU A 40 0.38 -6.08 -0.18
CA LEU A 40 0.51 -4.72 0.37
C LEU A 40 -0.66 -4.53 1.32
N VAL A 41 -0.43 -4.01 2.48
CA VAL A 41 -1.54 -3.86 3.44
C VAL A 41 -1.59 -2.46 4.01
N LEU A 42 -2.68 -1.78 3.83
CA LEU A 42 -2.80 -0.42 4.37
C LEU A 42 -3.99 -0.36 5.33
N MET A 43 -4.35 0.81 5.78
CA MET A 43 -5.51 0.92 6.72
C MET A 43 -6.77 1.35 5.95
N LYS A 44 -7.93 1.10 6.51
CA LYS A 44 -9.18 1.48 5.81
C LYS A 44 -9.14 2.96 5.38
N SER A 45 -8.89 3.20 4.13
CA SER A 45 -8.83 4.63 3.65
C SER A 45 -10.24 5.10 3.26
N ASP A 46 -11.24 4.35 3.61
CA ASP A 46 -12.64 4.74 3.28
C ASP A 46 -12.90 4.70 1.76
N GLU A 47 -12.20 5.50 1.01
CA GLU A 47 -12.41 5.51 -0.48
C GLU A 47 -11.53 4.46 -1.15
N ILE A 48 -11.24 3.39 -0.47
CA ILE A 48 -10.37 2.36 -1.08
C ILE A 48 -10.98 1.78 -2.33
N ASP A 49 -11.96 0.96 -2.17
CA ASP A 49 -12.61 0.37 -3.38
C ASP A 49 -12.72 1.47 -4.45
N ALA A 50 -12.89 2.69 -4.00
CA ALA A 50 -12.96 3.83 -4.95
C ALA A 50 -11.56 4.15 -5.47
N ILE A 51 -10.61 4.36 -4.61
CA ILE A 51 -9.25 4.65 -5.07
C ILE A 51 -8.62 3.39 -5.64
N ILE A 52 -8.57 2.29 -4.93
CA ILE A 52 -7.99 1.07 -5.55
C ILE A 52 -8.58 0.90 -6.93
N GLU A 53 -9.82 1.23 -7.06
CA GLU A 53 -10.49 1.12 -8.38
C GLU A 53 -9.85 2.09 -9.36
N ASP A 54 -9.96 3.37 -9.10
CA ASP A 54 -9.39 4.37 -10.05
C ASP A 54 -7.88 4.51 -9.86
N ILE A 55 -7.36 3.94 -8.82
CA ILE A 55 -5.91 4.04 -8.55
C ILE A 55 -5.22 2.72 -8.86
N VAL A 56 -5.90 1.63 -8.63
CA VAL A 56 -5.27 0.30 -8.85
C VAL A 56 -5.98 -0.54 -9.92
N LEU A 57 -7.30 -0.59 -9.93
CA LEU A 57 -7.98 -1.45 -10.95
C LEU A 57 -7.33 -1.24 -12.32
N LYS A 58 -6.97 -0.03 -12.63
CA LYS A 58 -6.31 0.24 -13.93
C LYS A 58 -4.81 0.03 -13.79
N GLY A 59 -4.24 0.52 -12.72
CA GLY A 59 -2.77 0.33 -12.50
C GLY A 59 -2.47 -1.17 -12.51
N GLY A 60 -3.16 -1.94 -11.71
CA GLY A 60 -2.90 -3.41 -11.69
C GLY A 60 -3.43 -4.06 -12.97
N LYS A 61 -4.00 -3.29 -13.86
CA LYS A 61 -4.54 -3.88 -15.13
C LYS A 61 -3.65 -3.55 -16.32
N ALA A 62 -2.68 -2.69 -16.16
CA ALA A 62 -1.81 -2.32 -17.29
C ALA A 62 -0.78 -3.43 -17.52
N LYS A 63 0.26 -3.42 -16.74
CA LYS A 63 1.30 -4.48 -16.87
C LYS A 63 1.00 -5.58 -15.86
N ASN A 64 0.31 -5.21 -14.84
CA ASN A 64 -0.06 -6.19 -13.78
C ASN A 64 -1.06 -7.21 -14.35
N PRO A 65 -0.61 -8.45 -14.37
CA PRO A 65 -1.44 -9.56 -14.90
C PRO A 65 -2.71 -9.76 -14.07
N SER A 66 -2.64 -9.60 -12.78
CA SER A 66 -3.86 -9.78 -11.94
C SER A 66 -3.52 -9.55 -10.49
N ILE A 67 -4.04 -8.49 -10.00
CA ILE A 67 -3.79 -8.06 -8.63
C ILE A 67 -5.00 -8.35 -7.74
N VAL A 68 -4.78 -8.50 -6.46
CA VAL A 68 -5.94 -8.76 -5.55
C VAL A 68 -6.19 -7.55 -4.65
N VAL A 69 -7.43 -7.30 -4.31
CA VAL A 69 -7.73 -6.14 -3.43
C VAL A 69 -8.59 -6.59 -2.24
N GLU A 70 -8.00 -6.66 -1.08
CA GLU A 70 -8.78 -7.10 0.11
C GLU A 70 -9.26 -5.87 0.90
N ASP A 71 -10.36 -5.29 0.50
CA ASP A 71 -10.87 -4.09 1.23
C ASP A 71 -11.93 -4.50 2.25
N LYS A 72 -11.78 -4.07 3.48
CA LYS A 72 -12.78 -4.43 4.52
C LYS A 72 -12.96 -3.28 5.51
N ALA A 73 -14.16 -3.07 5.97
CA ALA A 73 -14.39 -1.95 6.94
C ALA A 73 -13.51 -2.17 8.17
N GLY A 74 -12.26 -1.79 8.10
CA GLY A 74 -11.35 -1.99 9.25
C GLY A 74 -9.92 -1.97 8.76
N PHE A 75 -9.69 -2.57 7.63
CA PHE A 75 -8.32 -2.61 7.07
C PHE A 75 -8.34 -2.42 5.55
N TRP A 76 -7.20 -2.31 4.95
CA TRP A 76 -7.09 -2.12 3.48
C TRP A 76 -5.92 -2.98 2.97
N TRP A 77 -6.18 -4.24 2.71
CA TRP A 77 -5.07 -5.14 2.26
C TRP A 77 -5.16 -5.47 0.76
N ILE A 78 -4.14 -5.12 0.02
CA ILE A 78 -4.14 -5.45 -1.44
C ILE A 78 -2.82 -6.12 -1.80
N LYS A 79 -2.87 -7.10 -2.66
CA LYS A 79 -1.62 -7.79 -3.06
C LYS A 79 -1.31 -7.53 -4.53
N ALA A 80 -0.09 -7.21 -4.85
CA ALA A 80 0.27 -6.94 -6.26
C ALA A 80 1.35 -7.93 -6.72
N ASP A 81 1.37 -8.29 -7.97
CA ASP A 81 2.40 -9.23 -8.47
C ASP A 81 3.58 -8.48 -9.07
N GLY A 82 4.14 -7.55 -8.34
CA GLY A 82 5.28 -6.78 -8.86
C GLY A 82 5.90 -5.96 -7.72
N ALA A 83 5.87 -4.66 -7.84
CA ALA A 83 6.45 -3.80 -6.76
C ALA A 83 5.38 -2.87 -6.19
N ILE A 84 5.45 -2.56 -4.93
CA ILE A 84 4.43 -1.66 -4.32
C ILE A 84 5.10 -0.59 -3.47
N GLU A 85 4.41 0.49 -3.21
CA GLU A 85 4.99 1.56 -2.38
C GLU A 85 3.96 2.11 -1.38
N ILE A 86 4.32 2.20 -0.14
CA ILE A 86 3.38 2.72 0.88
C ILE A 86 3.47 4.24 0.94
N ASP A 87 2.76 4.85 1.83
CA ASP A 87 2.82 6.34 1.94
C ASP A 87 2.42 6.81 3.32
N ALA A 88 2.88 7.95 3.72
CA ALA A 88 2.49 8.46 5.06
C ALA A 88 2.47 10.01 5.09
N ALA A 89 3.23 10.64 4.24
CA ALA A 89 3.27 12.13 4.21
C ALA A 89 1.88 12.72 4.41
N GLU A 90 0.90 12.18 3.74
CA GLU A 90 -0.49 12.72 3.89
C GLU A 90 -0.89 12.72 5.37
N ALA A 91 -0.89 11.56 5.98
CA ALA A 91 -1.26 11.47 7.41
C ALA A 91 -0.60 12.62 8.19
N GLY A 92 0.56 13.05 7.77
CA GLY A 92 1.25 14.17 8.47
C GLY A 92 0.52 15.48 8.20
N GLU A 93 0.10 15.68 6.98
CA GLU A 93 -0.64 16.92 6.65
C GLU A 93 -1.84 17.02 7.59
N LEU A 94 -2.29 15.89 8.06
CA LEU A 94 -3.45 15.88 8.99
C LEU A 94 -2.98 16.08 10.43
N LEU A 95 -2.33 15.10 10.99
CA LEU A 95 -1.85 15.24 12.40
C LEU A 95 -0.47 15.90 12.41
N GLY A 96 0.28 15.68 11.37
CA GLY A 96 1.64 16.32 11.26
C GLY A 96 2.58 15.87 12.39
N LYS A 97 2.65 14.60 12.67
CA LYS A 97 3.58 14.12 13.75
C LYS A 97 4.19 12.74 13.34
N PRO A 98 4.16 11.68 14.16
CA PRO A 98 4.76 10.38 13.69
C PRO A 98 3.93 9.79 12.56
N PHE A 99 2.83 10.43 12.25
CA PHE A 99 1.94 9.97 11.15
C PHE A 99 2.73 9.24 10.05
N SER A 100 3.86 9.77 9.72
CA SER A 100 4.67 9.18 8.63
C SER A 100 4.90 7.71 8.90
N VAL A 101 5.49 7.43 10.01
CA VAL A 101 5.82 6.04 10.32
C VAL A 101 4.81 5.35 11.23
N TYR A 102 4.26 6.00 12.18
CA TYR A 102 3.26 5.29 13.03
C TYR A 102 2.14 4.80 12.11
N ASP A 103 1.85 5.58 11.09
CA ASP A 103 0.78 5.17 10.15
C ASP A 103 1.34 4.08 9.23
N LEU A 104 2.56 4.21 8.75
CA LEU A 104 3.08 3.10 7.91
C LEU A 104 3.27 1.88 8.80
N LEU A 105 3.69 2.11 10.02
CA LEU A 105 3.88 0.96 10.96
C LEU A 105 2.67 0.03 10.93
N ILE A 106 1.50 0.59 11.05
CA ILE A 106 0.28 -0.24 11.07
C ILE A 106 -0.17 -0.55 9.63
N ASN A 107 0.17 0.29 8.70
CA ASN A 107 -0.24 0.03 7.30
C ASN A 107 0.95 -0.49 6.47
N VAL A 108 1.98 -0.96 7.11
CA VAL A 108 3.15 -1.50 6.34
C VAL A 108 3.38 -2.95 6.72
N SER A 109 2.75 -3.41 7.77
CA SER A 109 2.96 -4.83 8.23
C SER A 109 3.11 -5.80 7.06
N SER A 110 2.56 -5.49 5.93
CA SER A 110 2.73 -6.41 4.77
C SER A 110 4.03 -6.08 4.05
N THR A 111 5.03 -5.66 4.77
CA THR A 111 6.30 -5.31 4.10
C THR A 111 7.35 -6.39 4.40
N VAL A 112 7.00 -7.62 4.20
CA VAL A 112 7.95 -8.73 4.49
C VAL A 112 8.96 -8.93 3.35
N GLY A 113 8.56 -8.69 2.13
CA GLY A 113 9.52 -8.88 1.00
C GLY A 113 10.64 -7.84 1.10
N ARG A 114 10.36 -6.64 0.69
CA ARG A 114 11.39 -5.59 0.75
C ARG A 114 10.77 -4.29 1.30
N ALA A 115 11.56 -3.28 1.49
CA ALA A 115 11.00 -2.00 2.03
C ALA A 115 12.00 -0.85 1.91
N TYR A 116 12.17 -0.34 0.72
CA TYR A 116 13.12 0.80 0.55
C TYR A 116 12.44 2.09 1.03
N THR A 117 12.96 2.71 2.04
CA THR A 117 12.33 3.96 2.55
C THR A 117 12.71 5.15 1.68
N LEU A 118 11.73 5.90 1.22
CA LEU A 118 12.03 7.08 0.36
C LEU A 118 11.90 8.36 1.16
N GLY A 119 12.45 8.39 2.34
CA GLY A 119 12.37 9.63 3.17
C GLY A 119 10.93 9.91 3.55
N THR A 120 10.09 10.07 2.58
CA THR A 120 8.66 10.36 2.85
C THR A 120 7.76 9.22 2.36
N LYS A 121 8.30 8.31 1.58
CA LYS A 121 7.44 7.20 1.06
C LYS A 121 8.04 5.83 1.42
N PHE A 122 7.36 4.79 1.04
CA PHE A 122 7.87 3.41 1.34
C PHE A 122 7.91 2.60 0.04
N THR A 123 8.85 1.71 -0.11
CA THR A 123 8.91 0.92 -1.35
C THR A 123 9.14 -0.57 -1.04
N ILE A 124 8.26 -1.42 -1.50
CA ILE A 124 8.42 -2.88 -1.26
C ILE A 124 8.41 -3.60 -2.62
N THR A 125 8.76 -4.86 -2.67
CA THR A 125 8.76 -5.56 -4.00
C THR A 125 8.68 -7.08 -3.82
N SER A 126 8.19 -7.75 -4.82
CA SER A 126 8.07 -9.24 -4.75
C SER A 126 9.30 -9.88 -5.41
N GLU A 127 9.62 -9.46 -6.60
CA GLU A 127 10.80 -10.05 -7.30
C GLU A 127 12.08 -9.39 -6.80
N LEU A 128 13.15 -10.14 -6.71
CA LEU A 128 14.43 -9.58 -6.23
C LEU A 128 14.87 -8.42 -7.12
N SER A 35 8.12 -16.44 -5.80
CA SER A 35 7.25 -15.56 -4.98
C SER A 35 6.67 -14.44 -5.84
N ASN A 36 7.44 -13.42 -6.12
CA ASN A 36 6.92 -12.30 -6.96
C ASN A 36 5.72 -11.64 -6.28
N ALA A 37 4.58 -12.27 -6.34
CA ALA A 37 3.36 -11.71 -5.72
C ALA A 37 3.69 -10.97 -4.41
N VAL A 38 3.27 -9.75 -4.29
CA VAL A 38 3.55 -8.97 -3.04
C VAL A 38 2.26 -8.35 -2.52
N VAL A 39 2.06 -8.33 -1.22
CA VAL A 39 0.82 -7.73 -0.68
C VAL A 39 1.09 -6.39 -0.01
N LEU A 40 0.30 -5.41 -0.31
CA LEU A 40 0.45 -4.08 0.34
C LEU A 40 -0.69 -3.97 1.35
N VAL A 41 -0.47 -3.38 2.49
CA VAL A 41 -1.59 -3.31 3.47
C VAL A 41 -1.64 -1.96 4.17
N LEU A 42 -2.80 -1.35 4.18
CA LEU A 42 -2.97 -0.06 4.86
C LEU A 42 -4.27 -0.10 5.67
N MET A 43 -4.69 1.00 6.23
CA MET A 43 -5.95 0.99 7.02
C MET A 43 -7.11 1.56 6.20
N LYS A 44 -8.30 1.13 6.47
CA LYS A 44 -9.49 1.62 5.71
C LYS A 44 -9.49 3.14 5.59
N SER A 45 -8.87 3.67 4.57
CA SER A 45 -8.85 5.14 4.38
C SER A 45 -10.29 5.64 4.12
N ASP A 46 -10.70 5.68 2.90
CA ASP A 46 -12.08 6.14 2.59
C ASP A 46 -12.61 5.49 1.31
N GLU A 47 -12.19 5.97 0.16
CA GLU A 47 -12.68 5.40 -1.13
C GLU A 47 -11.70 4.35 -1.67
N ILE A 48 -11.06 3.61 -0.82
CA ILE A 48 -10.09 2.60 -1.31
C ILE A 48 -10.71 1.68 -2.34
N ASP A 49 -11.67 0.91 -1.96
CA ASP A 49 -12.31 0.01 -2.95
C ASP A 49 -12.56 0.80 -4.23
N ALA A 50 -12.95 2.04 -4.10
CA ALA A 50 -13.20 2.89 -5.31
C ALA A 50 -11.87 3.32 -5.93
N ILE A 51 -10.96 3.83 -5.16
CA ILE A 51 -9.70 4.23 -5.74
C ILE A 51 -8.88 3.00 -6.08
N ILE A 52 -8.69 2.06 -5.18
CA ILE A 52 -7.93 0.83 -5.58
C ILE A 52 -8.46 0.37 -6.93
N GLU A 53 -9.74 0.45 -7.09
CA GLU A 53 -10.34 0.04 -8.37
C GLU A 53 -9.82 0.91 -9.52
N ASP A 54 -10.10 2.18 -9.48
CA ASP A 54 -9.63 3.08 -10.60
C ASP A 54 -8.18 3.50 -10.40
N ILE A 55 -7.63 3.18 -9.27
CA ILE A 55 -6.22 3.56 -8.98
C ILE A 55 -5.32 2.32 -9.04
N VAL A 56 -5.85 1.21 -8.64
CA VAL A 56 -5.03 -0.03 -8.62
C VAL A 56 -5.57 -1.12 -9.57
N LEU A 57 -6.86 -1.37 -9.60
CA LEU A 57 -7.36 -2.44 -10.52
C LEU A 57 -7.01 -2.06 -11.96
N LYS A 58 -7.08 -0.81 -12.27
CA LYS A 58 -6.74 -0.35 -13.64
C LYS A 58 -5.32 0.24 -13.64
N GLY A 59 -5.04 1.05 -12.65
CA GLY A 59 -3.69 1.67 -12.56
C GLY A 59 -2.63 0.62 -12.23
N GLY A 60 -2.83 -0.16 -11.19
CA GLY A 60 -1.81 -1.18 -10.84
C GLY A 60 -1.76 -2.28 -11.91
N LYS A 61 -2.90 -2.74 -12.36
CA LYS A 61 -2.95 -3.83 -13.39
C LYS A 61 -2.33 -3.41 -14.74
N ALA A 62 -1.67 -2.29 -14.82
CA ALA A 62 -1.05 -1.89 -16.11
C ALA A 62 -0.19 -3.04 -16.62
N LYS A 63 0.83 -3.35 -15.88
CA LYS A 63 1.73 -4.48 -16.25
C LYS A 63 1.28 -5.69 -15.45
N ASN A 64 0.58 -5.41 -14.38
CA ASN A 64 0.07 -6.48 -13.48
C ASN A 64 -1.03 -7.29 -14.17
N PRO A 65 -0.81 -8.58 -14.22
CA PRO A 65 -1.78 -9.52 -14.86
C PRO A 65 -3.11 -9.58 -14.10
N SER A 66 -3.07 -9.73 -12.80
CA SER A 66 -4.34 -9.79 -12.03
C SER A 66 -4.05 -9.59 -10.56
N ILE A 67 -4.41 -8.44 -10.13
CA ILE A 67 -4.16 -7.99 -8.77
C ILE A 67 -5.41 -8.15 -7.89
N VAL A 68 -5.24 -8.11 -6.59
CA VAL A 68 -6.43 -8.26 -5.69
C VAL A 68 -6.62 -7.01 -4.83
N VAL A 69 -7.80 -6.83 -4.29
CA VAL A 69 -8.04 -5.64 -3.42
C VAL A 69 -8.76 -6.09 -2.15
N GLU A 70 -8.08 -6.09 -1.04
CA GLU A 70 -8.71 -6.53 0.23
C GLU A 70 -9.25 -5.32 1.00
N ASP A 71 -10.51 -5.33 1.33
CA ASP A 71 -11.09 -4.18 2.10
C ASP A 71 -11.94 -4.70 3.26
N LYS A 72 -11.57 -4.39 4.46
CA LYS A 72 -12.37 -4.87 5.63
C LYS A 72 -12.54 -3.74 6.65
N ALA A 73 -13.49 -3.86 7.53
CA ALA A 73 -13.72 -2.80 8.55
C ALA A 73 -12.40 -2.41 9.21
N GLY A 74 -11.87 -1.28 8.87
CA GLY A 74 -10.57 -0.83 9.48
C GLY A 74 -9.44 -1.68 8.92
N PHE A 75 -9.49 -1.94 7.66
CA PHE A 75 -8.43 -2.75 7.02
C PHE A 75 -8.42 -2.53 5.50
N TRP A 76 -7.49 -1.75 5.03
CA TRP A 76 -7.41 -1.49 3.56
C TRP A 76 -6.23 -2.29 2.98
N TRP A 77 -6.39 -3.58 2.87
CA TRP A 77 -5.28 -4.43 2.35
C TRP A 77 -5.42 -4.66 0.84
N ILE A 78 -4.33 -4.67 0.14
CA ILE A 78 -4.38 -4.91 -1.34
C ILE A 78 -3.13 -5.66 -1.78
N LYS A 79 -3.28 -6.60 -2.68
CA LYS A 79 -2.10 -7.38 -3.14
C LYS A 79 -1.85 -7.13 -4.62
N ALA A 80 -0.64 -6.81 -4.97
CA ALA A 80 -0.32 -6.57 -6.40
C ALA A 80 0.58 -7.69 -6.93
N ASP A 81 0.57 -7.94 -8.21
CA ASP A 81 1.43 -9.02 -8.75
C ASP A 81 2.71 -8.42 -9.33
N GLY A 82 3.30 -7.50 -8.62
CA GLY A 82 4.55 -6.87 -9.07
C GLY A 82 5.10 -5.99 -7.95
N ALA A 83 5.14 -4.71 -8.16
CA ALA A 83 5.64 -3.78 -7.11
C ALA A 83 4.50 -2.88 -6.64
N ILE A 84 4.66 -2.22 -5.53
CA ILE A 84 3.56 -1.33 -5.05
C ILE A 84 4.11 -0.16 -4.23
N GLU A 85 3.95 1.03 -4.73
CA GLU A 85 4.45 2.21 -4.00
C GLU A 85 3.53 2.52 -2.81
N ILE A 86 4.05 3.15 -1.79
CA ILE A 86 3.22 3.48 -0.62
C ILE A 86 3.87 4.59 0.21
N ASP A 87 3.11 5.61 0.55
CA ASP A 87 3.67 6.73 1.35
C ASP A 87 2.79 7.04 2.55
N ALA A 88 3.24 7.91 3.41
CA ALA A 88 2.41 8.28 4.58
C ALA A 88 2.69 9.72 5.03
N ALA A 89 3.89 10.20 4.81
CA ALA A 89 4.23 11.58 5.24
C ALA A 89 3.06 12.52 4.92
N GLU A 90 2.62 12.51 3.71
CA GLU A 90 1.47 13.38 3.33
C GLU A 90 0.36 13.18 4.35
N ALA A 91 -0.10 11.97 4.50
CA ALA A 91 -1.16 11.68 5.49
C ALA A 91 -0.72 12.21 6.85
N GLY A 92 0.56 12.20 7.10
CA GLY A 92 1.05 12.71 8.41
C GLY A 92 0.74 14.21 8.48
N GLU A 93 1.20 14.96 7.52
CA GLU A 93 0.92 16.43 7.53
C GLU A 93 -0.59 16.66 7.42
N LEU A 94 -1.32 15.64 7.06
CA LEU A 94 -2.80 15.78 6.95
C LEU A 94 -3.40 15.80 8.36
N LEU A 95 -3.16 14.77 9.12
CA LEU A 95 -3.73 14.75 10.50
C LEU A 95 -2.71 15.28 11.49
N GLY A 96 -1.44 15.02 11.29
CA GLY A 96 -0.43 15.55 12.24
C GLY A 96 0.95 15.55 11.59
N LYS A 97 1.52 14.39 11.40
CA LYS A 97 2.89 14.32 10.77
C LYS A 97 3.48 12.92 11.00
N PRO A 98 3.62 12.58 12.25
CA PRO A 98 4.18 11.25 12.61
C PRO A 98 3.20 10.15 12.22
N PHE A 99 1.96 10.49 11.98
CA PHE A 99 0.99 9.45 11.57
C PHE A 99 1.61 8.63 10.44
N SER A 100 2.10 9.32 9.45
CA SER A 100 2.73 8.66 8.27
C SER A 100 3.39 7.34 8.66
N VAL A 101 4.30 7.38 9.59
CA VAL A 101 5.00 6.14 9.98
C VAL A 101 4.22 5.33 11.02
N TYR A 102 3.84 5.91 12.13
CA TYR A 102 3.07 5.08 13.10
C TYR A 102 1.91 4.44 12.32
N ASP A 103 1.33 5.20 11.43
CA ASP A 103 0.22 4.67 10.59
C ASP A 103 0.71 3.44 9.83
N LEU A 104 1.86 3.51 9.20
CA LEU A 104 2.33 2.29 8.49
C LEU A 104 2.94 1.33 9.50
N LEU A 105 3.48 1.83 10.56
CA LEU A 105 4.05 0.91 11.59
C LEU A 105 3.01 -0.17 11.93
N ILE A 106 1.76 0.11 11.73
CA ILE A 106 0.70 -0.90 12.04
C ILE A 106 0.18 -1.54 10.76
N ASN A 107 0.05 -0.79 9.71
CA ASN A 107 -0.47 -1.36 8.43
C ASN A 107 0.68 -1.70 7.48
N VAL A 108 1.86 -1.22 7.73
CA VAL A 108 3.00 -1.52 6.82
C VAL A 108 3.32 -3.02 6.88
N SER A 109 2.73 -3.72 7.80
CA SER A 109 3.00 -5.19 7.91
C SER A 109 3.10 -5.82 6.53
N SER A 110 2.49 -5.22 5.53
CA SER A 110 2.58 -5.78 4.17
C SER A 110 3.98 -5.55 3.58
N THR A 111 4.92 -5.10 4.37
CA THR A 111 6.26 -4.84 3.79
C THR A 111 7.11 -6.13 3.80
N VAL A 112 6.48 -7.27 3.76
CA VAL A 112 7.27 -8.54 3.75
C VAL A 112 8.23 -8.54 2.56
N GLY A 113 7.97 -7.70 1.59
CA GLY A 113 8.86 -7.62 0.40
C GLY A 113 9.82 -6.44 0.57
N ARG A 114 10.48 -6.36 1.70
CA ARG A 114 11.46 -5.27 1.96
C ARG A 114 11.08 -3.99 1.21
N ALA A 115 10.40 -3.10 1.86
CA ALA A 115 9.99 -1.82 1.20
C ALA A 115 11.17 -0.87 1.04
N TYR A 116 11.43 -0.42 -0.16
CA TYR A 116 12.55 0.53 -0.36
C TYR A 116 12.15 1.87 0.25
N THR A 117 12.84 2.30 1.26
CA THR A 117 12.46 3.58 1.92
C THR A 117 12.94 4.79 1.13
N LEU A 118 12.40 5.94 1.44
CA LEU A 118 12.79 7.19 0.73
C LEU A 118 12.76 8.35 1.71
N GLY A 119 13.37 8.16 2.85
CA GLY A 119 13.37 9.25 3.86
C GLY A 119 11.96 9.46 4.38
N THR A 120 11.07 9.80 3.51
CA THR A 120 9.66 10.05 3.93
C THR A 120 8.69 9.05 3.27
N LYS A 121 9.10 8.40 2.20
CA LYS A 121 8.18 7.43 1.53
C LYS A 121 8.82 6.04 1.45
N PHE A 122 8.04 5.02 1.25
CA PHE A 122 8.63 3.65 1.14
C PHE A 122 8.00 2.92 -0.06
N THR A 123 8.61 1.87 -0.53
CA THR A 123 8.06 1.16 -1.69
C THR A 123 8.24 -0.36 -1.54
N ILE A 124 7.16 -1.09 -1.49
CA ILE A 124 7.26 -2.57 -1.35
C ILE A 124 7.41 -3.22 -2.73
N THR A 125 8.34 -4.12 -2.88
CA THR A 125 8.52 -4.78 -4.21
C THR A 125 9.21 -6.13 -4.05
N SER A 126 9.07 -7.00 -5.03
CA SER A 126 9.71 -8.34 -4.94
C SER A 126 11.18 -8.25 -5.37
N GLU A 127 11.44 -8.35 -6.64
CA GLU A 127 12.86 -8.26 -7.13
C GLU A 127 13.18 -6.83 -7.55
N LEU A 128 14.33 -6.63 -8.15
CA LEU A 128 14.72 -5.27 -8.58
C LEU A 128 13.54 -4.57 -9.27
N SER A 35 7.22 -16.78 -1.81
CA SER A 35 6.06 -15.85 -1.94
C SER A 35 6.20 -14.99 -3.21
N ASN A 36 7.40 -14.57 -3.51
CA ASN A 36 7.59 -13.72 -4.73
C ASN A 36 6.64 -12.53 -4.70
N ALA A 37 5.46 -12.68 -5.25
CA ALA A 37 4.49 -11.57 -5.27
C ALA A 37 4.54 -10.79 -3.95
N VAL A 38 4.09 -9.56 -3.95
CA VAL A 38 4.12 -8.76 -2.69
C VAL A 38 2.77 -8.09 -2.46
N VAL A 39 2.23 -8.21 -1.27
CA VAL A 39 0.91 -7.58 -0.98
C VAL A 39 1.10 -6.17 -0.44
N LEU A 40 0.04 -5.43 -0.36
CA LEU A 40 0.11 -4.06 0.20
C LEU A 40 -1.08 -3.93 1.16
N VAL A 41 -0.87 -3.41 2.32
CA VAL A 41 -1.99 -3.32 3.27
C VAL A 41 -2.01 -1.97 3.96
N LEU A 42 -3.12 -1.30 3.93
CA LEU A 42 -3.20 0.00 4.61
C LEU A 42 -4.46 0.04 5.47
N MET A 43 -4.78 1.15 6.06
CA MET A 43 -6.01 1.22 6.90
C MET A 43 -7.23 1.46 6.02
N LYS A 44 -8.39 1.11 6.51
CA LYS A 44 -9.64 1.30 5.71
C LYS A 44 -9.69 2.70 5.08
N SER A 45 -9.25 2.82 3.85
CA SER A 45 -9.29 4.15 3.17
C SER A 45 -10.71 4.46 2.68
N ASP A 46 -11.64 3.60 2.98
CA ASP A 46 -13.06 3.82 2.56
C ASP A 46 -13.23 3.79 1.02
N GLU A 47 -12.70 4.77 0.33
CA GLU A 47 -12.88 4.81 -1.16
C GLU A 47 -11.92 3.87 -1.90
N ILE A 48 -11.31 2.94 -1.24
CA ILE A 48 -10.37 2.04 -1.95
C ILE A 48 -11.09 1.20 -2.97
N ASP A 49 -11.90 0.28 -2.55
CA ASP A 49 -12.63 -0.56 -3.56
C ASP A 49 -13.03 0.33 -4.73
N ALA A 50 -13.29 1.59 -4.45
CA ALA A 50 -13.64 2.54 -5.54
C ALA A 50 -12.39 3.00 -6.26
N ILE A 51 -11.43 3.54 -5.55
CA ILE A 51 -10.20 3.98 -6.22
C ILE A 51 -9.37 2.77 -6.62
N ILE A 52 -9.24 1.79 -5.80
CA ILE A 52 -8.47 0.60 -6.25
C ILE A 52 -9.06 0.16 -7.57
N GLU A 53 -10.36 0.06 -7.61
CA GLU A 53 -11.02 -0.36 -8.86
C GLU A 53 -10.66 0.60 -10.00
N ASP A 54 -10.93 1.87 -9.84
CA ASP A 54 -10.63 2.85 -10.93
C ASP A 54 -9.16 3.22 -11.01
N ILE A 55 -8.42 3.02 -9.95
CA ILE A 55 -6.98 3.40 -9.98
C ILE A 55 -6.10 2.17 -10.08
N VAL A 56 -6.57 1.09 -9.54
CA VAL A 56 -5.74 -0.14 -9.50
C VAL A 56 -6.33 -1.27 -10.33
N LEU A 57 -7.61 -1.50 -10.28
CA LEU A 57 -8.17 -2.61 -11.09
C LEU A 57 -8.06 -2.27 -12.57
N LYS A 58 -8.13 -1.01 -12.89
CA LYS A 58 -8.00 -0.58 -14.31
C LYS A 58 -6.65 0.09 -14.53
N GLY A 59 -6.26 0.94 -13.62
CA GLY A 59 -4.95 1.64 -13.76
C GLY A 59 -3.83 0.75 -13.20
N GLY A 60 -4.04 0.13 -12.07
CA GLY A 60 -2.98 -0.74 -11.47
C GLY A 60 -2.80 -2.00 -12.32
N LYS A 61 -3.82 -2.83 -12.38
CA LYS A 61 -3.73 -4.10 -13.18
C LYS A 61 -3.46 -3.85 -14.67
N ALA A 62 -3.25 -2.63 -15.08
CA ALA A 62 -2.98 -2.35 -16.51
C ALA A 62 -1.79 -3.19 -16.95
N LYS A 63 -0.65 -2.92 -16.37
CA LYS A 63 0.58 -3.70 -16.70
C LYS A 63 0.64 -4.86 -15.72
N ASN A 64 -0.01 -4.68 -14.61
CA ASN A 64 -0.04 -5.72 -13.55
C ASN A 64 -0.85 -6.94 -14.02
N PRO A 65 -0.30 -8.09 -13.76
CA PRO A 65 -0.95 -9.37 -14.14
C PRO A 65 -2.27 -9.57 -13.39
N SER A 66 -2.30 -9.31 -12.11
CA SER A 66 -3.57 -9.48 -11.36
C SER A 66 -3.35 -9.14 -9.90
N ILE A 67 -3.95 -8.07 -9.52
CA ILE A 67 -3.81 -7.55 -8.16
C ILE A 67 -5.02 -7.91 -7.31
N VAL A 68 -4.80 -8.25 -6.07
CA VAL A 68 -5.94 -8.60 -5.17
C VAL A 68 -6.33 -7.39 -4.33
N VAL A 69 -7.60 -7.08 -4.26
CA VAL A 69 -8.02 -5.91 -3.44
C VAL A 69 -8.86 -6.36 -2.24
N GLU A 70 -8.22 -6.58 -1.12
CA GLU A 70 -8.97 -7.02 0.09
C GLU A 70 -9.49 -5.81 0.86
N ASP A 71 -10.49 -5.14 0.36
CA ASP A 71 -11.02 -3.95 1.09
C ASP A 71 -11.98 -4.37 2.21
N LYS A 72 -11.69 -4.00 3.43
CA LYS A 72 -12.59 -4.37 4.55
C LYS A 72 -12.87 -3.15 5.42
N ALA A 73 -14.10 -2.94 5.81
CA ALA A 73 -14.42 -1.76 6.66
C ALA A 73 -13.36 -1.59 7.75
N GLY A 74 -12.71 -2.67 8.13
CA GLY A 74 -11.66 -2.57 9.18
C GLY A 74 -10.36 -2.09 8.58
N PHE A 75 -9.95 -2.70 7.52
CA PHE A 75 -8.67 -2.30 6.86
C PHE A 75 -8.78 -2.45 5.34
N TRP A 76 -7.96 -1.75 4.62
CA TRP A 76 -8.01 -1.83 3.13
C TRP A 76 -6.75 -2.57 2.65
N TRP A 77 -6.79 -3.87 2.61
CA TRP A 77 -5.59 -4.66 2.19
C TRP A 77 -5.55 -4.80 0.66
N ILE A 78 -4.47 -4.40 0.04
CA ILE A 78 -4.36 -4.55 -1.44
C ILE A 78 -3.22 -5.51 -1.76
N LYS A 79 -3.22 -6.08 -2.93
CA LYS A 79 -2.13 -7.04 -3.28
C LYS A 79 -1.70 -6.85 -4.72
N ALA A 80 -0.43 -7.01 -4.98
CA ALA A 80 0.07 -6.85 -6.37
C ALA A 80 1.31 -7.72 -6.57
N ASP A 81 1.43 -8.36 -7.69
CA ASP A 81 2.63 -9.21 -7.94
C ASP A 81 3.72 -8.42 -8.65
N GLY A 82 4.16 -7.33 -8.06
CA GLY A 82 5.21 -6.52 -8.69
C GLY A 82 5.74 -5.49 -7.68
N ALA A 83 6.44 -4.50 -8.14
CA ALA A 83 6.97 -3.47 -7.20
C ALA A 83 5.82 -2.62 -6.65
N ILE A 84 5.77 -2.47 -5.35
CA ILE A 84 4.67 -1.66 -4.75
C ILE A 84 5.26 -0.56 -3.88
N GLU A 85 4.50 0.47 -3.59
CA GLU A 85 5.02 1.56 -2.75
C GLU A 85 4.06 1.92 -1.63
N ILE A 86 4.56 2.50 -0.58
CA ILE A 86 3.73 2.92 0.57
C ILE A 86 4.03 4.39 0.88
N ASP A 87 3.15 5.07 1.56
CA ASP A 87 3.42 6.51 1.88
C ASP A 87 2.65 6.97 3.10
N ALA A 88 3.14 7.98 3.76
CA ALA A 88 2.41 8.51 4.94
C ALA A 88 2.70 10.01 5.15
N ALA A 89 3.82 10.50 4.68
CA ALA A 89 4.14 11.95 4.87
C ALA A 89 2.91 12.80 4.66
N GLU A 90 2.24 12.62 3.56
CA GLU A 90 1.02 13.41 3.30
C GLU A 90 0.12 13.38 4.53
N ALA A 91 0.08 12.25 5.18
CA ALA A 91 -0.75 12.13 6.41
C ALA A 91 0.07 12.59 7.60
N GLY A 92 1.24 12.04 7.78
CA GLY A 92 2.11 12.47 8.91
C GLY A 92 2.21 13.99 8.88
N GLU A 93 2.31 14.54 7.71
CA GLU A 93 2.38 16.02 7.59
C GLU A 93 0.98 16.58 7.81
N LEU A 94 -0.02 15.87 7.39
CA LEU A 94 -1.41 16.33 7.62
C LEU A 94 -1.54 16.68 9.09
N LEU A 95 -1.46 15.69 9.93
CA LEU A 95 -1.53 15.95 11.39
C LEU A 95 -0.19 16.52 11.81
N GLY A 96 0.85 15.77 11.59
CA GLY A 96 2.21 16.28 11.95
C GLY A 96 2.78 15.48 13.11
N LYS A 97 2.19 14.36 13.39
CA LYS A 97 2.68 13.52 14.50
C LYS A 97 3.43 12.33 13.89
N PRO A 98 3.72 11.32 14.67
CA PRO A 98 4.39 10.13 14.10
C PRO A 98 3.45 9.42 13.14
N PHE A 99 2.26 9.93 12.98
CA PHE A 99 1.29 9.29 12.06
C PHE A 99 2.00 8.72 10.84
N SER A 100 2.57 9.58 10.04
CA SER A 100 3.28 9.13 8.81
C SER A 100 3.87 7.73 8.99
N VAL A 101 4.92 7.64 9.74
CA VAL A 101 5.57 6.33 9.92
C VAL A 101 4.83 5.42 10.90
N TYR A 102 4.49 5.87 12.06
CA TYR A 102 3.76 4.95 12.98
C TYR A 102 2.58 4.36 12.22
N ASP A 103 1.89 5.19 11.48
CA ASP A 103 0.73 4.70 10.70
C ASP A 103 1.17 3.64 9.69
N LEU A 104 2.30 3.80 9.06
CA LEU A 104 2.71 2.75 8.09
C LEU A 104 3.39 1.61 8.86
N LEU A 105 4.19 1.91 9.84
CA LEU A 105 4.84 0.82 10.62
C LEU A 105 3.80 -0.19 11.11
N ILE A 106 2.55 0.20 11.15
CA ILE A 106 1.50 -0.72 11.63
C ILE A 106 0.72 -1.29 10.44
N ASN A 107 0.40 -0.47 9.49
CA ASN A 107 -0.35 -0.97 8.31
C ASN A 107 0.62 -1.48 7.24
N VAL A 108 1.89 -1.18 7.37
CA VAL A 108 2.87 -1.67 6.36
C VAL A 108 2.94 -3.20 6.39
N SER A 109 2.26 -3.81 7.32
CA SER A 109 2.28 -5.30 7.43
C SER A 109 2.39 -5.97 6.06
N SER A 110 1.90 -5.35 5.03
CA SER A 110 2.01 -5.97 3.69
C SER A 110 3.44 -5.84 3.15
N THR A 111 4.40 -5.54 3.99
CA THR A 111 5.78 -5.40 3.45
C THR A 111 6.20 -6.69 2.77
N VAL A 112 6.36 -7.75 3.52
CA VAL A 112 6.78 -9.04 2.92
C VAL A 112 8.18 -8.91 2.30
N GLY A 113 8.32 -8.14 1.26
CA GLY A 113 9.66 -7.96 0.64
C GLY A 113 10.32 -6.71 1.22
N ARG A 114 10.39 -6.63 2.53
CA ARG A 114 11.03 -5.47 3.19
C ARG A 114 10.55 -4.15 2.57
N ALA A 115 10.98 -3.04 3.10
CA ALA A 115 10.51 -1.72 2.55
C ALA A 115 11.59 -0.65 2.71
N TYR A 116 12.10 -0.15 1.61
CA TYR A 116 13.13 0.92 1.70
C TYR A 116 12.44 2.25 2.04
N THR A 117 12.69 2.77 3.21
CA THR A 117 12.01 4.05 3.59
C THR A 117 12.71 5.24 2.95
N LEU A 118 11.98 6.06 2.23
CA LEU A 118 12.59 7.25 1.59
C LEU A 118 12.47 8.46 2.51
N GLY A 119 12.86 8.31 3.74
CA GLY A 119 12.76 9.47 4.69
C GLY A 119 11.30 9.80 4.93
N THR A 120 10.61 10.12 3.88
CA THR A 120 9.17 10.46 4.01
C THR A 120 8.29 9.44 3.28
N LYS A 121 8.89 8.55 2.54
CA LYS A 121 8.07 7.55 1.80
C LYS A 121 8.46 6.11 2.16
N PHE A 122 7.93 5.18 1.43
CA PHE A 122 8.20 3.73 1.68
C PHE A 122 8.38 3.03 0.32
N THR A 123 9.21 2.02 0.24
CA THR A 123 9.39 1.35 -1.07
C THR A 123 9.49 -0.16 -0.88
N ILE A 124 8.62 -0.91 -1.50
CA ILE A 124 8.68 -2.40 -1.36
C ILE A 124 8.92 -3.04 -2.73
N THR A 125 9.69 -4.09 -2.78
CA THR A 125 9.97 -4.75 -4.08
C THR A 125 10.08 -6.28 -3.90
N SER A 126 9.50 -7.03 -4.79
CA SER A 126 9.57 -8.51 -4.67
C SER A 126 11.02 -8.99 -4.70
N GLU A 127 11.56 -9.17 -5.87
CA GLU A 127 12.98 -9.64 -5.96
C GLU A 127 13.92 -8.62 -5.32
N LEU A 128 15.17 -8.97 -5.17
CA LEU A 128 16.16 -8.05 -4.55
C LEU A 128 16.04 -6.64 -5.15
N SER A 35 5.06 -15.84 0.35
CA SER A 35 6.28 -15.19 -0.20
C SER A 35 6.05 -14.77 -1.65
N ASN A 36 7.09 -14.61 -2.41
CA ASN A 36 6.92 -14.19 -3.84
C ASN A 36 5.91 -13.04 -3.94
N ALA A 37 4.68 -13.33 -4.30
CA ALA A 37 3.66 -12.26 -4.42
C ALA A 37 3.82 -11.23 -3.30
N VAL A 38 3.59 -9.98 -3.58
CA VAL A 38 3.74 -8.93 -2.53
C VAL A 38 2.37 -8.41 -2.09
N VAL A 39 2.17 -8.22 -0.81
CA VAL A 39 0.86 -7.70 -0.34
C VAL A 39 1.02 -6.30 0.24
N LEU A 40 0.13 -5.41 -0.09
CA LEU A 40 0.20 -4.05 0.50
C LEU A 40 -0.90 -3.96 1.55
N VAL A 41 -0.67 -3.32 2.65
CA VAL A 41 -1.72 -3.29 3.68
C VAL A 41 -1.79 -1.95 4.40
N LEU A 42 -2.95 -1.35 4.45
CA LEU A 42 -3.12 -0.08 5.16
C LEU A 42 -4.31 -0.19 6.11
N MET A 43 -4.75 0.90 6.66
CA MET A 43 -5.93 0.83 7.58
C MET A 43 -7.19 1.34 6.86
N LYS A 44 -8.34 1.11 7.43
CA LYS A 44 -9.60 1.56 6.78
C LYS A 44 -9.53 3.03 6.39
N SER A 45 -9.32 3.31 5.13
CA SER A 45 -9.24 4.73 4.68
C SER A 45 -10.64 5.26 4.35
N ASP A 46 -10.91 5.62 3.12
CA ASP A 46 -12.27 6.14 2.79
C ASP A 46 -12.71 5.66 1.41
N GLU A 47 -12.17 6.24 0.36
CA GLU A 47 -12.57 5.83 -1.02
C GLU A 47 -11.59 4.80 -1.57
N ILE A 48 -11.09 3.95 -0.72
CA ILE A 48 -10.11 2.94 -1.18
C ILE A 48 -10.64 2.16 -2.35
N ASP A 49 -11.65 1.39 -2.14
CA ASP A 49 -12.22 0.61 -3.27
C ASP A 49 -12.26 1.49 -4.52
N ALA A 50 -12.62 2.74 -4.35
CA ALA A 50 -12.66 3.68 -5.50
C ALA A 50 -11.25 4.08 -5.90
N ILE A 51 -10.43 4.51 -4.99
CA ILE A 51 -9.07 4.88 -5.37
C ILE A 51 -8.28 3.63 -5.70
N ILE A 52 -8.27 2.62 -4.87
CA ILE A 52 -7.51 1.39 -5.27
C ILE A 52 -7.88 1.04 -6.70
N GLU A 53 -9.11 1.24 -7.05
CA GLU A 53 -9.53 0.95 -8.44
C GLU A 53 -8.81 1.88 -9.41
N ASP A 54 -9.05 3.16 -9.30
CA ASP A 54 -8.39 4.12 -10.25
C ASP A 54 -6.95 4.42 -9.83
N ILE A 55 -6.59 4.00 -8.66
CA ILE A 55 -5.21 4.25 -8.15
C ILE A 55 -4.39 2.97 -8.18
N VAL A 56 -5.02 1.85 -7.96
CA VAL A 56 -4.28 0.57 -7.92
C VAL A 56 -4.72 -0.40 -9.02
N LEU A 57 -6.00 -0.56 -9.26
CA LEU A 57 -6.40 -1.51 -10.34
C LEU A 57 -5.84 -1.01 -11.66
N LYS A 58 -5.89 0.27 -11.87
CA LYS A 58 -5.35 0.85 -13.13
C LYS A 58 -3.89 1.26 -12.90
N GLY A 59 -3.62 1.88 -11.78
CA GLY A 59 -2.23 2.32 -11.49
C GLY A 59 -1.37 1.12 -11.10
N GLY A 60 -1.83 0.31 -10.17
CA GLY A 60 -1.02 -0.87 -9.75
C GLY A 60 -0.98 -1.90 -10.88
N LYS A 61 -2.13 -2.39 -11.28
CA LYS A 61 -2.20 -3.42 -12.38
C LYS A 61 -1.72 -2.87 -13.74
N ALA A 62 -1.13 -1.70 -13.78
CA ALA A 62 -0.65 -1.16 -15.07
C ALA A 62 0.19 -2.23 -15.76
N LYS A 63 1.28 -2.58 -15.16
CA LYS A 63 2.16 -3.63 -15.72
C LYS A 63 1.88 -4.92 -14.95
N ASN A 64 1.26 -4.76 -13.81
CA ASN A 64 0.92 -5.92 -12.94
C ASN A 64 -0.15 -6.79 -13.60
N PRO A 65 0.08 -8.07 -13.50
CA PRO A 65 -0.84 -9.09 -14.08
C PRO A 65 -2.24 -9.05 -13.47
N SER A 66 -2.36 -8.91 -12.17
CA SER A 66 -3.71 -8.87 -11.55
C SER A 66 -3.58 -8.71 -10.05
N ILE A 67 -4.02 -7.59 -9.62
CA ILE A 67 -3.94 -7.23 -8.21
C ILE A 67 -5.28 -7.40 -7.51
N VAL A 68 -5.26 -7.74 -6.25
CA VAL A 68 -6.53 -7.91 -5.50
C VAL A 68 -6.70 -6.79 -4.47
N VAL A 69 -7.91 -6.46 -4.11
CA VAL A 69 -8.12 -5.40 -3.10
C VAL A 69 -8.83 -5.98 -1.87
N GLU A 70 -8.12 -6.19 -0.81
CA GLU A 70 -8.74 -6.77 0.42
C GLU A 70 -9.40 -5.68 1.26
N ASP A 71 -10.42 -5.05 0.76
CA ASP A 71 -11.10 -3.98 1.56
C ASP A 71 -12.25 -4.58 2.36
N LYS A 72 -12.17 -4.50 3.67
CA LYS A 72 -13.27 -5.07 4.52
C LYS A 72 -13.42 -4.24 5.80
N ALA A 73 -14.62 -4.06 6.25
CA ALA A 73 -14.85 -3.26 7.50
C ALA A 73 -13.80 -3.65 8.56
N GLY A 74 -12.74 -2.90 8.65
CA GLY A 74 -11.69 -3.23 9.65
C GLY A 74 -10.34 -2.73 9.14
N PHE A 75 -9.94 -3.20 8.00
CA PHE A 75 -8.64 -2.78 7.42
C PHE A 75 -8.75 -2.60 5.91
N TRP A 76 -7.81 -1.92 5.32
CA TRP A 76 -7.84 -1.68 3.85
C TRP A 76 -6.60 -2.34 3.23
N TRP A 77 -6.61 -3.64 3.11
CA TRP A 77 -5.44 -4.37 2.54
C TRP A 77 -5.60 -4.65 1.05
N ILE A 78 -4.52 -4.68 0.32
CA ILE A 78 -4.59 -4.98 -1.12
C ILE A 78 -3.33 -5.75 -1.54
N LYS A 79 -3.50 -6.84 -2.23
CA LYS A 79 -2.32 -7.65 -2.65
C LYS A 79 -1.89 -7.29 -4.07
N ALA A 80 -0.68 -7.61 -4.42
CA ALA A 80 -0.19 -7.30 -5.79
C ALA A 80 0.85 -8.33 -6.23
N ASP A 81 0.83 -8.74 -7.47
CA ASP A 81 1.81 -9.75 -7.95
C ASP A 81 2.85 -9.07 -8.84
N GLY A 82 3.43 -8.00 -8.37
CA GLY A 82 4.44 -7.28 -9.17
C GLY A 82 5.10 -6.22 -8.29
N ALA A 83 4.86 -4.97 -8.56
CA ALA A 83 5.47 -3.89 -7.73
C ALA A 83 4.38 -2.99 -7.16
N ILE A 84 4.56 -2.52 -5.96
CA ILE A 84 3.53 -1.63 -5.34
C ILE A 84 4.21 -0.55 -4.50
N GLU A 85 3.52 0.54 -4.21
CA GLU A 85 4.14 1.61 -3.43
C GLU A 85 3.28 2.04 -2.23
N ILE A 86 3.82 1.95 -1.06
CA ILE A 86 3.08 2.34 0.17
C ILE A 86 3.10 3.87 0.31
N ASP A 87 2.26 4.42 1.15
CA ASP A 87 2.26 5.91 1.33
C ASP A 87 1.70 6.32 2.68
N ALA A 88 2.31 7.29 3.29
CA ALA A 88 1.78 7.76 4.59
C ALA A 88 2.12 9.24 4.82
N ALA A 89 3.25 9.67 4.33
CA ALA A 89 3.66 11.09 4.54
C ALA A 89 2.49 12.02 4.28
N GLU A 90 1.86 11.88 3.14
CA GLU A 90 0.69 12.76 2.84
C GLU A 90 -0.36 12.56 3.94
N ALA A 91 -0.60 11.34 4.31
CA ALA A 91 -1.59 11.06 5.38
C ALA A 91 -1.07 11.62 6.70
N GLY A 92 0.22 11.58 6.91
CA GLY A 92 0.79 12.12 8.17
C GLY A 92 0.64 13.64 8.16
N GLU A 93 1.17 14.28 7.16
CA GLU A 93 1.06 15.76 7.08
C GLU A 93 -0.42 16.16 7.14
N LEU A 94 -1.29 15.23 6.87
CA LEU A 94 -2.76 15.51 6.90
C LEU A 94 -3.27 15.51 8.34
N LEU A 95 -3.17 14.42 9.03
CA LEU A 95 -3.66 14.41 10.45
C LEU A 95 -2.63 15.10 11.33
N GLY A 96 -1.37 14.77 11.15
CA GLY A 96 -0.33 15.43 11.97
C GLY A 96 0.93 15.58 11.13
N LYS A 97 1.63 14.51 10.92
CA LYS A 97 2.88 14.56 10.10
C LYS A 97 3.66 13.26 10.30
N PRO A 98 3.96 12.97 11.55
CA PRO A 98 4.71 11.74 11.89
C PRO A 98 3.83 10.50 11.73
N PHE A 99 2.53 10.67 11.75
CA PHE A 99 1.63 9.50 11.59
C PHE A 99 2.06 8.69 10.37
N SER A 100 2.23 9.38 9.26
CA SER A 100 2.63 8.72 7.99
C SER A 100 3.51 7.50 8.26
N VAL A 101 4.70 7.74 8.72
CA VAL A 101 5.62 6.60 8.95
C VAL A 101 5.19 5.70 10.12
N TYR A 102 5.02 6.23 11.30
CA TYR A 102 4.62 5.34 12.44
C TYR A 102 3.44 4.48 12.02
N ASP A 103 2.61 5.00 11.17
CA ASP A 103 1.45 4.21 10.69
C ASP A 103 1.96 3.21 9.67
N LEU A 104 3.01 3.58 9.00
CA LEU A 104 3.60 2.69 7.99
C LEU A 104 4.16 1.44 8.69
N LEU A 105 4.92 1.62 9.74
CA LEU A 105 5.47 0.42 10.43
C LEU A 105 4.34 -0.40 11.05
N ILE A 106 3.21 0.22 11.30
CA ILE A 106 2.09 -0.54 11.90
C ILE A 106 1.12 -1.00 10.79
N ASN A 107 1.13 -0.34 9.66
CA ASN A 107 0.22 -0.73 8.56
C ASN A 107 1.01 -1.39 7.41
N VAL A 108 2.24 -1.03 7.24
CA VAL A 108 3.04 -1.64 6.14
C VAL A 108 3.36 -3.12 6.43
N SER A 109 2.90 -3.61 7.55
CA SER A 109 3.17 -5.03 7.93
C SER A 109 3.17 -5.95 6.72
N SER A 110 2.45 -5.62 5.69
CA SER A 110 2.44 -6.51 4.50
C SER A 110 3.71 -6.30 3.66
N THR A 111 4.81 -5.99 4.28
CA THR A 111 6.07 -5.79 3.49
C THR A 111 6.86 -7.09 3.47
N VAL A 112 6.19 -8.19 3.25
CA VAL A 112 6.88 -9.51 3.22
C VAL A 112 7.94 -9.55 2.12
N GLY A 113 7.67 -8.95 1.00
CA GLY A 113 8.66 -8.97 -0.11
C GLY A 113 9.80 -7.98 0.19
N ARG A 114 9.55 -6.71 0.04
CA ARG A 114 10.58 -5.71 0.30
C ARG A 114 9.97 -4.44 0.90
N ALA A 115 10.73 -3.38 1.02
CA ALA A 115 10.17 -2.13 1.58
C ALA A 115 11.10 -0.95 1.31
N TYR A 116 11.13 -0.47 0.09
CA TYR A 116 12.00 0.69 -0.24
C TYR A 116 11.32 1.99 0.20
N THR A 117 11.95 2.76 1.05
CA THR A 117 11.33 4.03 1.51
C THR A 117 11.60 5.16 0.51
N LEU A 118 10.77 6.16 0.51
CA LEU A 118 10.97 7.30 -0.44
C LEU A 118 10.97 8.61 0.32
N GLY A 119 11.53 8.65 1.49
CA GLY A 119 11.55 9.92 2.27
C GLY A 119 10.12 10.23 2.71
N THR A 120 9.25 10.38 1.76
CA THR A 120 7.83 10.69 2.07
C THR A 120 6.94 9.52 1.63
N LYS A 121 7.48 8.62 0.85
CA LYS A 121 6.67 7.47 0.37
C LYS A 121 7.31 6.14 0.80
N PHE A 122 6.86 5.07 0.24
CA PHE A 122 7.42 3.73 0.60
C PHE A 122 7.22 2.80 -0.59
N THR A 123 7.88 1.68 -0.64
CA THR A 123 7.70 0.79 -1.81
C THR A 123 7.92 -0.67 -1.40
N ILE A 124 7.30 -1.58 -2.09
CA ILE A 124 7.45 -3.01 -1.75
C ILE A 124 7.52 -3.83 -3.05
N THR A 125 8.29 -4.88 -3.07
CA THR A 125 8.38 -5.70 -4.32
C THR A 125 8.40 -7.19 -3.99
N SER A 126 8.35 -8.02 -4.99
CA SER A 126 8.35 -9.49 -4.73
C SER A 126 9.72 -10.10 -5.05
N GLU A 127 9.87 -10.72 -6.18
CA GLU A 127 11.20 -11.32 -6.53
C GLU A 127 12.14 -10.26 -7.11
N LEU A 128 13.35 -10.22 -6.62
CA LEU A 128 14.34 -9.21 -7.09
C LEU A 128 14.16 -8.88 -8.59
N SER A 35 7.31 -18.21 -4.37
CA SER A 35 6.27 -17.16 -4.17
C SER A 35 6.93 -15.78 -4.04
N ASN A 36 6.71 -14.92 -4.99
CA ASN A 36 7.33 -13.56 -4.92
C ASN A 36 6.24 -12.49 -4.74
N ALA A 37 5.11 -12.68 -5.36
CA ALA A 37 4.01 -11.68 -5.24
C ALA A 37 3.93 -11.14 -3.81
N VAL A 38 3.62 -9.88 -3.66
CA VAL A 38 3.53 -9.28 -2.30
C VAL A 38 2.16 -8.64 -2.08
N VAL A 39 1.97 -7.98 -0.97
CA VAL A 39 0.66 -7.33 -0.71
C VAL A 39 0.83 -6.07 0.13
N LEU A 40 0.30 -4.97 -0.33
CA LEU A 40 0.40 -3.73 0.48
C LEU A 40 -0.81 -3.68 1.41
N VAL A 41 -0.58 -3.50 2.68
CA VAL A 41 -1.73 -3.50 3.61
C VAL A 41 -1.82 -2.19 4.38
N LEU A 42 -2.89 -1.47 4.19
CA LEU A 42 -3.04 -0.21 4.93
C LEU A 42 -4.32 -0.28 5.79
N MET A 43 -4.42 0.54 6.81
CA MET A 43 -5.64 0.47 7.68
C MET A 43 -6.70 1.46 7.21
N LYS A 44 -6.72 1.79 5.95
CA LYS A 44 -7.75 2.74 5.43
C LYS A 44 -9.03 1.98 5.05
N SER A 45 -9.12 1.54 3.81
CA SER A 45 -10.33 0.79 3.35
C SER A 45 -11.50 1.74 3.08
N ASP A 46 -11.29 2.68 2.21
CA ASP A 46 -12.37 3.65 1.87
C ASP A 46 -12.03 4.31 0.53
N GLU A 47 -11.34 5.42 0.57
CA GLU A 47 -10.96 6.11 -0.67
C GLU A 47 -10.20 5.17 -1.60
N ILE A 48 -9.53 4.19 -1.06
CA ILE A 48 -8.74 3.31 -1.95
C ILE A 48 -9.58 2.35 -2.76
N ASP A 49 -10.46 1.61 -2.14
CA ASP A 49 -11.32 0.71 -2.96
C ASP A 49 -11.77 1.50 -4.19
N ALA A 50 -11.89 2.79 -4.02
CA ALA A 50 -12.28 3.68 -5.15
C ALA A 50 -11.07 3.94 -6.03
N ILE A 51 -9.98 4.44 -5.49
CA ILE A 51 -8.83 4.66 -6.37
C ILE A 51 -8.32 3.31 -6.83
N ILE A 52 -8.15 2.34 -5.96
CA ILE A 52 -7.73 1.00 -6.46
C ILE A 52 -8.55 0.67 -7.70
N GLU A 53 -9.80 1.00 -7.65
CA GLU A 53 -10.67 0.75 -8.82
C GLU A 53 -10.18 1.57 -10.03
N ASP A 54 -10.30 2.87 -9.96
CA ASP A 54 -9.85 3.71 -11.12
C ASP A 54 -8.33 3.82 -11.19
N ILE A 55 -7.67 3.37 -10.17
CA ILE A 55 -6.18 3.46 -10.13
C ILE A 55 -5.53 2.08 -10.33
N VAL A 56 -6.16 1.06 -9.84
CA VAL A 56 -5.58 -0.30 -9.92
C VAL A 56 -6.44 -1.26 -10.77
N LEU A 57 -7.74 -1.25 -10.60
CA LEU A 57 -8.58 -2.18 -11.41
C LEU A 57 -8.07 -2.20 -12.85
N LYS A 58 -8.00 -1.04 -13.44
CA LYS A 58 -7.48 -0.94 -14.83
C LYS A 58 -5.97 -0.71 -14.77
N GLY A 59 -5.54 0.22 -13.97
CA GLY A 59 -4.08 0.48 -13.84
C GLY A 59 -3.35 -0.84 -13.62
N GLY A 60 -3.80 -1.62 -12.68
CA GLY A 60 -3.12 -2.92 -12.42
C GLY A 60 -3.64 -4.00 -13.39
N LYS A 61 -4.17 -3.61 -14.51
CA LYS A 61 -4.70 -4.61 -15.49
C LYS A 61 -3.76 -4.72 -16.70
N ALA A 62 -2.80 -3.84 -16.82
CA ALA A 62 -1.88 -3.90 -17.98
C ALA A 62 -0.62 -4.67 -17.61
N LYS A 63 0.33 -4.00 -17.03
CA LYS A 63 1.58 -4.70 -16.62
C LYS A 63 1.28 -5.62 -15.45
N ASN A 64 0.35 -5.21 -14.64
CA ASN A 64 -0.05 -6.02 -13.46
C ASN A 64 -0.86 -7.25 -13.91
N PRO A 65 -0.34 -8.39 -13.60
CA PRO A 65 -1.00 -9.68 -13.96
C PRO A 65 -2.34 -9.83 -13.23
N SER A 66 -2.39 -9.50 -11.97
CA SER A 66 -3.68 -9.61 -11.23
C SER A 66 -3.47 -9.21 -9.79
N ILE A 67 -4.06 -8.13 -9.47
CA ILE A 67 -3.93 -7.55 -8.13
C ILE A 67 -5.18 -7.82 -7.30
N VAL A 68 -4.99 -8.27 -6.09
CA VAL A 68 -6.18 -8.54 -5.22
C VAL A 68 -6.51 -7.30 -4.37
N VAL A 69 -7.66 -6.71 -4.59
CA VAL A 69 -8.02 -5.51 -3.80
C VAL A 69 -8.87 -5.92 -2.58
N GLU A 70 -8.25 -6.07 -1.45
CA GLU A 70 -9.00 -6.47 -0.23
C GLU A 70 -9.49 -5.23 0.54
N ASP A 71 -10.66 -5.30 1.11
CA ASP A 71 -11.18 -4.13 1.89
C ASP A 71 -11.89 -4.62 3.15
N LYS A 72 -11.29 -4.40 4.29
CA LYS A 72 -11.93 -4.88 5.56
C LYS A 72 -12.11 -3.72 6.55
N ALA A 73 -12.41 -4.02 7.78
CA ALA A 73 -12.60 -2.94 8.80
C ALA A 73 -11.39 -2.01 8.82
N GLY A 74 -11.54 -0.82 8.31
CA GLY A 74 -10.40 0.14 8.30
C GLY A 74 -9.12 -0.58 7.89
N PHE A 75 -9.22 -1.37 6.88
CA PHE A 75 -8.02 -2.12 6.40
C PHE A 75 -8.03 -2.28 4.87
N TRP A 76 -7.52 -1.31 4.16
CA TRP A 76 -7.48 -1.42 2.67
C TRP A 76 -6.27 -2.29 2.27
N TRP A 77 -6.45 -3.59 2.21
CA TRP A 77 -5.31 -4.50 1.86
C TRP A 77 -5.24 -4.73 0.35
N ILE A 78 -4.12 -4.46 -0.26
CA ILE A 78 -4.00 -4.71 -1.73
C ILE A 78 -2.93 -5.76 -2.00
N LYS A 79 -3.17 -6.60 -2.96
CA LYS A 79 -2.17 -7.65 -3.29
C LYS A 79 -1.77 -7.54 -4.77
N ALA A 80 -0.50 -7.36 -5.03
CA ALA A 80 -0.05 -7.24 -6.43
C ALA A 80 1.11 -8.19 -6.69
N ASP A 81 1.18 -8.78 -7.85
CA ASP A 81 2.30 -9.73 -8.16
C ASP A 81 3.49 -8.95 -8.72
N GLY A 82 3.88 -7.90 -8.06
CA GLY A 82 5.02 -7.10 -8.53
C GLY A 82 5.40 -6.08 -7.45
N ALA A 83 6.15 -5.06 -7.81
CA ALA A 83 6.54 -4.05 -6.81
C ALA A 83 5.33 -3.18 -6.45
N ILE A 84 5.33 -2.61 -5.28
CA ILE A 84 4.17 -1.75 -4.88
C ILE A 84 4.67 -0.48 -4.19
N GLU A 85 3.89 0.56 -4.21
CA GLU A 85 4.32 1.81 -3.55
C GLU A 85 3.33 2.23 -2.47
N ILE A 86 3.79 2.98 -1.52
CA ILE A 86 2.91 3.44 -0.43
C ILE A 86 3.55 4.65 0.28
N ASP A 87 2.75 5.56 0.76
CA ASP A 87 3.32 6.76 1.44
C ASP A 87 2.75 6.93 2.85
N ALA A 88 3.26 7.91 3.54
CA ALA A 88 2.75 8.16 4.91
C ALA A 88 2.61 9.69 5.17
N ALA A 89 3.21 10.51 4.34
CA ALA A 89 3.12 11.99 4.53
C ALA A 89 1.67 12.42 4.77
N GLU A 90 0.75 11.92 3.99
CA GLU A 90 -0.68 12.32 4.19
C GLU A 90 -1.06 12.15 5.67
N ALA A 91 -0.53 11.13 6.30
CA ALA A 91 -0.85 10.94 7.74
C ALA A 91 -0.20 12.07 8.55
N GLY A 92 0.90 12.57 8.09
CA GLY A 92 1.56 13.68 8.84
C GLY A 92 0.69 14.91 8.73
N GLU A 93 0.49 15.39 7.54
CA GLU A 93 -0.39 16.58 7.35
C GLU A 93 -1.64 16.37 8.19
N LEU A 94 -2.00 15.13 8.40
CA LEU A 94 -3.19 14.81 9.24
C LEU A 94 -2.88 15.18 10.70
N LEU A 95 -2.03 14.45 11.35
CA LEU A 95 -1.68 14.78 12.77
C LEU A 95 -0.36 15.55 12.79
N GLY A 96 0.61 15.07 12.08
CA GLY A 96 1.94 15.77 12.03
C GLY A 96 2.91 15.22 13.07
N LYS A 97 3.10 13.93 13.11
CA LYS A 97 4.06 13.33 14.12
C LYS A 97 4.79 12.10 13.49
N PRO A 98 4.94 10.96 14.17
CA PRO A 98 5.60 9.80 13.50
C PRO A 98 4.65 9.23 12.45
N PHE A 99 3.50 9.83 12.32
CA PHE A 99 2.48 9.42 11.33
C PHE A 99 3.11 8.71 10.13
N SER A 100 4.21 9.22 9.67
CA SER A 100 4.82 8.61 8.48
C SER A 100 5.06 7.14 8.74
N VAL A 101 5.87 6.89 9.71
CA VAL A 101 6.21 5.52 10.06
C VAL A 101 5.25 4.89 11.07
N TYR A 102 4.84 5.60 12.09
CA TYR A 102 3.88 4.97 13.02
C TYR A 102 2.72 4.43 12.19
N ASP A 103 2.27 5.20 11.23
CA ASP A 103 1.16 4.76 10.35
C ASP A 103 1.57 3.49 9.60
N LEU A 104 2.74 3.45 8.97
CA LEU A 104 3.06 2.19 8.26
C LEU A 104 3.43 1.10 9.28
N LEU A 105 4.17 1.43 10.30
CA LEU A 105 4.54 0.38 11.32
C LEU A 105 3.28 -0.33 11.80
N ILE A 106 2.13 0.25 11.61
CA ILE A 106 0.88 -0.40 12.09
C ILE A 106 0.25 -1.23 10.97
N ASN A 107 0.09 -0.66 9.80
CA ASN A 107 -0.53 -1.43 8.69
C ASN A 107 0.52 -1.98 7.72
N VAL A 108 1.75 -1.55 7.83
CA VAL A 108 2.78 -2.09 6.89
C VAL A 108 2.98 -3.59 7.14
N SER A 109 2.37 -4.12 8.17
CA SER A 109 2.52 -5.57 8.50
C SER A 109 2.67 -6.42 7.23
N SER A 110 2.08 -6.03 6.16
CA SER A 110 2.24 -6.84 4.92
C SER A 110 3.52 -6.43 4.21
N THR A 111 4.49 -5.96 4.95
CA THR A 111 5.76 -5.52 4.30
C THR A 111 6.47 -6.72 3.66
N VAL A 112 6.39 -7.87 4.28
CA VAL A 112 7.08 -9.06 3.69
C VAL A 112 8.55 -8.74 3.41
N GLY A 113 8.84 -8.22 2.24
CA GLY A 113 10.26 -7.87 1.93
C GLY A 113 10.55 -6.46 2.44
N ARG A 114 10.31 -6.23 3.70
CA ARG A 114 10.58 -4.90 4.30
C ARG A 114 10.05 -3.77 3.41
N ALA A 115 10.16 -2.54 3.85
CA ALA A 115 9.65 -1.40 3.03
C ALA A 115 10.71 -0.31 2.90
N TYR A 116 11.19 -0.09 1.71
CA TYR A 116 12.21 0.97 1.51
C TYR A 116 11.56 2.33 1.72
N THR A 117 12.02 3.10 2.65
CA THR A 117 11.40 4.44 2.89
C THR A 117 11.87 5.46 1.85
N LEU A 118 11.37 6.66 1.94
CA LEU A 118 11.76 7.71 0.96
C LEU A 118 11.53 9.09 1.56
N GLY A 119 12.19 9.39 2.64
CA GLY A 119 12.05 10.73 3.27
C GLY A 119 10.61 10.93 3.74
N THR A 120 9.69 10.84 2.85
CA THR A 120 8.26 11.07 3.22
C THR A 120 7.42 9.80 3.05
N LYS A 121 7.80 8.92 2.18
CA LYS A 121 6.98 7.67 1.97
C LYS A 121 7.86 6.43 1.98
N PHE A 122 7.31 5.31 1.61
CA PHE A 122 8.12 4.06 1.58
C PHE A 122 7.59 3.14 0.48
N THR A 123 8.16 1.98 0.30
CA THR A 123 7.68 1.09 -0.76
C THR A 123 8.03 -0.35 -0.44
N ILE A 124 7.43 -1.29 -1.12
CA ILE A 124 7.72 -2.71 -0.83
C ILE A 124 7.95 -3.49 -2.13
N THR A 125 8.84 -4.44 -2.11
CA THR A 125 9.12 -5.24 -3.34
C THR A 125 8.91 -6.73 -3.06
N SER A 126 9.31 -7.57 -3.97
CA SER A 126 9.13 -9.04 -3.77
C SER A 126 10.48 -9.74 -3.77
N GLU A 127 11.17 -9.72 -4.87
CA GLU A 127 12.50 -10.40 -4.95
C GLU A 127 13.56 -9.58 -4.22
N LEU A 128 13.31 -9.23 -2.99
CA LEU A 128 14.30 -8.44 -2.22
C LEU A 128 15.71 -8.98 -2.44
N SER A 35 9.52 -16.23 -5.66
CA SER A 35 8.14 -15.94 -5.14
C SER A 35 7.84 -14.45 -5.30
N ASN A 36 7.30 -14.06 -6.42
CA ASN A 36 6.97 -12.62 -6.64
C ASN A 36 5.67 -12.26 -5.93
N ALA A 37 4.68 -13.10 -6.03
CA ALA A 37 3.37 -12.83 -5.40
C ALA A 37 3.55 -12.12 -4.05
N VAL A 38 3.23 -10.86 -3.99
CA VAL A 38 3.36 -10.10 -2.71
C VAL A 38 2.03 -9.43 -2.36
N VAL A 39 1.75 -9.27 -1.10
CA VAL A 39 0.45 -8.63 -0.72
C VAL A 39 0.66 -7.20 -0.23
N LEU A 40 -0.25 -6.33 -0.58
CA LEU A 40 -0.14 -4.93 -0.10
C LEU A 40 -1.11 -4.80 1.08
N VAL A 41 -0.98 -3.81 1.91
CA VAL A 41 -1.91 -3.72 3.07
C VAL A 41 -1.86 -2.34 3.73
N LEU A 42 -3.00 -1.77 3.98
CA LEU A 42 -3.07 -0.48 4.68
C LEU A 42 -4.28 -0.49 5.60
N MET A 43 -4.61 0.63 6.18
CA MET A 43 -5.80 0.64 7.09
C MET A 43 -7.02 1.19 6.34
N LYS A 44 -8.19 0.80 6.74
CA LYS A 44 -9.43 1.28 6.05
C LYS A 44 -9.45 2.81 5.96
N SER A 45 -9.01 3.36 4.87
CA SER A 45 -9.02 4.84 4.72
C SER A 45 -10.46 5.31 4.51
N ASP A 46 -10.89 5.44 3.29
CA ASP A 46 -12.29 5.88 3.03
C ASP A 46 -12.74 5.43 1.63
N GLU A 47 -12.19 6.02 0.60
CA GLU A 47 -12.59 5.65 -0.78
C GLU A 47 -11.60 4.63 -1.36
N ILE A 48 -11.10 3.75 -0.57
CA ILE A 48 -10.12 2.76 -1.08
C ILE A 48 -10.68 1.98 -2.26
N ASP A 49 -11.70 1.21 -2.05
CA ASP A 49 -12.26 0.46 -3.19
C ASP A 49 -12.39 1.41 -4.39
N ALA A 50 -12.69 2.65 -4.14
CA ALA A 50 -12.82 3.65 -5.24
C ALA A 50 -11.43 4.10 -5.70
N ILE A 51 -10.58 4.49 -4.80
CA ILE A 51 -9.25 4.91 -5.23
C ILE A 51 -8.47 3.68 -5.67
N ILE A 52 -8.44 2.62 -4.92
CA ILE A 52 -7.71 1.41 -5.42
C ILE A 52 -8.15 1.17 -6.86
N GLU A 53 -9.40 1.34 -7.11
CA GLU A 53 -9.89 1.14 -8.50
C GLU A 53 -9.22 2.12 -9.45
N ASP A 54 -9.43 3.39 -9.25
CA ASP A 54 -8.83 4.41 -10.17
C ASP A 54 -7.38 4.69 -9.83
N ILE A 55 -6.95 4.23 -8.70
CA ILE A 55 -5.55 4.47 -8.26
C ILE A 55 -4.71 3.20 -8.39
N VAL A 56 -5.33 2.07 -8.18
CA VAL A 56 -4.58 0.79 -8.22
C VAL A 56 -5.07 -0.13 -9.36
N LEU A 57 -6.36 -0.28 -9.55
CA LEU A 57 -6.80 -1.18 -10.66
C LEU A 57 -6.31 -0.61 -12.00
N LYS A 58 -6.30 0.68 -12.12
CA LYS A 58 -5.83 1.32 -13.38
C LYS A 58 -4.35 1.69 -13.23
N GLY A 59 -4.00 2.31 -12.13
CA GLY A 59 -2.58 2.70 -11.92
C GLY A 59 -1.78 1.50 -11.42
N GLY A 60 -2.31 0.75 -10.48
CA GLY A 60 -1.57 -0.43 -9.95
C GLY A 60 -1.50 -1.52 -11.03
N LYS A 61 -2.61 -1.92 -11.57
CA LYS A 61 -2.63 -2.99 -12.63
C LYS A 61 -1.84 -2.60 -13.89
N ALA A 62 -1.16 -1.49 -13.89
CA ALA A 62 -0.40 -1.09 -15.10
C ALA A 62 0.49 -2.24 -15.53
N LYS A 63 1.42 -2.59 -14.68
CA LYS A 63 2.33 -3.74 -14.97
C LYS A 63 1.76 -4.95 -14.24
N ASN A 64 0.94 -4.69 -13.27
CA ASN A 64 0.31 -5.76 -12.47
C ASN A 64 -0.70 -6.55 -13.32
N PRO A 65 -0.51 -7.84 -13.34
CA PRO A 65 -1.39 -8.75 -14.11
C PRO A 65 -2.82 -8.74 -13.56
N SER A 66 -2.98 -8.75 -12.26
CA SER A 66 -4.33 -8.74 -11.66
C SER A 66 -4.23 -8.70 -10.16
N ILE A 67 -4.60 -7.60 -9.64
CA ILE A 67 -4.50 -7.34 -8.21
C ILE A 67 -5.86 -7.45 -7.52
N VAL A 68 -5.89 -7.93 -6.31
CA VAL A 68 -7.21 -8.03 -5.60
C VAL A 68 -7.28 -7.00 -4.47
N VAL A 69 -8.43 -6.43 -4.26
CA VAL A 69 -8.55 -5.43 -3.17
C VAL A 69 -9.38 -6.01 -2.02
N GLU A 70 -8.76 -6.15 -0.87
CA GLU A 70 -9.48 -6.71 0.31
C GLU A 70 -9.97 -5.58 1.23
N ASP A 71 -11.20 -5.17 1.07
CA ASP A 71 -11.72 -4.08 1.96
C ASP A 71 -12.39 -4.69 3.18
N LYS A 72 -11.65 -4.93 4.22
CA LYS A 72 -12.24 -5.53 5.45
C LYS A 72 -12.78 -4.45 6.39
N ALA A 73 -13.57 -4.84 7.36
CA ALA A 73 -14.15 -3.84 8.31
C ALA A 73 -13.11 -2.76 8.65
N GLY A 74 -11.98 -3.15 9.16
CA GLY A 74 -10.94 -2.15 9.51
C GLY A 74 -9.60 -2.61 8.96
N PHE A 75 -9.56 -2.91 7.71
CA PHE A 75 -8.30 -3.37 7.07
C PHE A 75 -8.38 -3.19 5.56
N TRP A 76 -7.73 -2.18 5.05
CA TRP A 76 -7.74 -1.92 3.58
C TRP A 76 -6.56 -2.67 2.95
N TRP A 77 -6.70 -3.96 2.78
CA TRP A 77 -5.58 -4.78 2.21
C TRP A 77 -5.78 -5.09 0.73
N ILE A 78 -4.72 -5.12 -0.03
CA ILE A 78 -4.84 -5.47 -1.46
C ILE A 78 -3.71 -6.41 -1.87
N LYS A 79 -4.00 -7.38 -2.66
CA LYS A 79 -2.95 -8.35 -3.09
C LYS A 79 -2.50 -8.03 -4.51
N ALA A 80 -1.22 -8.01 -4.76
CA ALA A 80 -0.73 -7.71 -6.12
C ALA A 80 0.36 -8.72 -6.52
N ASP A 81 0.41 -9.11 -7.76
CA ASP A 81 1.45 -10.08 -8.21
C ASP A 81 2.65 -9.33 -8.79
N GLY A 82 3.15 -8.37 -8.09
CA GLY A 82 4.31 -7.59 -8.58
C GLY A 82 4.83 -6.68 -7.48
N ALA A 83 5.72 -5.79 -7.81
CA ALA A 83 6.25 -4.86 -6.77
C ALA A 83 5.17 -3.85 -6.38
N ILE A 84 5.12 -3.47 -5.13
CA ILE A 84 4.09 -2.48 -4.70
C ILE A 84 4.75 -1.31 -3.98
N GLU A 85 4.09 -0.19 -3.90
CA GLU A 85 4.70 0.98 -3.23
C GLU A 85 3.83 1.49 -2.08
N ILE A 86 4.45 2.09 -1.09
CA ILE A 86 3.71 2.63 0.05
C ILE A 86 3.98 4.14 0.16
N ASP A 87 3.24 4.83 0.97
CA ASP A 87 3.47 6.29 1.12
C ASP A 87 3.53 6.66 2.59
N ALA A 88 3.78 7.89 2.89
CA ALA A 88 3.81 8.29 4.31
C ALA A 88 3.42 9.77 4.48
N ALA A 89 4.04 10.62 3.73
CA ALA A 89 3.73 12.07 3.83
C ALA A 89 2.23 12.32 3.80
N GLU A 90 1.52 11.72 2.87
CA GLU A 90 0.04 11.93 2.83
C GLU A 90 -0.49 11.72 4.24
N ALA A 91 0.03 10.74 4.90
CA ALA A 91 -0.38 10.47 6.30
C ALA A 91 -0.23 11.75 7.11
N GLY A 92 0.88 12.42 6.93
CA GLY A 92 1.14 13.67 7.71
C GLY A 92 -0.05 14.60 7.57
N GLU A 93 -0.58 14.67 6.40
CA GLU A 93 -1.77 15.54 6.18
C GLU A 93 -2.94 15.01 6.99
N LEU A 94 -3.00 13.72 7.18
CA LEU A 94 -4.11 13.13 7.98
C LEU A 94 -3.91 13.48 9.46
N LEU A 95 -2.86 13.01 10.07
CA LEU A 95 -2.63 13.31 11.52
C LEU A 95 -1.47 14.30 11.69
N GLY A 96 -0.54 14.31 10.77
CA GLY A 96 0.59 15.28 10.86
C GLY A 96 1.50 15.00 12.08
N LYS A 97 2.13 13.86 12.14
CA LYS A 97 3.07 13.54 13.28
C LYS A 97 3.37 12.03 13.36
N PRO A 98 2.37 11.23 13.71
CA PRO A 98 2.57 9.76 13.74
C PRO A 98 2.28 9.23 12.33
N PHE A 99 2.08 10.14 11.44
CA PHE A 99 1.79 9.83 10.04
C PHE A 99 2.81 8.88 9.41
N SER A 100 3.27 9.25 8.23
CA SER A 100 4.25 8.46 7.47
C SER A 100 4.81 7.26 8.23
N VAL A 101 5.35 7.52 9.37
CA VAL A 101 5.98 6.44 10.17
C VAL A 101 4.98 5.71 11.06
N TYR A 102 4.45 6.32 12.07
CA TYR A 102 3.49 5.55 12.89
C TYR A 102 2.40 5.08 11.94
N ASP A 103 2.17 5.87 10.92
CA ASP A 103 1.16 5.50 9.90
C ASP A 103 1.65 4.28 9.14
N LEU A 104 2.91 4.21 8.80
CA LEU A 104 3.39 3.01 8.07
C LEU A 104 3.67 1.90 9.08
N LEU A 105 4.28 2.22 10.19
CA LEU A 105 4.54 1.16 11.19
C LEU A 105 3.24 0.43 11.54
N ILE A 106 2.11 1.01 11.23
CA ILE A 106 0.82 0.34 11.54
C ILE A 106 0.15 -0.15 10.23
N ASN A 107 0.42 0.49 9.13
CA ASN A 107 -0.21 0.06 7.85
C ASN A 107 0.85 -0.47 6.87
N VAL A 108 2.10 -0.42 7.26
CA VAL A 108 3.17 -0.89 6.33
C VAL A 108 3.30 -2.41 6.41
N SER A 109 2.66 -3.04 7.36
CA SER A 109 2.76 -4.53 7.45
C SER A 109 2.65 -5.16 6.08
N SER A 110 2.08 -4.47 5.14
CA SER A 110 1.94 -5.00 3.76
C SER A 110 3.28 -5.48 3.19
N THR A 111 4.37 -5.25 3.86
CA THR A 111 5.66 -5.71 3.27
C THR A 111 6.25 -6.87 4.07
N VAL A 112 6.97 -6.56 5.12
CA VAL A 112 7.61 -7.63 5.97
C VAL A 112 8.90 -8.14 5.29
N GLY A 113 9.11 -7.82 4.04
CA GLY A 113 10.36 -8.28 3.36
C GLY A 113 11.19 -7.06 2.99
N ARG A 114 10.80 -6.34 1.97
CA ARG A 114 11.54 -5.15 1.57
C ARG A 114 10.67 -3.91 1.77
N ALA A 115 11.27 -2.77 2.02
CA ALA A 115 10.45 -1.54 2.24
C ALA A 115 11.35 -0.30 2.16
N TYR A 116 11.87 0.00 1.00
CA TYR A 116 12.75 1.20 0.86
C TYR A 116 11.93 2.47 1.04
N THR A 117 12.31 3.31 1.96
CA THR A 117 11.54 4.57 2.17
C THR A 117 12.18 5.72 1.39
N LEU A 118 11.39 6.46 0.66
CA LEU A 118 11.94 7.60 -0.12
C LEU A 118 11.72 8.91 0.60
N GLY A 119 11.99 8.96 1.88
CA GLY A 119 11.80 10.22 2.64
C GLY A 119 10.31 10.52 2.71
N THR A 120 9.70 10.66 1.58
CA THR A 120 8.24 10.95 1.54
C THR A 120 7.48 9.79 0.88
N LYS A 121 8.19 8.86 0.31
CA LYS A 121 7.48 7.71 -0.35
C LYS A 121 7.91 6.37 0.28
N PHE A 122 7.55 5.29 -0.35
CA PHE A 122 7.90 3.94 0.20
C PHE A 122 8.07 2.92 -0.93
N THR A 123 8.86 1.90 -0.73
CA THR A 123 9.03 0.88 -1.78
C THR A 123 9.12 -0.51 -1.14
N ILE A 124 8.18 -1.37 -1.41
CA ILE A 124 8.24 -2.73 -0.83
C ILE A 124 8.15 -3.77 -1.96
N THR A 125 8.72 -4.92 -1.77
CA THR A 125 8.67 -5.95 -2.84
C THR A 125 8.35 -7.32 -2.24
N SER A 126 8.51 -8.37 -3.00
CA SER A 126 8.20 -9.72 -2.48
C SER A 126 9.34 -10.22 -1.59
N GLU A 127 10.12 -11.15 -2.05
CA GLU A 127 11.24 -11.68 -1.22
C GLU A 127 12.59 -11.16 -1.72
N LEU A 128 13.22 -10.29 -0.99
CA LEU A 128 14.54 -9.75 -1.41
C LEU A 128 15.47 -10.89 -1.84
N SER A 35 8.35 -17.73 -5.16
CA SER A 35 7.66 -16.86 -4.16
C SER A 35 8.06 -15.40 -4.35
N ASN A 36 7.63 -14.79 -5.41
CA ASN A 36 7.99 -13.37 -5.67
C ASN A 36 6.79 -12.47 -5.42
N ALA A 37 5.63 -12.89 -5.86
CA ALA A 37 4.41 -12.06 -5.66
C ALA A 37 4.43 -11.41 -4.28
N VAL A 38 3.89 -10.22 -4.16
CA VAL A 38 3.88 -9.54 -2.83
C VAL A 38 2.45 -9.19 -2.44
N VAL A 39 2.25 -8.73 -1.23
CA VAL A 39 0.89 -8.36 -0.79
C VAL A 39 0.89 -6.99 -0.13
N LEU A 40 0.15 -6.06 -0.67
CA LEU A 40 0.10 -4.73 -0.06
C LEU A 40 -0.72 -4.81 1.22
N VAL A 41 -0.55 -3.89 2.13
CA VAL A 41 -1.33 -3.94 3.38
C VAL A 41 -1.36 -2.58 4.05
N LEU A 42 -2.51 -2.02 4.16
CA LEU A 42 -2.64 -0.71 4.82
C LEU A 42 -3.88 -0.73 5.72
N MET A 43 -4.30 0.39 6.22
CA MET A 43 -5.52 0.40 7.08
C MET A 43 -6.68 1.03 6.30
N LYS A 44 -7.89 0.63 6.59
CA LYS A 44 -9.07 1.19 5.86
C LYS A 44 -8.94 2.71 5.71
N SER A 45 -8.59 3.17 4.54
CA SER A 45 -8.47 4.64 4.32
C SER A 45 -9.82 5.23 3.92
N ASP A 46 -10.89 4.54 4.20
CA ASP A 46 -12.25 5.05 3.86
C ASP A 46 -12.48 5.08 2.34
N GLU A 47 -11.63 5.78 1.61
CA GLU A 47 -11.82 5.85 0.13
C GLU A 47 -11.00 4.79 -0.57
N ILE A 48 -10.80 3.66 0.03
CA ILE A 48 -9.98 2.61 -0.60
C ILE A 48 -10.59 2.18 -1.93
N ASP A 49 -11.59 1.38 -1.87
CA ASP A 49 -12.25 0.92 -3.12
C ASP A 49 -12.25 2.07 -4.12
N ALA A 50 -12.36 3.28 -3.63
CA ALA A 50 -12.32 4.47 -4.51
C ALA A 50 -10.89 4.75 -4.95
N ILE A 51 -9.97 4.86 -4.02
CA ILE A 51 -8.58 5.11 -4.39
C ILE A 51 -7.97 3.86 -4.99
N ILE A 52 -8.06 2.72 -4.37
CA ILE A 52 -7.48 1.51 -5.02
C ILE A 52 -7.99 1.45 -6.45
N GLU A 53 -9.23 1.75 -6.64
CA GLU A 53 -9.77 1.71 -8.01
C GLU A 53 -9.07 2.75 -8.89
N ASP A 54 -9.10 4.01 -8.52
CA ASP A 54 -8.46 5.05 -9.36
C ASP A 54 -6.96 5.13 -9.11
N ILE A 55 -6.52 4.54 -8.05
CA ILE A 55 -5.08 4.58 -7.70
C ILE A 55 -4.42 3.23 -7.99
N VAL A 56 -5.14 2.18 -7.84
CA VAL A 56 -4.56 0.83 -8.05
C VAL A 56 -5.19 0.08 -9.23
N LEU A 57 -6.49 0.10 -9.38
CA LEU A 57 -7.09 -0.63 -10.54
C LEU A 57 -6.61 0.01 -11.84
N LYS A 58 -6.57 1.30 -11.87
CA LYS A 58 -6.10 2.03 -13.09
C LYS A 58 -4.58 2.14 -13.05
N GLY A 59 -4.04 2.46 -11.91
CA GLY A 59 -2.56 2.61 -11.78
C GLY A 59 -1.91 1.24 -11.54
N GLY A 60 -2.37 0.51 -10.55
CA GLY A 60 -1.76 -0.81 -10.27
C GLY A 60 -2.11 -1.81 -11.38
N LYS A 61 -3.34 -2.25 -11.42
CA LYS A 61 -3.79 -3.24 -12.46
C LYS A 61 -3.30 -2.91 -13.88
N ALA A 62 -2.71 -1.77 -14.10
CA ALA A 62 -2.24 -1.44 -15.47
C ALA A 62 -1.41 -2.61 -15.98
N LYS A 63 -0.31 -2.85 -15.35
CA LYS A 63 0.55 -4.01 -15.74
C LYS A 63 0.08 -5.21 -14.94
N ASN A 64 -0.49 -4.92 -13.80
CA ASN A 64 -1.01 -5.97 -12.90
C ASN A 64 -2.23 -6.66 -13.53
N PRO A 65 -2.03 -7.91 -13.86
CA PRO A 65 -3.10 -8.73 -14.49
C PRO A 65 -4.29 -8.93 -13.54
N SER A 66 -4.04 -9.17 -12.29
CA SER A 66 -5.17 -9.35 -11.33
C SER A 66 -4.67 -9.24 -9.93
N ILE A 67 -4.98 -8.12 -9.37
CA ILE A 67 -4.54 -7.77 -8.02
C ILE A 67 -5.70 -7.89 -7.03
N VAL A 68 -5.47 -8.45 -5.88
CA VAL A 68 -6.59 -8.56 -4.90
C VAL A 68 -6.65 -7.30 -4.03
N VAL A 69 -7.83 -6.79 -3.84
CA VAL A 69 -7.97 -5.59 -2.97
C VAL A 69 -8.84 -5.96 -1.77
N GLU A 70 -8.21 -6.33 -0.69
CA GLU A 70 -8.97 -6.73 0.53
C GLU A 70 -9.29 -5.51 1.39
N ASP A 71 -10.54 -5.17 1.51
CA ASP A 71 -10.92 -3.99 2.36
C ASP A 71 -11.94 -4.44 3.41
N LYS A 72 -11.55 -4.44 4.66
CA LYS A 72 -12.52 -4.89 5.71
C LYS A 72 -12.21 -4.23 7.06
N ALA A 73 -13.23 -4.04 7.86
CA ALA A 73 -13.05 -3.41 9.21
C ALA A 73 -11.95 -2.34 9.17
N GLY A 74 -10.78 -2.63 9.65
CA GLY A 74 -9.69 -1.62 9.64
C GLY A 74 -8.44 -2.22 9.02
N PHE A 75 -8.62 -3.03 8.02
CA PHE A 75 -7.46 -3.67 7.34
C PHE A 75 -7.59 -3.48 5.83
N TRP A 76 -6.82 -2.57 5.29
CA TRP A 76 -6.87 -2.30 3.83
C TRP A 76 -5.73 -3.07 3.14
N TRP A 77 -5.93 -4.34 2.88
CA TRP A 77 -4.85 -5.17 2.25
C TRP A 77 -5.09 -5.42 0.77
N ILE A 78 -4.11 -5.21 -0.07
CA ILE A 78 -4.28 -5.51 -1.51
C ILE A 78 -3.14 -6.39 -1.99
N LYS A 79 -3.46 -7.45 -2.66
CA LYS A 79 -2.38 -8.36 -3.14
C LYS A 79 -2.08 -8.05 -4.60
N ALA A 80 -0.82 -8.02 -4.94
CA ALA A 80 -0.45 -7.73 -6.35
C ALA A 80 0.72 -8.61 -6.77
N ASP A 81 0.71 -9.10 -7.99
CA ASP A 81 1.83 -9.97 -8.44
C ASP A 81 2.88 -9.13 -9.17
N GLY A 82 3.30 -8.06 -8.57
CA GLY A 82 4.32 -7.19 -9.20
C GLY A 82 4.79 -6.15 -8.19
N ALA A 83 5.51 -5.16 -8.63
CA ALA A 83 5.99 -4.11 -7.69
C ALA A 83 4.81 -3.25 -7.21
N ILE A 84 4.68 -3.06 -5.93
CA ILE A 84 3.56 -2.24 -5.41
C ILE A 84 4.08 -1.04 -4.61
N GLU A 85 3.71 0.15 -4.98
CA GLU A 85 4.19 1.34 -4.27
C GLU A 85 3.30 1.67 -3.07
N ILE A 86 3.79 2.45 -2.14
CA ILE A 86 2.98 2.82 -0.96
C ILE A 86 3.56 4.06 -0.27
N ASP A 87 2.73 4.87 0.35
CA ASP A 87 3.24 6.10 1.03
C ASP A 87 2.34 6.49 2.20
N ALA A 88 2.79 7.44 2.97
CA ALA A 88 1.94 7.92 4.10
C ALA A 88 2.26 9.39 4.40
N ALA A 89 3.50 9.76 4.30
CA ALA A 89 3.91 11.16 4.60
C ALA A 89 2.87 12.14 4.06
N GLU A 90 2.46 11.94 2.84
CA GLU A 90 1.44 12.85 2.25
C GLU A 90 0.11 12.68 3.01
N ALA A 91 -0.34 11.48 3.13
CA ALA A 91 -1.62 11.22 3.85
C ALA A 91 -1.57 11.84 5.25
N GLY A 92 -0.41 11.90 5.84
CA GLY A 92 -0.29 12.49 7.21
C GLY A 92 -0.40 14.01 7.13
N GLU A 93 0.45 14.64 6.36
CA GLU A 93 0.38 16.12 6.24
C GLU A 93 -1.06 16.55 5.94
N LEU A 94 -1.86 15.66 5.43
CA LEU A 94 -3.26 16.01 5.12
C LEU A 94 -4.14 15.82 6.36
N LEU A 95 -4.30 14.61 6.82
CA LEU A 95 -5.15 14.38 8.01
C LEU A 95 -4.48 14.94 9.26
N GLY A 96 -3.21 14.70 9.44
CA GLY A 96 -2.52 15.23 10.64
C GLY A 96 -1.06 15.51 10.32
N LYS A 97 -0.27 14.48 10.25
CA LYS A 97 1.19 14.66 9.93
C LYS A 97 1.96 13.38 10.27
N PRO A 98 1.95 13.03 11.54
CA PRO A 98 2.65 11.81 11.99
C PRO A 98 1.87 10.59 11.53
N PHE A 99 0.63 10.78 11.18
CA PHE A 99 -0.19 9.66 10.69
C PHE A 99 0.61 8.83 9.70
N SER A 100 1.16 9.48 8.73
CA SER A 100 1.97 8.79 7.69
C SER A 100 2.74 7.60 8.27
N VAL A 101 3.56 7.86 9.24
CA VAL A 101 4.39 6.77 9.83
C VAL A 101 3.63 5.94 10.86
N TYR A 102 2.99 6.54 11.82
CA TYR A 102 2.24 5.70 12.79
C TYR A 102 1.38 4.72 11.99
N ASP A 103 0.78 5.21 10.93
CA ASP A 103 -0.05 4.33 10.08
C ASP A 103 0.79 3.23 9.46
N LEU A 104 1.97 3.53 8.97
CA LEU A 104 2.77 2.44 8.39
C LEU A 104 3.42 1.63 9.52
N LEU A 105 3.88 2.26 10.55
CA LEU A 105 4.47 1.44 11.64
C LEU A 105 3.45 0.37 12.07
N ILE A 106 2.20 0.54 11.70
CA ILE A 106 1.16 -0.46 12.07
C ILE A 106 0.57 -1.06 10.78
N ASN A 107 0.60 -0.32 9.70
CA ASN A 107 0.05 -0.84 8.42
C ASN A 107 1.18 -1.05 7.40
N VAL A 108 2.39 -0.68 7.74
CA VAL A 108 3.51 -0.84 6.77
C VAL A 108 3.67 -2.30 6.41
N SER A 109 3.04 -3.18 7.13
CA SER A 109 3.14 -4.63 6.80
C SER A 109 3.05 -4.80 5.28
N SER A 110 2.47 -3.85 4.59
CA SER A 110 2.38 -3.92 3.12
C SER A 110 3.72 -4.37 2.50
N THR A 111 4.80 -4.30 3.25
CA THR A 111 6.11 -4.70 2.67
C THR A 111 6.59 -6.02 3.28
N VAL A 112 5.72 -6.97 3.41
CA VAL A 112 6.14 -8.28 3.99
C VAL A 112 7.32 -8.86 3.20
N GLY A 113 7.45 -8.49 1.95
CA GLY A 113 8.58 -9.02 1.14
C GLY A 113 9.71 -7.99 1.15
N ARG A 114 9.55 -6.90 0.44
CA ARG A 114 10.58 -5.87 0.40
C ARG A 114 9.97 -4.52 0.76
N ALA A 115 10.76 -3.59 1.25
CA ALA A 115 10.20 -2.26 1.62
C ALA A 115 11.25 -1.17 1.47
N TYR A 116 11.55 -0.78 0.27
CA TYR A 116 12.55 0.31 0.08
C TYR A 116 11.94 1.61 0.59
N THR A 117 12.32 2.03 1.76
CA THR A 117 11.72 3.27 2.33
C THR A 117 12.39 4.52 1.72
N LEU A 118 11.74 5.64 1.87
CA LEU A 118 12.30 6.91 1.32
C LEU A 118 11.91 8.07 2.20
N GLY A 119 11.94 7.87 3.50
CA GLY A 119 11.59 8.97 4.45
C GLY A 119 10.17 9.47 4.20
N THR A 120 9.95 9.96 3.03
CA THR A 120 8.60 10.49 2.69
C THR A 120 7.76 9.40 2.00
N LYS A 121 8.38 8.35 1.54
CA LYS A 121 7.58 7.28 0.87
C LYS A 121 8.35 5.95 0.84
N PHE A 122 7.65 4.85 0.80
CA PHE A 122 8.33 3.53 0.74
C PHE A 122 7.67 2.66 -0.34
N THR A 123 8.30 1.57 -0.72
CA THR A 123 7.72 0.72 -1.77
C THR A 123 8.00 -0.74 -1.49
N ILE A 124 7.22 -1.62 -2.04
CA ILE A 124 7.44 -3.07 -1.77
C ILE A 124 7.69 -3.81 -3.09
N THR A 125 8.46 -4.87 -3.03
CA THR A 125 8.75 -5.63 -4.28
C THR A 125 9.23 -7.05 -3.94
N SER A 126 9.83 -7.71 -4.88
CA SER A 126 10.33 -9.09 -4.62
C SER A 126 11.48 -9.41 -5.56
N GLU A 127 11.19 -9.63 -6.81
CA GLU A 127 12.28 -9.95 -7.78
C GLU A 127 13.26 -8.77 -7.88
N LEU A 128 14.47 -8.96 -7.41
CA LEU A 128 15.47 -7.86 -7.46
C LEU A 128 15.36 -7.10 -8.78
N SER A 35 8.82 -15.42 -1.03
CA SER A 35 7.61 -15.77 -1.83
C SER A 35 7.60 -15.00 -3.16
N ASN A 36 6.47 -14.47 -3.55
CA ASN A 36 6.42 -13.72 -4.84
C ASN A 36 5.33 -12.64 -4.77
N ALA A 37 4.10 -13.01 -5.00
CA ALA A 37 2.99 -12.03 -4.97
C ALA A 37 3.22 -10.95 -3.92
N VAL A 38 3.19 -9.70 -4.31
CA VAL A 38 3.41 -8.60 -3.33
C VAL A 38 2.09 -8.17 -2.70
N VAL A 39 2.06 -7.99 -1.40
CA VAL A 39 0.78 -7.55 -0.75
C VAL A 39 0.95 -6.19 -0.09
N LEU A 40 0.04 -5.30 -0.35
CA LEU A 40 0.11 -3.97 0.30
C LEU A 40 -0.99 -3.92 1.37
N VAL A 41 -0.74 -3.34 2.52
CA VAL A 41 -1.81 -3.35 3.56
C VAL A 41 -1.99 -1.94 4.15
N LEU A 42 -3.22 -1.52 4.29
CA LEU A 42 -3.47 -0.18 4.85
C LEU A 42 -4.68 -0.23 5.80
N MET A 43 -5.20 0.92 6.15
CA MET A 43 -6.37 0.95 7.08
C MET A 43 -7.68 1.21 6.30
N LYS A 44 -8.80 1.00 6.93
CA LYS A 44 -10.11 1.20 6.24
C LYS A 44 -10.32 2.67 5.86
N SER A 45 -9.91 3.07 4.68
CA SER A 45 -10.12 4.48 4.26
C SER A 45 -11.53 4.66 3.69
N ASP A 46 -12.36 3.64 3.83
CA ASP A 46 -13.77 3.72 3.33
C ASP A 46 -13.86 3.54 1.80
N GLU A 47 -13.44 4.51 1.05
CA GLU A 47 -13.55 4.41 -0.45
C GLU A 47 -12.42 3.58 -1.05
N ILE A 48 -11.82 2.71 -0.30
CA ILE A 48 -10.70 1.91 -0.85
C ILE A 48 -11.14 1.03 -2.01
N ASP A 49 -12.01 0.10 -1.79
CA ASP A 49 -12.46 -0.74 -2.93
C ASP A 49 -12.74 0.18 -4.13
N ALA A 50 -13.26 1.35 -3.84
CA ALA A 50 -13.54 2.33 -4.92
C ALA A 50 -12.26 2.97 -5.41
N ILE A 51 -11.44 3.48 -4.53
CA ILE A 51 -10.20 4.09 -4.99
C ILE A 51 -9.22 3.00 -5.43
N ILE A 52 -8.99 1.97 -4.66
CA ILE A 52 -8.06 0.91 -5.16
C ILE A 52 -8.47 0.56 -6.58
N GLU A 53 -9.75 0.52 -6.82
CA GLU A 53 -10.23 0.21 -8.17
C GLU A 53 -9.79 1.29 -9.16
N ASP A 54 -10.25 2.49 -8.98
CA ASP A 54 -9.86 3.58 -9.94
C ASP A 54 -8.47 4.13 -9.63
N ILE A 55 -7.93 3.76 -8.51
CA ILE A 55 -6.58 4.26 -8.12
C ILE A 55 -5.54 3.17 -8.27
N VAL A 56 -5.92 1.95 -8.02
CA VAL A 56 -4.94 0.83 -8.08
C VAL A 56 -5.28 -0.19 -9.16
N LEU A 57 -6.51 -0.60 -9.31
CA LEU A 57 -6.80 -1.59 -10.39
C LEU A 57 -6.30 -1.05 -11.72
N LYS A 58 -6.35 0.24 -11.88
CA LYS A 58 -5.86 0.86 -13.14
C LYS A 58 -4.39 1.27 -12.98
N GLY A 59 -4.06 1.86 -11.86
CA GLY A 59 -2.65 2.29 -11.63
C GLY A 59 -1.77 1.06 -11.36
N GLY A 60 -2.21 0.17 -10.50
CA GLY A 60 -1.40 -1.03 -10.20
C GLY A 60 -1.36 -1.96 -11.42
N LYS A 61 -2.48 -2.56 -11.76
CA LYS A 61 -2.53 -3.50 -12.93
C LYS A 61 -2.14 -2.84 -14.26
N ALA A 62 -1.70 -1.61 -14.26
CA ALA A 62 -1.32 -0.97 -15.54
C ALA A 62 -0.36 -1.90 -16.27
N LYS A 63 0.79 -2.09 -15.70
CA LYS A 63 1.80 -3.01 -16.28
C LYS A 63 1.64 -4.38 -15.63
N ASN A 64 1.10 -4.35 -14.45
CA ASN A 64 0.88 -5.60 -13.67
C ASN A 64 -0.19 -6.48 -14.32
N PRO A 65 0.04 -7.75 -14.19
CA PRO A 65 -0.86 -8.78 -14.77
C PRO A 65 -2.28 -8.69 -14.19
N SER A 66 -2.43 -8.59 -12.90
CA SER A 66 -3.79 -8.52 -12.32
C SER A 66 -3.72 -8.42 -10.81
N ILE A 67 -4.10 -7.30 -10.36
CA ILE A 67 -4.05 -6.98 -8.93
C ILE A 67 -5.42 -7.20 -8.27
N VAL A 68 -5.41 -7.45 -6.99
CA VAL A 68 -6.70 -7.67 -6.28
C VAL A 68 -6.79 -6.77 -5.05
N VAL A 69 -7.90 -6.10 -4.87
CA VAL A 69 -8.04 -5.24 -3.67
C VAL A 69 -8.37 -6.14 -2.48
N GLU A 70 -8.57 -5.61 -1.33
CA GLU A 70 -8.87 -6.49 -0.17
C GLU A 70 -9.53 -5.70 0.96
N ASP A 71 -10.72 -5.21 0.74
CA ASP A 71 -11.41 -4.44 1.80
C ASP A 71 -11.86 -5.37 2.93
N LYS A 72 -11.40 -5.12 4.13
CA LYS A 72 -11.80 -5.99 5.27
C LYS A 72 -12.51 -5.15 6.34
N ALA A 73 -13.45 -5.74 7.03
CA ALA A 73 -14.19 -4.96 8.07
C ALA A 73 -13.22 -4.46 9.14
N GLY A 74 -12.50 -3.41 8.86
CA GLY A 74 -11.55 -2.88 9.88
C GLY A 74 -10.19 -2.60 9.25
N PHE A 75 -9.94 -3.20 8.14
CA PHE A 75 -8.63 -3.00 7.46
C PHE A 75 -8.81 -2.69 5.97
N TRP A 76 -7.73 -2.44 5.29
CA TRP A 76 -7.78 -2.11 3.84
C TRP A 76 -6.59 -2.77 3.15
N TRP A 77 -6.69 -4.03 2.88
CA TRP A 77 -5.56 -4.76 2.24
C TRP A 77 -5.73 -4.81 0.71
N ILE A 78 -4.66 -5.10 0.04
CA ILE A 78 -4.69 -5.21 -1.45
C ILE A 78 -3.50 -6.04 -1.90
N LYS A 79 -3.71 -6.90 -2.85
CA LYS A 79 -2.61 -7.76 -3.32
C LYS A 79 -2.14 -7.30 -4.70
N ALA A 80 -0.86 -7.36 -4.93
CA ALA A 80 -0.31 -6.93 -6.25
C ALA A 80 0.77 -7.91 -6.71
N ASP A 81 0.90 -8.12 -8.00
CA ASP A 81 1.94 -9.07 -8.50
C ASP A 81 3.01 -8.30 -9.26
N GLY A 82 3.53 -7.26 -8.68
CA GLY A 82 4.58 -6.48 -9.35
C GLY A 82 5.17 -5.45 -8.37
N ALA A 83 6.14 -4.70 -8.80
CA ALA A 83 6.75 -3.69 -7.89
C ALA A 83 5.76 -2.54 -7.65
N ILE A 84 5.43 -2.27 -6.42
CA ILE A 84 4.47 -1.17 -6.13
C ILE A 84 5.12 -0.10 -5.24
N GLU A 85 4.44 1.01 -5.04
CA GLU A 85 5.00 2.06 -4.20
C GLU A 85 3.95 2.58 -3.19
N ILE A 86 4.40 3.19 -2.13
CA ILE A 86 3.47 3.72 -1.12
C ILE A 86 4.17 4.75 -0.23
N ASP A 87 3.48 5.82 0.10
CA ASP A 87 4.11 6.86 0.96
C ASP A 87 3.18 7.23 2.12
N ALA A 88 3.59 8.16 2.93
CA ALA A 88 2.71 8.58 4.06
C ALA A 88 2.97 10.05 4.44
N ALA A 89 4.16 10.55 4.20
CA ALA A 89 4.45 11.96 4.57
C ALA A 89 3.29 12.87 4.15
N GLU A 90 2.91 12.80 2.91
CA GLU A 90 1.77 13.64 2.44
C GLU A 90 0.57 13.41 3.35
N ALA A 91 0.27 12.17 3.61
CA ALA A 91 -0.88 11.87 4.50
C ALA A 91 -0.56 12.36 5.91
N GLY A 92 0.67 12.23 6.34
CA GLY A 92 1.06 12.70 7.69
C GLY A 92 0.97 14.23 7.75
N GLU A 93 1.67 14.90 6.88
CA GLU A 93 1.62 16.39 6.86
C GLU A 93 0.17 16.85 6.68
N LEU A 94 -0.68 15.97 6.22
CA LEU A 94 -2.10 16.33 6.00
C LEU A 94 -2.86 16.28 7.33
N LEU A 95 -2.87 15.14 7.96
CA LEU A 95 -3.60 15.05 9.27
C LEU A 95 -2.70 15.50 10.41
N GLY A 96 -1.42 15.27 10.33
CA GLY A 96 -0.53 15.74 11.42
C GLY A 96 0.89 15.92 10.89
N LYS A 97 1.57 14.83 10.66
CA LYS A 97 2.97 14.89 10.14
C LYS A 97 3.64 13.53 10.38
N PRO A 98 3.67 13.14 11.62
CA PRO A 98 4.27 11.84 12.00
C PRO A 98 3.33 10.70 11.62
N PHE A 99 2.07 11.00 11.40
CA PHE A 99 1.14 9.91 11.01
C PHE A 99 1.73 9.15 9.85
N SER A 100 2.22 9.88 8.88
CA SER A 100 2.83 9.26 7.67
C SER A 100 3.50 7.93 8.03
N VAL A 101 4.56 8.00 8.77
CA VAL A 101 5.26 6.75 9.15
C VAL A 101 4.47 5.96 10.19
N TYR A 102 4.19 6.51 11.34
CA TYR A 102 3.43 5.74 12.35
C TYR A 102 2.26 5.04 11.65
N ASP A 103 1.73 5.68 10.65
CA ASP A 103 0.61 5.07 9.89
C ASP A 103 1.10 3.82 9.20
N LEU A 104 2.27 3.86 8.61
CA LEU A 104 2.76 2.62 7.95
C LEU A 104 3.23 1.62 9.00
N LEU A 105 3.91 2.06 10.03
CA LEU A 105 4.34 1.07 11.05
C LEU A 105 3.12 0.31 11.58
N ILE A 106 1.94 0.82 11.33
CA ILE A 106 0.71 0.14 11.82
C ILE A 106 0.13 -0.76 10.71
N ASN A 107 0.02 -0.25 9.51
CA ASN A 107 -0.56 -1.06 8.41
C ASN A 107 0.49 -1.40 7.33
N VAL A 108 1.69 -0.89 7.44
CA VAL A 108 2.71 -1.21 6.39
C VAL A 108 3.05 -2.71 6.44
N SER A 109 2.57 -3.39 7.46
CA SER A 109 2.84 -4.86 7.61
C SER A 109 2.94 -5.56 6.25
N SER A 110 2.28 -5.05 5.26
CA SER A 110 2.34 -5.69 3.92
C SER A 110 3.75 -5.63 3.31
N THR A 111 4.73 -5.17 4.04
CA THR A 111 6.08 -5.08 3.42
C THR A 111 6.60 -6.45 2.99
N VAL A 112 5.92 -7.50 3.36
CA VAL A 112 6.40 -8.86 2.97
C VAL A 112 7.89 -9.02 3.28
N GLY A 113 8.74 -8.74 2.33
CA GLY A 113 10.20 -8.88 2.59
C GLY A 113 10.96 -7.71 1.97
N ARG A 114 10.28 -6.84 1.27
CA ARG A 114 10.96 -5.70 0.64
C ARG A 114 10.33 -4.38 1.09
N ALA A 115 11.12 -3.35 1.20
CA ALA A 115 10.57 -2.03 1.64
C ALA A 115 11.61 -0.93 1.45
N TYR A 116 11.76 -0.45 0.25
CA TYR A 116 12.75 0.64 0.01
C TYR A 116 12.27 1.92 0.70
N THR A 117 12.62 2.12 1.94
CA THR A 117 12.16 3.32 2.66
C THR A 117 12.99 4.56 2.29
N LEU A 118 12.39 5.70 2.37
CA LEU A 118 13.10 6.96 2.02
C LEU A 118 12.82 8.00 3.10
N GLY A 119 13.24 7.71 4.31
CA GLY A 119 13.00 8.67 5.42
C GLY A 119 11.52 8.78 5.68
N THR A 120 10.79 9.20 4.71
CA THR A 120 9.31 9.37 4.87
C THR A 120 8.53 8.46 3.90
N LYS A 121 9.03 8.25 2.72
CA LYS A 121 8.27 7.40 1.75
C LYS A 121 8.92 6.01 1.62
N PHE A 122 8.14 5.00 1.33
CA PHE A 122 8.74 3.64 1.20
C PHE A 122 8.14 2.93 -0.02
N THR A 123 8.78 1.88 -0.47
CA THR A 123 8.28 1.14 -1.64
C THR A 123 8.42 -0.36 -1.38
N ILE A 124 7.56 -1.16 -1.95
CA ILE A 124 7.64 -2.63 -1.72
C ILE A 124 7.72 -3.38 -3.06
N THR A 125 8.25 -4.57 -3.06
CA THR A 125 8.36 -5.32 -4.34
C THR A 125 8.56 -6.82 -4.07
N SER A 126 8.34 -7.64 -5.06
CA SER A 126 8.52 -9.11 -4.87
C SER A 126 9.99 -9.49 -5.04
N GLU A 127 10.47 -9.50 -6.26
CA GLU A 127 11.89 -9.87 -6.50
C GLU A 127 12.81 -8.66 -6.25
N LEU A 128 14.09 -8.86 -6.32
CA LEU A 128 15.04 -7.74 -6.08
C LEU A 128 14.63 -6.51 -6.88
N SER A 35 7.59 -18.00 -2.40
CA SER A 35 8.19 -16.65 -2.24
C SER A 35 7.98 -15.82 -3.51
N ASN A 36 6.82 -15.24 -3.67
CA ASN A 36 6.55 -14.42 -4.89
C ASN A 36 5.43 -13.43 -4.62
N ALA A 37 4.20 -13.81 -4.88
CA ALA A 37 3.05 -12.89 -4.66
C ALA A 37 3.27 -12.04 -3.40
N VAL A 38 3.35 -10.75 -3.54
CA VAL A 38 3.56 -9.89 -2.35
C VAL A 38 2.25 -9.23 -1.95
N VAL A 39 2.23 -8.54 -0.83
CA VAL A 39 0.96 -7.88 -0.40
C VAL A 39 1.24 -6.47 0.11
N LEU A 40 0.32 -5.58 -0.12
CA LEU A 40 0.47 -4.20 0.41
C LEU A 40 -0.59 -4.01 1.48
N VAL A 41 -0.27 -3.41 2.57
CA VAL A 41 -1.31 -3.23 3.63
C VAL A 41 -1.30 -1.81 4.17
N LEU A 42 -2.42 -1.15 4.11
CA LEU A 42 -2.49 0.22 4.65
C LEU A 42 -3.73 0.36 5.52
N MET A 43 -3.93 1.51 6.10
CA MET A 43 -5.14 1.70 6.97
C MET A 43 -6.32 2.16 6.13
N LYS A 44 -7.48 2.22 6.73
CA LYS A 44 -8.68 2.66 5.97
C LYS A 44 -8.57 4.15 5.61
N SER A 45 -7.88 4.48 4.55
CA SER A 45 -7.76 5.92 4.18
C SER A 45 -9.16 6.52 4.06
N ASP A 46 -9.78 6.35 2.93
CA ASP A 46 -11.16 6.91 2.76
C ASP A 46 -11.88 6.16 1.63
N GLU A 47 -11.64 6.55 0.41
CA GLU A 47 -12.31 5.87 -0.74
C GLU A 47 -11.38 4.83 -1.34
N ILE A 48 -10.64 4.13 -0.53
CA ILE A 48 -9.70 3.11 -1.05
C ILE A 48 -10.35 2.26 -2.12
N ASP A 49 -11.38 1.57 -1.77
CA ASP A 49 -12.05 0.75 -2.81
C ASP A 49 -12.24 1.60 -4.08
N ALA A 50 -12.68 2.81 -3.89
CA ALA A 50 -12.89 3.72 -5.06
C ALA A 50 -11.55 4.16 -5.64
N ILE A 51 -10.62 4.58 -4.82
CA ILE A 51 -9.34 5.01 -5.37
C ILE A 51 -8.52 3.79 -5.80
N ILE A 52 -8.36 2.79 -4.97
CA ILE A 52 -7.59 1.61 -5.46
C ILE A 52 -8.07 1.27 -6.87
N GLU A 53 -9.34 1.40 -7.09
CA GLU A 53 -9.89 1.11 -8.43
C GLU A 53 -9.40 2.15 -9.43
N ASP A 54 -9.76 3.39 -9.25
CA ASP A 54 -9.32 4.45 -10.22
C ASP A 54 -7.85 4.81 -10.01
N ILE A 55 -7.28 4.34 -8.94
CA ILE A 55 -5.87 4.66 -8.62
C ILE A 55 -4.99 3.44 -8.84
N VAL A 56 -5.51 2.27 -8.54
CA VAL A 56 -4.69 1.05 -8.66
C VAL A 56 -5.25 0.05 -9.70
N LEU A 57 -6.53 -0.19 -9.73
CA LEU A 57 -7.05 -1.17 -10.74
C LEU A 57 -6.63 -0.72 -12.14
N LYS A 58 -6.73 0.55 -12.40
CA LYS A 58 -6.34 1.08 -13.75
C LYS A 58 -4.85 1.41 -13.78
N GLY A 59 -4.35 2.04 -12.76
CA GLY A 59 -2.90 2.41 -12.75
C GLY A 59 -2.04 1.28 -12.19
N GLY A 60 -2.48 0.62 -11.15
CA GLY A 60 -1.65 -0.49 -10.57
C GLY A 60 -1.61 -1.67 -11.53
N LYS A 61 -2.74 -2.18 -11.95
CA LYS A 61 -2.78 -3.34 -12.88
C LYS A 61 -2.09 -3.08 -14.24
N ALA A 62 -1.40 -1.98 -14.39
CA ALA A 62 -0.72 -1.71 -15.69
C ALA A 62 0.23 -2.88 -15.99
N LYS A 63 1.27 -3.01 -15.22
CA LYS A 63 2.21 -4.15 -15.42
C LYS A 63 1.72 -5.30 -14.56
N ASN A 64 0.91 -4.96 -13.60
CA ASN A 64 0.34 -5.97 -12.67
C ASN A 64 -0.66 -6.88 -13.42
N PRO A 65 -0.37 -8.15 -13.40
CA PRO A 65 -1.23 -9.16 -14.07
C PRO A 65 -2.62 -9.23 -13.43
N SER A 66 -2.69 -9.13 -12.13
CA SER A 66 -4.01 -9.17 -11.45
C SER A 66 -3.81 -8.98 -9.97
N ILE A 67 -4.26 -7.86 -9.52
CA ILE A 67 -4.10 -7.46 -8.13
C ILE A 67 -5.42 -7.56 -7.36
N VAL A 68 -5.34 -7.91 -6.11
CA VAL A 68 -6.59 -8.00 -5.29
C VAL A 68 -6.66 -6.82 -4.31
N VAL A 69 -7.83 -6.29 -4.09
CA VAL A 69 -7.94 -5.15 -3.13
C VAL A 69 -8.77 -5.56 -1.92
N GLU A 70 -8.13 -5.87 -0.83
CA GLU A 70 -8.88 -6.28 0.40
C GLU A 70 -9.31 -5.04 1.17
N ASP A 71 -10.58 -4.91 1.44
CA ASP A 71 -11.06 -3.72 2.20
C ASP A 71 -11.81 -4.18 3.45
N LYS A 72 -11.18 -4.10 4.60
CA LYS A 72 -11.87 -4.54 5.85
C LYS A 72 -12.31 -3.32 6.65
N ALA A 73 -13.44 -3.42 7.30
CA ALA A 73 -13.93 -2.26 8.11
C ALA A 73 -12.87 -1.84 9.13
N GLY A 74 -11.93 -1.04 8.72
CA GLY A 74 -10.87 -0.61 9.66
C GLY A 74 -9.50 -0.76 9.02
N PHE A 75 -9.40 -1.64 8.08
CA PHE A 75 -8.10 -1.86 7.40
C PHE A 75 -8.24 -1.70 5.88
N TRP A 76 -7.15 -1.51 5.21
CA TRP A 76 -7.15 -1.33 3.73
C TRP A 76 -6.02 -2.17 3.14
N TRP A 77 -6.24 -3.46 3.00
CA TRP A 77 -5.16 -4.36 2.48
C TRP A 77 -5.32 -4.65 0.99
N ILE A 78 -4.24 -4.64 0.25
CA ILE A 78 -4.32 -4.98 -1.20
C ILE A 78 -3.12 -5.86 -1.58
N LYS A 79 -3.34 -6.86 -2.39
CA LYS A 79 -2.22 -7.77 -2.79
C LYS A 79 -1.83 -7.55 -4.25
N ALA A 80 -0.67 -7.98 -4.64
CA ALA A 80 -0.24 -7.80 -6.05
C ALA A 80 0.74 -8.91 -6.45
N ASP A 81 0.63 -9.41 -7.65
CA ASP A 81 1.56 -10.50 -8.09
C ASP A 81 2.76 -9.89 -8.81
N GLY A 82 3.38 -8.91 -8.21
CA GLY A 82 4.54 -8.26 -8.84
C GLY A 82 5.21 -7.32 -7.83
N ALA A 83 5.63 -6.17 -8.26
CA ALA A 83 6.28 -5.21 -7.31
C ALA A 83 5.21 -4.45 -6.53
N ILE A 84 5.58 -3.83 -5.45
CA ILE A 84 4.58 -3.08 -4.64
C ILE A 84 5.24 -1.90 -3.92
N GLU A 85 4.46 -0.95 -3.48
CA GLU A 85 5.05 0.21 -2.76
C GLU A 85 4.16 0.61 -1.59
N ILE A 86 4.68 1.40 -0.69
CA ILE A 86 3.87 1.84 0.47
C ILE A 86 3.88 3.37 0.55
N ASP A 87 2.99 3.94 1.32
CA ASP A 87 2.94 5.43 1.44
C ASP A 87 2.46 5.85 2.82
N ALA A 88 2.81 7.03 3.24
CA ALA A 88 2.31 7.50 4.57
C ALA A 88 2.07 9.03 4.57
N ALA A 89 2.71 9.76 3.68
CA ALA A 89 2.51 11.23 3.62
C ALA A 89 1.03 11.58 3.79
N GLU A 90 0.17 10.89 3.10
CA GLU A 90 -1.30 11.19 3.23
C GLU A 90 -1.68 11.23 4.71
N ALA A 91 -1.43 10.17 5.41
CA ALA A 91 -1.76 10.14 6.86
C ALA A 91 -1.29 11.44 7.53
N GLY A 92 -0.24 12.03 7.03
CA GLY A 92 0.26 13.30 7.63
C GLY A 92 -0.71 14.42 7.32
N GLU A 93 -1.26 14.40 6.15
CA GLU A 93 -2.25 15.45 5.79
C GLU A 93 -3.47 15.27 6.69
N LEU A 94 -3.60 14.10 7.26
CA LEU A 94 -4.74 13.84 8.18
C LEU A 94 -4.37 14.32 9.58
N LEU A 95 -3.42 13.68 10.23
CA LEU A 95 -3.02 14.13 11.60
C LEU A 95 -1.73 14.96 11.52
N GLY A 96 -0.95 14.77 10.49
CA GLY A 96 0.30 15.57 10.33
C GLY A 96 1.26 15.32 11.50
N LYS A 97 1.45 14.09 11.89
CA LYS A 97 2.40 13.80 13.03
C LYS A 97 3.26 12.53 12.67
N PRO A 98 3.33 11.49 13.51
CA PRO A 98 4.13 10.29 13.11
C PRO A 98 3.38 9.56 12.00
N PHE A 99 2.20 10.03 11.70
CA PHE A 99 1.35 9.45 10.62
C PHE A 99 2.18 8.70 9.57
N SER A 100 3.28 9.26 9.18
CA SER A 100 4.10 8.63 8.14
C SER A 100 4.49 7.22 8.60
N VAL A 101 5.08 7.17 9.73
CA VAL A 101 5.53 5.87 10.26
C VAL A 101 4.51 5.23 11.18
N TYR A 102 3.92 5.96 12.08
CA TYR A 102 2.91 5.30 12.94
C TYR A 102 1.89 4.61 12.04
N ASP A 103 1.53 5.26 10.96
CA ASP A 103 0.57 4.64 10.02
C ASP A 103 1.21 3.46 9.32
N LEU A 104 2.45 3.56 8.88
CA LEU A 104 3.02 2.36 8.22
C LEU A 104 3.38 1.33 9.28
N LEU A 105 3.91 1.73 10.40
CA LEU A 105 4.23 0.72 11.45
C LEU A 105 3.00 -0.13 11.75
N ILE A 106 1.83 0.36 11.41
CA ILE A 106 0.59 -0.41 11.69
C ILE A 106 0.21 -1.28 10.48
N ASN A 107 0.27 -0.73 9.29
CA ASN A 107 -0.11 -1.53 8.09
C ASN A 107 1.08 -1.78 7.15
N VAL A 108 2.21 -1.18 7.39
CA VAL A 108 3.38 -1.43 6.50
C VAL A 108 3.74 -2.90 6.53
N SER A 109 3.27 -3.59 7.53
CA SER A 109 3.58 -5.05 7.65
C SER A 109 3.56 -5.75 6.28
N SER A 110 2.86 -5.21 5.31
CA SER A 110 2.84 -5.87 3.97
C SER A 110 4.18 -5.67 3.26
N THR A 111 5.19 -5.17 3.93
CA THR A 111 6.49 -4.96 3.23
C THR A 111 7.04 -6.30 2.74
N VAL A 112 6.47 -7.39 3.17
CA VAL A 112 6.94 -8.75 2.75
C VAL A 112 8.33 -9.03 3.32
N GLY A 113 9.27 -8.16 3.10
CA GLY A 113 10.64 -8.40 3.63
C GLY A 113 11.51 -7.18 3.39
N ARG A 114 11.21 -6.40 2.39
CA ARG A 114 12.03 -5.21 2.12
C ARG A 114 11.15 -4.01 1.74
N ALA A 115 11.57 -2.83 2.07
CA ALA A 115 10.75 -1.63 1.73
C ALA A 115 11.65 -0.39 1.66
N TYR A 116 12.13 -0.06 0.50
CA TYR A 116 12.99 1.15 0.38
C TYR A 116 12.16 2.40 0.59
N THR A 117 12.47 3.17 1.58
CA THR A 117 11.67 4.41 1.86
C THR A 117 12.09 5.54 0.91
N LEU A 118 11.19 6.00 0.08
CA LEU A 118 11.52 7.10 -0.86
C LEU A 118 11.48 8.43 -0.12
N GLY A 119 12.14 8.51 1.00
CA GLY A 119 12.13 9.79 1.77
C GLY A 119 10.72 10.03 2.30
N THR A 120 9.79 10.13 1.41
CA THR A 120 8.37 10.35 1.82
C THR A 120 7.50 9.15 1.42
N LYS A 121 8.04 8.25 0.64
CA LYS A 121 7.23 7.08 0.20
C LYS A 121 7.88 5.77 0.64
N PHE A 122 7.47 4.70 0.00
CA PHE A 122 8.02 3.35 0.35
C PHE A 122 8.21 2.52 -0.93
N THR A 123 9.15 1.62 -0.94
CA THR A 123 9.34 0.79 -2.14
C THR A 123 9.58 -0.68 -1.73
N ILE A 124 8.65 -1.54 -2.01
CA ILE A 124 8.82 -2.97 -1.63
C ILE A 124 8.92 -3.84 -2.89
N THR A 125 9.50 -5.00 -2.79
CA THR A 125 9.63 -5.88 -3.99
C THR A 125 9.56 -7.35 -3.57
N SER A 126 9.45 -8.24 -4.52
CA SER A 126 9.36 -9.69 -4.19
C SER A 126 10.75 -10.33 -4.16
N GLU A 127 11.64 -9.85 -4.98
CA GLU A 127 13.02 -10.43 -5.02
C GLU A 127 13.89 -9.79 -3.93
N LEU A 128 13.31 -9.35 -2.86
CA LEU A 128 14.12 -8.72 -1.78
C LEU A 128 15.36 -9.55 -1.47
N SER A 35 6.92 -17.18 -3.95
CA SER A 35 7.67 -16.95 -5.21
C SER A 35 7.68 -15.46 -5.57
N ASN A 36 6.68 -14.98 -6.24
CA ASN A 36 6.64 -13.53 -6.61
C ASN A 36 5.43 -12.86 -5.97
N ALA A 37 4.30 -13.50 -6.02
CA ALA A 37 3.06 -12.92 -5.43
C ALA A 37 3.37 -12.20 -4.11
N VAL A 38 2.86 -11.01 -3.95
CA VAL A 38 3.11 -10.26 -2.69
C VAL A 38 1.85 -9.52 -2.26
N VAL A 39 1.67 -9.28 -0.99
CA VAL A 39 0.43 -8.56 -0.54
C VAL A 39 0.76 -7.20 0.06
N LEU A 40 0.00 -6.20 -0.29
CA LEU A 40 0.22 -4.86 0.31
C LEU A 40 -0.84 -4.71 1.39
N VAL A 41 -0.56 -4.05 2.46
CA VAL A 41 -1.58 -3.94 3.54
C VAL A 41 -1.64 -2.55 4.13
N LEU A 42 -2.77 -1.90 4.07
CA LEU A 42 -2.89 -0.56 4.65
C LEU A 42 -4.18 -0.49 5.49
N MET A 43 -4.22 0.36 6.48
CA MET A 43 -5.46 0.46 7.31
C MET A 43 -6.54 1.21 6.54
N LYS A 44 -7.79 0.96 6.83
CA LYS A 44 -8.87 1.67 6.09
C LYS A 44 -8.56 3.17 5.96
N SER A 45 -8.53 3.68 4.76
CA SER A 45 -8.24 5.13 4.57
C SER A 45 -9.56 5.88 4.33
N ASP A 46 -10.01 5.94 3.10
CA ASP A 46 -11.29 6.66 2.82
C ASP A 46 -11.91 6.17 1.50
N GLU A 47 -11.41 6.65 0.39
CA GLU A 47 -11.98 6.23 -0.92
C GLU A 47 -11.15 5.10 -1.52
N ILE A 48 -10.70 4.18 -0.72
CA ILE A 48 -9.87 3.08 -1.25
C ILE A 48 -10.54 2.38 -2.40
N ASP A 49 -11.58 1.68 -2.14
CA ASP A 49 -12.28 0.97 -3.25
C ASP A 49 -12.34 1.89 -4.47
N ALA A 50 -12.50 3.17 -4.23
CA ALA A 50 -12.55 4.15 -5.36
C ALA A 50 -11.14 4.42 -5.85
N ILE A 51 -10.22 4.75 -4.98
CA ILE A 51 -8.86 4.99 -5.42
C ILE A 51 -8.20 3.68 -5.80
N ILE A 52 -8.21 2.66 -4.98
CA ILE A 52 -7.61 1.37 -5.42
C ILE A 52 -8.11 1.06 -6.82
N GLU A 53 -9.36 1.31 -7.06
CA GLU A 53 -9.91 1.05 -8.40
C GLU A 53 -9.19 1.90 -9.45
N ASP A 54 -9.27 3.21 -9.33
CA ASP A 54 -8.60 4.08 -10.35
C ASP A 54 -7.13 4.29 -10.04
N ILE A 55 -6.71 3.87 -8.90
CA ILE A 55 -5.29 4.05 -8.48
C ILE A 55 -4.55 2.71 -8.53
N VAL A 56 -5.26 1.66 -8.25
CA VAL A 56 -4.62 0.33 -8.23
C VAL A 56 -5.19 -0.61 -9.30
N LEU A 57 -6.49 -0.68 -9.47
CA LEU A 57 -7.02 -1.60 -10.52
C LEU A 57 -6.56 -1.10 -11.88
N LYS A 58 -6.53 0.19 -12.05
CA LYS A 58 -6.06 0.76 -13.34
C LYS A 58 -4.59 1.16 -13.21
N GLY A 59 -4.23 1.74 -12.11
CA GLY A 59 -2.81 2.16 -11.90
C GLY A 59 -1.94 0.95 -11.55
N GLY A 60 -2.35 0.15 -10.60
CA GLY A 60 -1.52 -1.03 -10.22
C GLY A 60 -1.54 -2.07 -11.34
N LYS A 61 -2.69 -2.39 -11.86
CA LYS A 61 -2.80 -3.42 -12.95
C LYS A 61 -2.12 -2.98 -14.27
N ALA A 62 -1.37 -1.91 -14.26
CA ALA A 62 -0.71 -1.48 -15.51
C ALA A 62 0.05 -2.67 -16.10
N LYS A 63 1.01 -3.14 -15.38
CA LYS A 63 1.80 -4.33 -15.81
C LYS A 63 1.28 -5.54 -15.04
N ASN A 64 0.59 -5.25 -13.97
CA ASN A 64 0.02 -6.32 -13.09
C ASN A 64 -1.09 -7.09 -13.81
N PRO A 65 -0.93 -8.39 -13.81
CA PRO A 65 -1.90 -9.31 -14.45
C PRO A 65 -3.26 -9.29 -13.75
N SER A 66 -3.28 -9.43 -12.45
CA SER A 66 -4.56 -9.42 -11.71
C SER A 66 -4.30 -9.27 -10.23
N ILE A 67 -4.58 -8.11 -9.78
CA ILE A 67 -4.34 -7.72 -8.39
C ILE A 67 -5.59 -7.86 -7.53
N VAL A 68 -5.43 -8.15 -6.27
CA VAL A 68 -6.62 -8.30 -5.38
C VAL A 68 -6.72 -7.11 -4.42
N VAL A 69 -7.92 -6.68 -4.11
CA VAL A 69 -8.07 -5.53 -3.17
C VAL A 69 -8.88 -5.95 -1.95
N GLU A 70 -8.21 -6.31 -0.88
CA GLU A 70 -8.95 -6.73 0.36
C GLU A 70 -9.45 -5.50 1.11
N ASP A 71 -10.68 -5.53 1.55
CA ASP A 71 -11.23 -4.35 2.30
C ASP A 71 -12.16 -4.84 3.42
N LYS A 72 -11.78 -4.65 4.65
CA LYS A 72 -12.66 -5.13 5.76
C LYS A 72 -12.54 -4.21 6.98
N ALA A 73 -13.13 -4.62 8.08
CA ALA A 73 -13.07 -3.79 9.32
C ALA A 73 -11.68 -3.17 9.50
N GLY A 74 -11.58 -1.88 9.36
CA GLY A 74 -10.27 -1.19 9.53
C GLY A 74 -9.14 -2.05 8.99
N PHE A 75 -9.20 -2.38 7.75
CA PHE A 75 -8.14 -3.22 7.13
C PHE A 75 -8.17 -3.06 5.61
N TRP A 76 -7.68 -1.96 5.11
CA TRP A 76 -7.67 -1.73 3.64
C TRP A 76 -6.44 -2.43 3.04
N TRP A 77 -6.53 -3.72 2.87
CA TRP A 77 -5.38 -4.49 2.32
C TRP A 77 -5.55 -4.77 0.83
N ILE A 78 -4.46 -4.83 0.10
CA ILE A 78 -4.53 -5.13 -1.35
C ILE A 78 -3.28 -5.93 -1.74
N LYS A 79 -3.44 -6.89 -2.62
CA LYS A 79 -2.26 -7.71 -3.01
C LYS A 79 -1.96 -7.54 -4.50
N ALA A 80 -0.71 -7.50 -4.86
CA ALA A 80 -0.34 -7.34 -6.29
C ALA A 80 0.62 -8.44 -6.71
N ASP A 81 0.79 -8.65 -8.00
CA ASP A 81 1.72 -9.72 -8.45
C ASP A 81 2.99 -9.10 -9.02
N GLY A 82 3.56 -8.17 -8.31
CA GLY A 82 4.79 -7.51 -8.78
C GLY A 82 5.35 -6.63 -7.66
N ALA A 83 5.25 -5.34 -7.81
CA ALA A 83 5.76 -4.43 -6.75
C ALA A 83 4.66 -3.46 -6.32
N ILE A 84 4.85 -2.77 -5.22
CA ILE A 84 3.81 -1.81 -4.75
C ILE A 84 4.45 -0.58 -4.11
N GLU A 85 3.73 0.51 -4.04
CA GLU A 85 4.31 1.72 -3.44
C GLU A 85 3.44 2.21 -2.28
N ILE A 86 3.90 3.22 -1.56
CA ILE A 86 3.12 3.72 -0.42
C ILE A 86 3.51 5.17 -0.09
N ASP A 87 2.57 5.93 0.42
CA ASP A 87 2.86 7.34 0.81
C ASP A 87 2.17 7.64 2.13
N ALA A 88 2.69 8.54 2.92
CA ALA A 88 2.00 8.85 4.20
C ALA A 88 2.26 10.29 4.64
N ALA A 89 3.44 10.80 4.39
CA ALA A 89 3.75 12.19 4.81
C ALA A 89 2.55 13.11 4.57
N GLU A 90 1.95 13.00 3.42
CA GLU A 90 0.75 13.84 3.14
C GLU A 90 -0.39 13.40 4.06
N ALA A 91 -0.67 12.13 4.06
CA ALA A 91 -1.75 11.63 4.94
C ALA A 91 -1.45 12.06 6.38
N GLY A 92 -0.21 11.97 6.78
CA GLY A 92 0.16 12.37 8.16
C GLY A 92 -0.20 13.84 8.41
N GLU A 93 0.28 14.72 7.58
CA GLU A 93 -0.04 16.16 7.78
C GLU A 93 -1.56 16.36 7.77
N LEU A 94 -2.27 15.39 7.28
CA LEU A 94 -3.76 15.52 7.23
C LEU A 94 -4.40 15.06 8.54
N LEU A 95 -4.27 13.81 8.89
CA LEU A 95 -4.90 13.35 10.17
C LEU A 95 -4.13 13.92 11.36
N GLY A 96 -2.83 14.01 11.25
CA GLY A 96 -2.04 14.57 12.38
C GLY A 96 -0.69 15.06 11.86
N LYS A 97 0.19 14.15 11.57
CA LYS A 97 1.54 14.54 11.05
C LYS A 97 2.48 13.32 11.08
N PRO A 98 2.73 12.82 12.27
CA PRO A 98 3.61 11.63 12.41
C PRO A 98 2.86 10.39 11.91
N PHE A 99 1.57 10.47 11.77
CA PHE A 99 0.81 9.30 11.27
C PHE A 99 1.48 8.75 10.03
N SER A 100 1.79 9.64 9.11
CA SER A 100 2.45 9.23 7.83
C SER A 100 3.36 8.03 8.06
N VAL A 101 4.36 8.20 8.87
CA VAL A 101 5.30 7.08 9.11
C VAL A 101 4.80 6.09 10.16
N TYR A 102 4.46 6.53 11.33
CA TYR A 102 3.96 5.57 12.36
C TYR A 102 2.92 4.64 11.70
N ASP A 103 2.24 5.15 10.72
CA ASP A 103 1.22 4.31 10.03
C ASP A 103 1.91 3.44 8.98
N LEU A 104 2.91 3.96 8.33
CA LEU A 104 3.61 3.13 7.32
C LEU A 104 4.37 2.00 8.02
N LEU A 105 4.68 2.16 9.28
CA LEU A 105 5.41 1.09 10.00
C LEU A 105 4.44 0.05 10.56
N ILE A 106 3.23 0.46 10.85
CA ILE A 106 2.25 -0.52 11.40
C ILE A 106 1.35 -1.03 10.28
N ASN A 107 1.14 -0.24 9.25
CA ASN A 107 0.27 -0.70 8.14
C ASN A 107 1.10 -1.47 7.11
N VAL A 108 2.36 -1.14 6.94
CA VAL A 108 3.19 -1.90 5.94
C VAL A 108 3.38 -3.36 6.38
N SER A 109 2.83 -3.73 7.50
CA SER A 109 2.95 -5.12 8.02
C SER A 109 3.08 -6.15 6.90
N SER A 110 2.45 -5.93 5.79
CA SER A 110 2.59 -6.93 4.70
C SER A 110 3.85 -6.63 3.90
N THR A 111 4.87 -6.15 4.56
CA THR A 111 6.14 -5.85 3.82
C THR A 111 7.10 -7.03 3.97
N VAL A 112 6.59 -8.22 3.81
CA VAL A 112 7.46 -9.43 3.97
C VAL A 112 8.58 -9.44 2.92
N GLY A 113 8.26 -9.22 1.69
CA GLY A 113 9.32 -9.22 0.64
C GLY A 113 10.39 -8.19 1.00
N ARG A 114 10.10 -6.94 0.78
CA ARG A 114 11.07 -5.89 1.08
C ARG A 114 10.36 -4.55 1.26
N ALA A 115 11.10 -3.46 1.32
CA ALA A 115 10.42 -2.14 1.50
C ALA A 115 11.41 -0.99 1.32
N TYR A 116 11.65 -0.58 0.10
CA TYR A 116 12.59 0.55 -0.11
C TYR A 116 11.94 1.84 0.41
N THR A 117 12.38 2.32 1.53
CA THR A 117 11.75 3.54 2.11
C THR A 117 12.26 4.80 1.42
N LEU A 118 11.42 5.78 1.28
CA LEU A 118 11.83 7.04 0.62
C LEU A 118 11.61 8.23 1.54
N GLY A 119 12.08 8.13 2.75
CA GLY A 119 11.92 9.25 3.72
C GLY A 119 10.45 9.54 4.00
N THR A 120 9.71 9.80 2.97
CA THR A 120 8.26 10.13 3.16
C THR A 120 7.37 9.02 2.57
N LYS A 121 7.91 8.15 1.76
CA LYS A 121 7.06 7.07 1.17
C LYS A 121 7.84 5.76 1.05
N PHE A 122 7.17 4.63 1.13
CA PHE A 122 7.92 3.35 1.00
C PHE A 122 7.33 2.48 -0.11
N THR A 123 8.06 1.49 -0.53
CA THR A 123 7.57 0.62 -1.61
C THR A 123 8.03 -0.82 -1.36
N ILE A 124 7.15 -1.77 -1.46
CA ILE A 124 7.54 -3.18 -1.21
C ILE A 124 7.71 -3.93 -2.54
N THR A 125 8.38 -5.06 -2.51
CA THR A 125 8.57 -5.85 -3.76
C THR A 125 8.74 -7.33 -3.41
N SER A 126 9.01 -8.16 -4.37
CA SER A 126 9.17 -9.61 -4.08
C SER A 126 10.64 -10.03 -4.19
N GLU A 127 11.27 -9.69 -5.28
CA GLU A 127 12.70 -10.07 -5.47
C GLU A 127 13.55 -9.61 -4.28
N LEU A 128 13.56 -10.37 -3.21
CA LEU A 128 14.35 -9.97 -2.03
C LEU A 128 15.73 -9.45 -2.46
#